data_2EJM
#
_entry.id   2EJM
#
_entity_poly.entity_id   1
_entity_poly.type   'polypeptide(L)'
_entity_poly.pdbx_seq_one_letter_code
;GSSGSSGVSSQETQGGPLAPMTGTIEKVFVKAGDKVKAGDSLMVMIAMKMEHTIKSPKDGTVKKVFYREGAQANRHTPLV
EFEEEESDKRESESGPSSG
;
_entity_poly.pdbx_strand_id   A
#
# COMPACT_ATOMS: atom_id res chain seq x y z
N GLY A 1 -10.40 5.66 4.49
CA GLY A 1 -9.74 5.98 5.74
C GLY A 1 -8.70 7.09 5.54
N SER A 2 -9.13 8.31 5.85
CA SER A 2 -8.25 9.46 5.71
C SER A 2 -8.69 10.58 6.66
N SER A 3 -7.73 11.40 7.04
CA SER A 3 -8.01 12.51 7.94
C SER A 3 -8.42 11.98 9.31
N GLY A 4 -7.50 12.08 10.26
CA GLY A 4 -7.76 11.62 11.60
C GLY A 4 -7.53 10.11 11.73
N SER A 5 -7.62 9.62 12.95
CA SER A 5 -7.42 8.20 13.21
C SER A 5 -7.58 7.91 14.71
N SER A 6 -7.05 8.82 15.51
CA SER A 6 -7.12 8.68 16.95
C SER A 6 -6.26 7.50 17.41
N GLY A 7 -5.88 7.54 18.68
CA GLY A 7 -5.06 6.49 19.25
C GLY A 7 -3.81 6.25 18.40
N VAL A 8 -2.86 7.16 18.54
CA VAL A 8 -1.62 7.06 17.79
C VAL A 8 -0.58 7.99 18.42
N SER A 9 0.68 7.69 18.14
CA SER A 9 1.77 8.50 18.68
C SER A 9 2.26 9.49 17.61
N SER A 10 2.28 9.02 16.38
CA SER A 10 2.72 9.85 15.27
C SER A 10 1.91 9.52 14.02
N GLN A 11 2.33 8.45 13.35
CA GLN A 11 1.67 8.01 12.14
C GLN A 11 1.80 6.50 11.97
N GLU A 12 0.71 5.80 12.27
CA GLU A 12 0.70 4.36 12.16
C GLU A 12 1.31 3.91 10.83
N THR A 13 0.81 4.51 9.75
CA THR A 13 1.30 4.18 8.42
C THR A 13 1.40 5.45 7.57
N GLN A 14 2.09 5.33 6.45
CA GLN A 14 2.27 6.45 5.54
C GLN A 14 2.99 6.00 4.28
N GLY A 15 2.37 6.28 3.15
CA GLY A 15 2.95 5.91 1.86
C GLY A 15 3.20 4.41 1.79
N GLY A 16 2.16 3.68 1.42
CA GLY A 16 2.25 2.24 1.30
C GLY A 16 0.99 1.56 1.85
N PRO A 17 0.62 0.43 1.20
CA PRO A 17 -0.55 -0.32 1.61
C PRO A 17 -0.29 -1.10 2.89
N LEU A 18 -1.34 -1.73 3.40
CA LEU A 18 -1.23 -2.52 4.61
C LEU A 18 -1.94 -3.86 4.41
N ALA A 19 -1.21 -4.93 4.68
CA ALA A 19 -1.76 -6.27 4.54
C ALA A 19 -3.12 -6.33 5.22
N PRO A 20 -4.02 -7.19 4.65
CA PRO A 20 -5.35 -7.35 5.20
C PRO A 20 -5.32 -8.17 6.48
N MET A 21 -4.73 -9.35 6.38
CA MET A 21 -4.63 -10.24 7.53
C MET A 21 -3.34 -11.06 7.48
N THR A 22 -3.14 -11.85 8.52
CA THR A 22 -1.95 -12.69 8.61
C THR A 22 -1.98 -13.76 7.52
N GLY A 23 -1.11 -13.59 6.54
CA GLY A 23 -1.03 -14.54 5.44
C GLY A 23 0.41 -14.67 4.94
N THR A 24 0.55 -15.31 3.79
CA THR A 24 1.87 -15.52 3.19
C THR A 24 1.87 -15.01 1.74
N ILE A 25 2.93 -14.28 1.41
CA ILE A 25 3.07 -13.74 0.07
C ILE A 25 3.31 -14.89 -0.92
N GLU A 26 2.34 -15.06 -1.82
CA GLU A 26 2.43 -16.12 -2.81
C GLU A 26 3.17 -15.61 -4.05
N LYS A 27 2.74 -14.45 -4.52
CA LYS A 27 3.35 -13.86 -5.70
C LYS A 27 3.63 -12.38 -5.41
N VAL A 28 4.53 -11.82 -6.23
CA VAL A 28 4.90 -10.42 -6.07
C VAL A 28 5.09 -9.80 -7.46
N PHE A 29 4.10 -9.01 -7.85
CA PHE A 29 4.15 -8.35 -9.15
C PHE A 29 4.51 -6.86 -8.99
N VAL A 30 5.59 -6.63 -8.27
CA VAL A 30 6.06 -5.27 -8.04
C VAL A 30 7.58 -5.27 -7.88
N LYS A 31 8.11 -4.10 -7.58
CA LYS A 31 9.55 -3.95 -7.41
C LYS A 31 9.88 -2.48 -7.17
N ALA A 32 11.10 -2.25 -6.70
CA ALA A 32 11.55 -0.90 -6.43
C ALA A 32 11.73 -0.14 -7.76
N GLY A 33 11.50 1.16 -7.68
CA GLY A 33 11.63 2.00 -8.87
C GLY A 33 10.70 1.53 -9.98
N ASP A 34 9.61 0.89 -9.57
CA ASP A 34 8.63 0.39 -10.52
C ASP A 34 7.48 1.38 -10.64
N LYS A 35 6.60 1.10 -11.59
CA LYS A 35 5.45 1.96 -11.82
C LYS A 35 4.17 1.12 -11.76
N VAL A 36 3.23 1.58 -10.94
CA VAL A 36 1.97 0.88 -10.78
C VAL A 36 0.82 1.87 -11.02
N LYS A 37 -0.39 1.33 -11.02
CA LYS A 37 -1.58 2.14 -11.23
C LYS A 37 -2.62 1.79 -10.18
N ALA A 38 -3.20 2.83 -9.59
CA ALA A 38 -4.21 2.64 -8.57
C ALA A 38 -5.13 1.49 -8.97
N GLY A 39 -5.17 0.46 -8.12
CA GLY A 39 -6.00 -0.69 -8.38
C GLY A 39 -5.26 -1.72 -9.25
N ASP A 40 -3.97 -1.86 -8.97
CA ASP A 40 -3.14 -2.80 -9.71
C ASP A 40 -2.73 -3.95 -8.79
N SER A 41 -2.56 -5.11 -9.40
CA SER A 41 -2.17 -6.29 -8.64
C SER A 41 -0.70 -6.20 -8.25
N LEU A 42 -0.48 -5.74 -7.02
CA LEU A 42 0.87 -5.60 -6.51
C LEU A 42 1.45 -6.98 -6.20
N MET A 43 0.86 -7.62 -5.20
CA MET A 43 1.30 -8.95 -4.80
C MET A 43 0.11 -9.84 -4.45
N VAL A 44 0.43 -11.09 -4.15
CA VAL A 44 -0.60 -12.06 -3.80
C VAL A 44 -0.27 -12.67 -2.44
N MET A 45 -1.28 -12.72 -1.58
CA MET A 45 -1.11 -13.27 -0.26
C MET A 45 -1.94 -14.55 -0.09
N ILE A 46 -1.63 -15.29 0.96
CA ILE A 46 -2.33 -16.53 1.25
C ILE A 46 -2.61 -16.63 2.75
N ALA A 47 -3.88 -16.50 3.10
CA ALA A 47 -4.29 -16.56 4.49
C ALA A 47 -5.22 -17.75 4.68
N MET A 48 -6.48 -17.55 4.29
CA MET A 48 -7.48 -18.60 4.41
C MET A 48 -7.49 -19.50 3.18
N LYS A 49 -6.32 -20.04 2.87
CA LYS A 49 -6.17 -20.91 1.72
C LYS A 49 -6.79 -20.25 0.49
N MET A 50 -6.88 -18.92 0.55
CA MET A 50 -7.45 -18.15 -0.54
C MET A 50 -6.46 -17.11 -1.05
N GLU A 51 -6.57 -16.81 -2.34
CA GLU A 51 -5.70 -15.83 -2.96
C GLU A 51 -6.23 -14.42 -2.74
N HIS A 52 -5.45 -13.63 -2.01
CA HIS A 52 -5.84 -12.26 -1.72
C HIS A 52 -4.98 -11.30 -2.55
N THR A 53 -5.58 -10.81 -3.64
CA THR A 53 -4.89 -9.90 -4.52
C THR A 53 -4.79 -8.51 -3.87
N ILE A 54 -3.61 -8.22 -3.34
CA ILE A 54 -3.37 -6.94 -2.69
C ILE A 54 -3.33 -5.84 -3.75
N LYS A 55 -4.47 -5.19 -3.93
CA LYS A 55 -4.57 -4.12 -4.92
C LYS A 55 -3.97 -2.84 -4.33
N SER A 56 -3.35 -2.05 -5.20
CA SER A 56 -2.74 -0.81 -4.79
C SER A 56 -3.82 0.21 -4.40
N PRO A 57 -3.54 0.96 -3.30
CA PRO A 57 -4.47 1.97 -2.82
C PRO A 57 -4.45 3.20 -3.72
N LYS A 58 -3.28 3.46 -4.30
CA LYS A 58 -3.11 4.60 -5.17
C LYS A 58 -1.97 4.33 -6.16
N ASP A 59 -1.68 5.33 -6.97
CA ASP A 59 -0.62 5.21 -7.95
C ASP A 59 0.66 5.86 -7.41
N GLY A 60 1.79 5.37 -7.92
CA GLY A 60 3.08 5.89 -7.48
C GLY A 60 4.21 4.95 -7.90
N THR A 61 5.44 5.43 -7.70
CA THR A 61 6.61 4.64 -8.05
C THR A 61 7.09 3.84 -6.84
N VAL A 62 6.85 2.54 -6.90
CA VAL A 62 7.26 1.65 -5.82
C VAL A 62 8.67 2.01 -5.38
N LYS A 63 8.79 2.41 -4.11
CA LYS A 63 10.08 2.78 -3.56
C LYS A 63 10.89 1.52 -3.28
N LYS A 64 10.28 0.59 -2.55
CA LYS A 64 10.93 -0.66 -2.21
C LYS A 64 9.91 -1.60 -1.57
N VAL A 65 10.11 -2.89 -1.84
CA VAL A 65 9.22 -3.90 -1.31
C VAL A 65 9.89 -4.58 -0.11
N PHE A 66 9.09 -4.76 0.94
CA PHE A 66 9.59 -5.39 2.15
C PHE A 66 9.05 -6.81 2.30
N TYR A 67 8.71 -7.40 1.16
CA TYR A 67 8.19 -8.75 1.14
C TYR A 67 8.39 -9.40 -0.23
N ARG A 68 8.55 -10.72 -0.21
CA ARG A 68 8.75 -11.46 -1.44
C ARG A 68 7.99 -12.79 -1.39
N GLU A 69 8.17 -13.58 -2.43
CA GLU A 69 7.50 -14.88 -2.51
C GLU A 69 7.88 -15.74 -1.30
N GLY A 70 6.85 -16.29 -0.66
CA GLY A 70 7.06 -17.12 0.50
C GLY A 70 7.39 -16.28 1.74
N ALA A 71 6.82 -15.10 1.77
CA ALA A 71 7.04 -14.18 2.88
C ALA A 71 5.84 -14.25 3.84
N GLN A 72 6.12 -13.96 5.11
CA GLN A 72 5.08 -13.99 6.12
C GLN A 72 4.78 -12.56 6.60
N ALA A 73 3.55 -12.13 6.33
CA ALA A 73 3.12 -10.80 6.73
C ALA A 73 2.14 -10.91 7.90
N ASN A 74 1.94 -9.78 8.56
CA ASN A 74 1.03 -9.74 9.70
C ASN A 74 -0.12 -8.79 9.38
N ARG A 75 -1.14 -8.85 10.23
CA ARG A 75 -2.30 -8.00 10.06
C ARG A 75 -1.93 -6.53 10.22
N HIS A 76 -2.13 -5.78 9.15
CA HIS A 76 -1.81 -4.36 9.17
C HIS A 76 -0.29 -4.17 9.18
N THR A 77 0.33 -4.62 8.09
CA THR A 77 1.78 -4.50 7.96
C THR A 77 2.14 -3.88 6.61
N PRO A 78 3.33 -3.23 6.58
CA PRO A 78 3.81 -2.60 5.37
C PRO A 78 4.33 -3.63 4.37
N LEU A 79 3.74 -3.61 3.18
CA LEU A 79 4.12 -4.55 2.13
C LEU A 79 5.04 -3.83 1.14
N VAL A 80 4.62 -2.66 0.72
CA VAL A 80 5.40 -1.87 -0.22
C VAL A 80 5.36 -0.40 0.19
N GLU A 81 6.41 0.32 -0.19
CA GLU A 81 6.50 1.73 0.13
C GLU A 81 6.55 2.56 -1.15
N PHE A 82 5.71 3.59 -1.18
CA PHE A 82 5.66 4.48 -2.33
C PHE A 82 6.73 5.57 -2.25
N GLU A 83 7.13 6.04 -3.42
CA GLU A 83 8.14 7.08 -3.48
C GLU A 83 7.56 8.42 -3.02
N GLU A 84 8.44 9.28 -2.53
CA GLU A 84 8.03 10.59 -2.05
C GLU A 84 7.09 11.25 -3.06
N GLU A 85 5.95 11.70 -2.54
CA GLU A 85 4.95 12.34 -3.37
C GLU A 85 5.41 13.76 -3.74
N GLU A 86 5.21 14.10 -5.00
CA GLU A 86 5.59 15.43 -5.48
C GLU A 86 4.44 16.05 -6.27
N SER A 87 4.38 17.38 -6.20
CA SER A 87 3.33 18.11 -6.89
C SER A 87 1.97 17.51 -6.57
N ASP A 88 1.37 18.03 -5.51
CA ASP A 88 0.06 17.55 -5.09
C ASP A 88 -0.35 18.28 -3.81
N LYS A 89 -1.16 19.32 -3.99
CA LYS A 89 -1.62 20.11 -2.86
C LYS A 89 -3.11 19.81 -2.63
N ARG A 90 -3.40 19.24 -1.46
CA ARG A 90 -4.76 18.92 -1.10
C ARG A 90 -5.60 20.18 -0.97
N GLU A 91 -6.91 19.99 -0.95
CA GLU A 91 -7.83 21.11 -0.83
C GLU A 91 -8.46 21.13 0.55
N SER A 92 -8.96 22.30 0.93
CA SER A 92 -9.59 22.46 2.23
C SER A 92 -10.52 23.69 2.21
N GLU A 93 -11.37 23.75 3.22
CA GLU A 93 -12.31 24.86 3.33
C GLU A 93 -12.64 25.13 4.79
N SER A 94 -12.74 26.41 5.12
CA SER A 94 -13.04 26.82 6.49
C SER A 94 -14.19 27.82 6.48
N GLY A 95 -14.79 28.01 7.65
CA GLY A 95 -15.90 28.93 7.80
C GLY A 95 -15.94 29.51 9.22
N PRO A 96 -16.75 30.59 9.37
CA PRO A 96 -16.89 31.24 10.66
C PRO A 96 -17.77 30.41 11.60
N SER A 97 -17.54 30.61 12.90
CA SER A 97 -18.29 29.88 13.91
C SER A 97 -19.01 30.87 14.83
N SER A 98 -20.13 30.42 15.36
CA SER A 98 -20.92 31.25 16.25
C SER A 98 -20.31 31.25 17.66
N GLY A 99 -20.20 30.05 18.21
CA GLY A 99 -19.63 29.89 19.55
C GLY A 99 -18.13 30.19 19.54
N GLY A 1 -3.48 -21.13 10.66
CA GLY A 1 -3.27 -19.93 11.45
C GLY A 1 -2.58 -20.25 12.76
N SER A 2 -2.39 -19.22 13.57
CA SER A 2 -1.74 -19.38 14.85
C SER A 2 -1.77 -18.05 15.62
N SER A 3 -2.86 -17.86 16.36
CA SER A 3 -3.03 -16.65 17.15
C SER A 3 -3.40 -15.48 16.23
N GLY A 4 -2.49 -15.17 15.32
CA GLY A 4 -2.71 -14.08 14.38
C GLY A 4 -2.01 -12.81 14.85
N SER A 5 -2.82 -11.78 15.07
CA SER A 5 -2.30 -10.50 15.52
C SER A 5 -2.07 -10.53 17.03
N SER A 6 -0.84 -10.22 17.42
CA SER A 6 -0.47 -10.22 18.83
C SER A 6 -0.11 -8.80 19.27
N GLY A 7 0.85 -8.23 18.57
CA GLY A 7 1.30 -6.88 18.87
C GLY A 7 0.23 -5.85 18.52
N VAL A 8 -0.47 -5.38 19.54
CA VAL A 8 -1.52 -4.40 19.35
C VAL A 8 -0.97 -3.01 19.66
N SER A 9 -1.49 -2.03 18.94
CA SER A 9 -1.07 -0.65 19.13
C SER A 9 -1.98 0.29 18.35
N SER A 10 -2.04 0.07 17.05
CA SER A 10 -2.86 0.88 16.18
C SER A 10 -2.34 2.32 16.16
N GLN A 11 -1.33 2.54 15.33
CA GLN A 11 -0.73 3.85 15.20
C GLN A 11 -0.94 4.40 13.79
N GLU A 12 -0.89 5.72 13.70
CA GLU A 12 -1.08 6.38 12.41
C GLU A 12 -0.04 5.88 11.40
N THR A 13 -0.52 5.63 10.20
CA THR A 13 0.35 5.13 9.13
C THR A 13 -0.04 5.77 7.80
N GLN A 14 0.98 6.16 7.04
CA GLN A 14 0.76 6.77 5.74
C GLN A 14 1.97 6.55 4.84
N GLY A 15 2.29 5.28 4.63
CA GLY A 15 3.42 4.93 3.78
C GLY A 15 3.25 3.52 3.19
N GLY A 16 2.68 3.49 2.00
CA GLY A 16 2.45 2.22 1.31
C GLY A 16 1.17 1.55 1.82
N PRO A 17 0.80 0.43 1.14
CA PRO A 17 -0.39 -0.31 1.52
C PRO A 17 -0.17 -1.12 2.78
N LEU A 18 -1.26 -1.62 3.33
CA LEU A 18 -1.19 -2.42 4.55
C LEU A 18 -1.89 -3.76 4.31
N ALA A 19 -1.17 -4.83 4.62
CA ALA A 19 -1.71 -6.17 4.45
C ALA A 19 -3.11 -6.23 5.08
N PRO A 20 -4.00 -7.03 4.43
CA PRO A 20 -5.35 -7.20 4.92
C PRO A 20 -5.39 -8.09 6.16
N MET A 21 -4.76 -9.26 6.03
CA MET A 21 -4.72 -10.21 7.13
C MET A 21 -3.36 -10.91 7.18
N THR A 22 -3.13 -11.61 8.28
CA THR A 22 -1.88 -12.32 8.47
C THR A 22 -1.86 -13.58 7.60
N GLY A 23 -1.09 -13.50 6.53
CA GLY A 23 -0.96 -14.63 5.61
C GLY A 23 0.47 -14.76 5.09
N THR A 24 0.59 -15.37 3.93
CA THR A 24 1.89 -15.57 3.32
C THR A 24 1.90 -15.05 1.88
N ILE A 25 3.05 -14.52 1.48
CA ILE A 25 3.19 -13.97 0.14
C ILE A 25 3.31 -15.13 -0.86
N GLU A 26 2.38 -15.15 -1.80
CA GLU A 26 2.37 -16.19 -2.82
C GLU A 26 3.06 -15.69 -4.09
N LYS A 27 2.66 -14.49 -4.51
CA LYS A 27 3.23 -13.90 -5.71
C LYS A 27 3.53 -12.42 -5.43
N VAL A 28 4.46 -11.89 -6.22
CA VAL A 28 4.85 -10.50 -6.08
C VAL A 28 4.99 -9.87 -7.46
N PHE A 29 3.97 -9.13 -7.85
CA PHE A 29 3.97 -8.47 -9.15
C PHE A 29 4.34 -6.99 -9.01
N VAL A 30 5.45 -6.76 -8.32
CA VAL A 30 5.92 -5.40 -8.10
C VAL A 30 7.45 -5.41 -7.98
N LYS A 31 7.99 -4.25 -7.67
CA LYS A 31 9.43 -4.11 -7.52
C LYS A 31 9.76 -2.67 -7.11
N ALA A 32 11.04 -2.33 -7.24
CA ALA A 32 11.50 -0.99 -6.89
C ALA A 32 11.64 -0.16 -8.15
N GLY A 33 11.34 1.13 -8.01
CA GLY A 33 11.43 2.04 -9.13
C GLY A 33 10.46 1.65 -10.25
N ASP A 34 9.41 0.95 -9.85
CA ASP A 34 8.41 0.51 -10.80
C ASP A 34 7.20 1.45 -10.75
N LYS A 35 6.43 1.45 -11.83
CA LYS A 35 5.26 2.29 -11.92
C LYS A 35 4.00 1.42 -12.02
N VAL A 36 3.02 1.76 -11.21
CA VAL A 36 1.77 1.01 -11.19
C VAL A 36 0.59 1.99 -11.25
N LYS A 37 -0.57 1.46 -11.62
CA LYS A 37 -1.76 2.26 -11.72
C LYS A 37 -2.70 1.92 -10.56
N ALA A 38 -3.23 2.98 -9.94
CA ALA A 38 -4.14 2.80 -8.82
C ALA A 38 -5.09 1.64 -9.12
N GLY A 39 -4.95 0.59 -8.32
CA GLY A 39 -5.78 -0.59 -8.49
C GLY A 39 -5.06 -1.67 -9.30
N ASP A 40 -3.78 -1.84 -9.00
CA ASP A 40 -2.97 -2.83 -9.69
C ASP A 40 -2.63 -3.96 -8.72
N SER A 41 -2.60 -5.17 -9.27
CA SER A 41 -2.28 -6.34 -8.46
C SER A 41 -0.82 -6.31 -8.04
N LEU A 42 -0.57 -5.71 -6.88
CA LEU A 42 0.78 -5.61 -6.36
C LEU A 42 1.34 -7.01 -6.11
N MET A 43 0.78 -7.66 -5.10
CA MET A 43 1.19 -9.00 -4.75
C MET A 43 0.01 -9.88 -4.38
N VAL A 44 0.30 -11.15 -4.11
CA VAL A 44 -0.74 -12.10 -3.74
C VAL A 44 -0.36 -12.77 -2.43
N MET A 45 -1.30 -12.77 -1.50
CA MET A 45 -1.08 -13.39 -0.21
C MET A 45 -1.94 -14.64 -0.02
N ILE A 46 -1.65 -15.38 1.03
CA ILE A 46 -2.39 -16.60 1.32
C ILE A 46 -2.71 -16.64 2.81
N ALA A 47 -4.00 -16.73 3.10
CA ALA A 47 -4.46 -16.78 4.48
C ALA A 47 -5.28 -18.06 4.69
N MET A 48 -6.48 -18.05 4.14
CA MET A 48 -7.36 -19.20 4.26
C MET A 48 -7.50 -19.94 2.92
N LYS A 49 -6.45 -20.66 2.57
CA LYS A 49 -6.44 -21.41 1.32
C LYS A 49 -7.07 -20.55 0.22
N MET A 50 -6.89 -19.24 0.35
CA MET A 50 -7.43 -18.32 -0.63
C MET A 50 -6.37 -17.31 -1.07
N GLU A 51 -6.49 -16.89 -2.32
CA GLU A 51 -5.55 -15.92 -2.88
C GLU A 51 -6.11 -14.51 -2.76
N HIS A 52 -5.35 -13.67 -2.05
CA HIS A 52 -5.76 -12.29 -1.85
C HIS A 52 -4.97 -11.38 -2.78
N THR A 53 -5.69 -10.55 -3.51
CA THR A 53 -5.07 -9.63 -4.44
C THR A 53 -4.92 -8.25 -3.80
N ILE A 54 -3.72 -7.97 -3.30
CA ILE A 54 -3.45 -6.69 -2.67
C ILE A 54 -3.40 -5.60 -3.73
N LYS A 55 -4.54 -4.94 -3.91
CA LYS A 55 -4.64 -3.87 -4.89
C LYS A 55 -4.05 -2.60 -4.30
N SER A 56 -3.28 -1.90 -5.13
CA SER A 56 -2.64 -0.67 -4.71
C SER A 56 -3.70 0.33 -4.23
N PRO A 57 -3.34 1.07 -3.16
CA PRO A 57 -4.24 2.05 -2.59
C PRO A 57 -4.32 3.30 -3.47
N LYS A 58 -3.24 3.54 -4.20
CA LYS A 58 -3.17 4.69 -5.09
C LYS A 58 -2.00 4.50 -6.05
N ASP A 59 -1.91 5.43 -7.00
CA ASP A 59 -0.84 5.39 -7.99
C ASP A 59 0.44 5.94 -7.37
N GLY A 60 1.51 5.16 -7.50
CA GLY A 60 2.80 5.56 -6.97
C GLY A 60 3.91 4.64 -7.47
N THR A 61 5.13 5.12 -7.36
CA THR A 61 6.29 4.37 -7.80
C THR A 61 6.92 3.63 -6.62
N VAL A 62 6.67 2.33 -6.57
CA VAL A 62 7.21 1.50 -5.50
C VAL A 62 8.68 1.86 -5.28
N LYS A 63 8.97 2.30 -4.07
CA LYS A 63 10.33 2.69 -3.71
C LYS A 63 11.14 1.42 -3.41
N LYS A 64 10.63 0.64 -2.47
CA LYS A 64 11.30 -0.59 -2.08
C LYS A 64 10.28 -1.52 -1.42
N VAL A 65 10.45 -2.81 -1.69
CA VAL A 65 9.56 -3.81 -1.13
C VAL A 65 10.15 -4.34 0.19
N PHE A 66 9.25 -4.74 1.08
CA PHE A 66 9.66 -5.26 2.36
C PHE A 66 9.44 -6.77 2.45
N TYR A 67 8.43 -7.22 1.71
CA TYR A 67 8.10 -8.64 1.70
C TYR A 67 8.25 -9.22 0.29
N ARG A 68 8.71 -10.46 0.23
CA ARG A 68 8.90 -11.14 -1.04
C ARG A 68 8.10 -12.44 -1.06
N GLU A 69 8.28 -13.18 -2.15
CA GLU A 69 7.60 -14.45 -2.31
C GLU A 69 7.89 -15.37 -1.12
N GLY A 70 6.83 -16.02 -0.65
CA GLY A 70 6.97 -16.93 0.48
C GLY A 70 7.43 -16.19 1.74
N ALA A 71 6.74 -15.10 2.02
CA ALA A 71 7.07 -14.29 3.18
C ALA A 71 5.86 -14.25 4.13
N GLN A 72 6.17 -14.13 5.42
CA GLN A 72 5.14 -14.10 6.43
C GLN A 72 4.83 -12.65 6.82
N ALA A 73 3.64 -12.21 6.48
CA ALA A 73 3.22 -10.85 6.79
C ALA A 73 2.20 -10.89 7.95
N ASN A 74 1.99 -9.73 8.54
CA ASN A 74 1.06 -9.62 9.64
C ASN A 74 -0.11 -8.73 9.22
N ARG A 75 -1.16 -8.76 10.05
CA ARG A 75 -2.35 -7.98 9.77
C ARG A 75 -2.06 -6.48 9.96
N HIS A 76 -2.09 -5.76 8.85
CA HIS A 76 -1.82 -4.34 8.88
C HIS A 76 -0.31 -4.08 8.93
N THR A 77 0.37 -4.56 7.89
CA THR A 77 1.80 -4.40 7.80
C THR A 77 2.19 -3.77 6.46
N PRO A 78 3.35 -3.05 6.46
CA PRO A 78 3.84 -2.41 5.26
C PRO A 78 4.43 -3.43 4.29
N LEU A 79 3.69 -3.69 3.23
CA LEU A 79 4.13 -4.64 2.22
C LEU A 79 5.13 -3.96 1.27
N VAL A 80 4.71 -2.81 0.75
CA VAL A 80 5.56 -2.05 -0.15
C VAL A 80 5.61 -0.59 0.30
N GLU A 81 6.63 0.11 -0.18
CA GLU A 81 6.81 1.51 0.17
C GLU A 81 6.79 2.38 -1.09
N PHE A 82 5.95 3.41 -1.05
CA PHE A 82 5.84 4.32 -2.17
C PHE A 82 6.94 5.39 -2.14
N GLU A 83 7.25 5.91 -3.32
CA GLU A 83 8.27 6.94 -3.43
C GLU A 83 7.78 8.25 -2.80
N GLU A 84 8.71 9.18 -2.67
CA GLU A 84 8.38 10.47 -2.08
C GLU A 84 7.57 11.31 -3.06
N GLU A 85 6.26 11.31 -2.85
CA GLU A 85 5.36 12.06 -3.71
C GLU A 85 5.43 13.55 -3.37
N GLU A 86 4.61 14.32 -4.07
CA GLU A 86 4.56 15.76 -3.85
C GLU A 86 4.37 16.06 -2.36
N SER A 87 4.49 17.35 -2.03
CA SER A 87 4.32 17.78 -0.65
C SER A 87 2.84 17.99 -0.34
N ASP A 88 2.22 18.86 -1.13
CA ASP A 88 0.81 19.15 -0.93
C ASP A 88 0.03 18.73 -2.19
N LYS A 89 -0.45 17.50 -2.16
CA LYS A 89 -1.21 16.97 -3.29
C LYS A 89 -0.39 17.13 -4.57
N ARG A 90 -0.93 16.58 -5.65
CA ARG A 90 -0.26 16.66 -6.94
C ARG A 90 -0.59 17.98 -7.64
N GLU A 91 0.13 18.24 -8.72
CA GLU A 91 -0.08 19.46 -9.49
C GLU A 91 -1.58 19.75 -9.61
N SER A 92 -2.29 18.78 -10.15
CA SER A 92 -3.73 18.92 -10.34
C SER A 92 -4.03 20.18 -11.13
N GLU A 93 -5.29 20.31 -11.54
CA GLU A 93 -5.72 21.47 -12.30
C GLU A 93 -7.10 21.94 -11.82
N SER A 94 -7.10 22.62 -10.68
CA SER A 94 -8.33 23.12 -10.11
C SER A 94 -8.24 24.63 -9.91
N GLY A 95 -9.39 25.24 -9.65
CA GLY A 95 -9.44 26.68 -9.44
C GLY A 95 -10.27 27.01 -8.19
N PRO A 96 -10.00 28.22 -7.63
CA PRO A 96 -10.69 28.68 -6.45
C PRO A 96 -12.12 29.11 -6.79
N SER A 97 -12.83 29.57 -5.76
CA SER A 97 -14.19 30.03 -5.94
C SER A 97 -15.09 28.85 -6.36
N SER A 98 -16.22 28.76 -5.69
CA SER A 98 -17.17 27.69 -5.97
C SER A 98 -18.48 27.95 -5.23
N GLY A 99 -19.28 28.84 -5.79
CA GLY A 99 -20.56 29.18 -5.19
C GLY A 99 -21.70 28.44 -5.89
N GLY A 1 -20.79 10.80 -7.05
CA GLY A 1 -21.66 10.38 -5.97
C GLY A 1 -21.28 11.05 -4.65
N SER A 2 -20.64 10.28 -3.80
CA SER A 2 -20.20 10.79 -2.51
C SER A 2 -18.72 10.53 -2.30
N SER A 3 -18.18 11.12 -1.25
CA SER A 3 -16.76 10.95 -0.93
C SER A 3 -16.62 10.14 0.36
N GLY A 4 -15.38 9.74 0.63
CA GLY A 4 -15.09 8.97 1.82
C GLY A 4 -13.71 9.33 2.39
N SER A 5 -13.74 10.03 3.51
CA SER A 5 -12.52 10.45 4.16
C SER A 5 -12.57 10.12 5.66
N SER A 6 -11.41 10.17 6.29
CA SER A 6 -11.32 9.87 7.71
C SER A 6 -10.86 11.12 8.47
N GLY A 7 -11.16 11.13 9.76
CA GLY A 7 -10.78 12.25 10.62
C GLY A 7 -9.27 12.39 10.69
N VAL A 8 -8.79 13.54 10.23
CA VAL A 8 -7.37 13.82 10.25
C VAL A 8 -6.97 14.35 11.62
N SER A 9 -6.14 13.57 12.31
CA SER A 9 -5.68 13.95 13.63
C SER A 9 -4.43 13.16 14.00
N SER A 10 -3.72 13.66 15.00
CA SER A 10 -2.51 13.00 15.47
C SER A 10 -1.48 12.95 14.32
N GLN A 11 -0.23 12.72 14.71
CA GLN A 11 0.85 12.64 13.74
C GLN A 11 0.49 11.66 12.63
N GLU A 12 0.30 10.41 13.01
CA GLU A 12 -0.05 9.37 12.06
C GLU A 12 1.07 9.20 11.05
N THR A 13 1.31 7.94 10.68
CA THR A 13 2.35 7.63 9.71
C THR A 13 1.93 6.44 8.85
N GLN A 14 2.09 6.60 7.54
CA GLN A 14 1.74 5.55 6.60
C GLN A 14 2.53 5.71 5.30
N GLY A 15 3.13 4.61 4.88
CA GLY A 15 3.92 4.62 3.66
C GLY A 15 3.64 3.37 2.82
N GLY A 16 2.51 3.42 2.12
CA GLY A 16 2.12 2.31 1.28
C GLY A 16 0.93 1.55 1.87
N PRO A 17 0.53 0.46 1.18
CA PRO A 17 -0.59 -0.35 1.64
C PRO A 17 -0.19 -1.21 2.84
N LEU A 18 -1.20 -1.70 3.54
CA LEU A 18 -0.96 -2.54 4.70
C LEU A 18 -1.68 -3.88 4.51
N ALA A 19 -1.02 -4.93 4.97
CA ALA A 19 -1.58 -6.27 4.85
C ALA A 19 -2.97 -6.29 5.47
N PRO A 20 -3.89 -7.02 4.78
CA PRO A 20 -5.27 -7.12 5.25
C PRO A 20 -5.37 -8.09 6.43
N MET A 21 -4.55 -9.13 6.38
CA MET A 21 -4.54 -10.13 7.43
C MET A 21 -3.26 -10.96 7.38
N THR A 22 -3.09 -11.79 8.40
CA THR A 22 -1.92 -12.65 8.48
C THR A 22 -1.99 -13.75 7.42
N GLY A 23 -0.96 -13.80 6.59
CA GLY A 23 -0.89 -14.79 5.53
C GLY A 23 0.54 -14.92 4.99
N THR A 24 0.63 -15.42 3.77
CA THR A 24 1.92 -15.60 3.13
C THR A 24 1.89 -15.05 1.70
N ILE A 25 2.88 -14.23 1.39
CA ILE A 25 2.98 -13.63 0.07
C ILE A 25 3.19 -14.73 -0.97
N GLU A 26 2.11 -15.08 -1.65
CA GLU A 26 2.15 -16.11 -2.66
C GLU A 26 3.00 -15.64 -3.85
N LYS A 27 2.66 -14.47 -4.35
CA LYS A 27 3.38 -13.91 -5.49
C LYS A 27 3.69 -12.44 -5.20
N VAL A 28 4.48 -11.85 -6.09
CA VAL A 28 4.85 -10.45 -5.95
C VAL A 28 5.06 -9.84 -7.33
N PHE A 29 4.04 -9.11 -7.78
CA PHE A 29 4.09 -8.47 -9.08
C PHE A 29 4.48 -6.99 -8.95
N VAL A 30 5.56 -6.76 -8.22
CA VAL A 30 6.04 -5.40 -8.02
C VAL A 30 7.57 -5.42 -7.86
N LYS A 31 8.11 -4.26 -7.53
CA LYS A 31 9.54 -4.14 -7.36
C LYS A 31 9.88 -2.70 -6.91
N ALA A 32 11.15 -2.37 -7.03
CA ALA A 32 11.61 -1.04 -6.65
C ALA A 32 11.81 -0.19 -7.91
N GLY A 33 11.48 1.09 -7.78
CA GLY A 33 11.61 2.01 -8.89
C GLY A 33 10.67 1.63 -10.04
N ASP A 34 9.59 0.95 -9.67
CA ASP A 34 8.60 0.53 -10.66
C ASP A 34 7.44 1.52 -10.67
N LYS A 35 6.58 1.36 -11.67
CA LYS A 35 5.43 2.23 -11.80
C LYS A 35 4.16 1.38 -11.89
N VAL A 36 3.18 1.73 -11.06
CA VAL A 36 1.92 1.01 -11.04
C VAL A 36 0.77 2.00 -11.24
N LYS A 37 -0.44 1.44 -11.34
CA LYS A 37 -1.61 2.27 -11.52
C LYS A 37 -2.68 1.84 -10.51
N ALA A 38 -3.31 2.84 -9.91
CA ALA A 38 -4.34 2.59 -8.92
C ALA A 38 -5.22 1.42 -9.39
N GLY A 39 -5.29 0.40 -8.55
CA GLY A 39 -6.08 -0.78 -8.85
C GLY A 39 -5.28 -1.76 -9.71
N ASP A 40 -4.04 -1.98 -9.31
CA ASP A 40 -3.17 -2.89 -10.03
C ASP A 40 -2.70 -3.99 -9.07
N SER A 41 -2.69 -5.20 -9.59
CA SER A 41 -2.28 -6.35 -8.81
C SER A 41 -0.80 -6.19 -8.41
N LEU A 42 -0.60 -5.83 -7.14
CA LEU A 42 0.73 -5.66 -6.62
C LEU A 42 1.34 -7.02 -6.28
N MET A 43 0.76 -7.65 -5.27
CA MET A 43 1.22 -8.96 -4.84
C MET A 43 0.06 -9.87 -4.48
N VAL A 44 0.39 -11.11 -4.15
CA VAL A 44 -0.62 -12.08 -3.79
C VAL A 44 -0.29 -12.66 -2.41
N MET A 45 -1.33 -12.80 -1.60
CA MET A 45 -1.18 -13.34 -0.26
C MET A 45 -2.05 -14.58 -0.05
N ILE A 46 -1.71 -15.35 0.97
CA ILE A 46 -2.45 -16.55 1.28
C ILE A 46 -2.71 -16.61 2.79
N ALA A 47 -3.98 -16.49 3.15
CA ALA A 47 -4.37 -16.53 4.55
C ALA A 47 -5.18 -17.80 4.81
N MET A 48 -6.38 -17.83 4.25
CA MET A 48 -7.26 -18.98 4.42
C MET A 48 -7.46 -19.71 3.10
N LYS A 49 -6.44 -20.46 2.70
CA LYS A 49 -6.50 -21.22 1.47
C LYS A 49 -7.15 -20.36 0.39
N MET A 50 -6.97 -19.05 0.52
CA MET A 50 -7.53 -18.11 -0.44
C MET A 50 -6.48 -17.11 -0.91
N GLU A 51 -6.61 -16.71 -2.16
CA GLU A 51 -5.68 -15.75 -2.74
C GLU A 51 -6.22 -14.33 -2.61
N HIS A 52 -5.42 -13.48 -1.99
CA HIS A 52 -5.81 -12.09 -1.79
C HIS A 52 -4.95 -11.18 -2.66
N THR A 53 -5.58 -10.62 -3.68
CA THR A 53 -4.88 -9.74 -4.59
C THR A 53 -4.81 -8.32 -4.02
N ILE A 54 -3.69 -8.02 -3.41
CA ILE A 54 -3.48 -6.71 -2.81
C ILE A 54 -3.31 -5.66 -3.92
N LYS A 55 -4.42 -5.02 -4.26
CA LYS A 55 -4.41 -4.01 -5.30
C LYS A 55 -3.91 -2.69 -4.72
N SER A 56 -3.16 -1.96 -5.54
CA SER A 56 -2.62 -0.67 -5.11
C SER A 56 -3.76 0.26 -4.71
N PRO A 57 -3.53 0.99 -3.58
CA PRO A 57 -4.52 1.93 -3.08
C PRO A 57 -4.56 3.20 -3.94
N LYS A 58 -3.45 3.46 -4.60
CA LYS A 58 -3.34 4.62 -5.45
C LYS A 58 -2.12 4.48 -6.37
N ASP A 59 -1.93 5.48 -7.21
CA ASP A 59 -0.81 5.48 -8.13
C ASP A 59 0.47 5.88 -7.38
N GLY A 60 1.58 5.39 -7.89
CA GLY A 60 2.87 5.69 -7.28
C GLY A 60 3.95 4.74 -7.79
N THR A 61 5.19 5.04 -7.41
CA THR A 61 6.32 4.23 -7.82
C THR A 61 6.96 3.55 -6.61
N VAL A 62 6.72 2.25 -6.50
CA VAL A 62 7.26 1.48 -5.39
C VAL A 62 8.71 1.87 -5.17
N LYS A 63 8.99 2.33 -3.95
CA LYS A 63 10.32 2.74 -3.58
C LYS A 63 11.13 1.53 -3.13
N LYS A 64 10.60 0.85 -2.13
CA LYS A 64 11.26 -0.34 -1.59
C LYS A 64 10.20 -1.31 -1.07
N VAL A 65 10.45 -2.60 -1.29
CA VAL A 65 9.54 -3.63 -0.85
C VAL A 65 9.97 -4.12 0.53
N PHE A 66 9.04 -4.81 1.20
CA PHE A 66 9.31 -5.34 2.52
C PHE A 66 9.17 -6.86 2.54
N TYR A 67 8.19 -7.34 1.79
CA TYR A 67 7.92 -8.76 1.71
C TYR A 67 7.94 -9.25 0.26
N ARG A 68 8.55 -10.41 0.06
CA ARG A 68 8.63 -10.99 -1.27
C ARG A 68 7.84 -12.30 -1.33
N GLU A 69 8.03 -13.02 -2.43
CA GLU A 69 7.34 -14.28 -2.62
C GLU A 69 7.74 -15.27 -1.52
N GLY A 70 6.71 -15.89 -0.94
CA GLY A 70 6.93 -16.86 0.12
C GLY A 70 7.33 -16.17 1.42
N ALA A 71 6.82 -14.95 1.59
CA ALA A 71 7.12 -14.18 2.78
C ALA A 71 5.92 -14.24 3.74
N GLN A 72 6.21 -14.09 5.01
CA GLN A 72 5.17 -14.13 6.04
C GLN A 72 4.90 -12.72 6.56
N ALA A 73 3.71 -12.23 6.26
CA ALA A 73 3.31 -10.90 6.70
C ALA A 73 2.32 -11.03 7.85
N ASN A 74 2.15 -9.93 8.57
CA ASN A 74 1.24 -9.90 9.71
C ASN A 74 0.14 -8.88 9.44
N ARG A 75 -0.89 -8.93 10.28
CA ARG A 75 -2.01 -8.01 10.15
C ARG A 75 -1.57 -6.58 10.49
N HIS A 76 -1.74 -5.69 9.53
CA HIS A 76 -1.37 -4.30 9.72
C HIS A 76 0.15 -4.15 9.57
N THR A 77 0.65 -4.66 8.46
CA THR A 77 2.08 -4.58 8.18
C THR A 77 2.32 -3.96 6.81
N PRO A 78 3.53 -3.39 6.64
CA PRO A 78 3.90 -2.77 5.38
C PRO A 78 4.22 -3.83 4.32
N LEU A 79 3.59 -3.66 3.16
CA LEU A 79 3.80 -4.59 2.06
C LEU A 79 4.78 -3.98 1.05
N VAL A 80 4.45 -2.77 0.61
CA VAL A 80 5.29 -2.07 -0.34
C VAL A 80 5.33 -0.59 0.02
N GLU A 81 6.46 0.03 -0.29
CA GLU A 81 6.64 1.44 -0.01
C GLU A 81 6.58 2.26 -1.30
N PHE A 82 5.92 3.40 -1.21
CA PHE A 82 5.78 4.28 -2.37
C PHE A 82 6.84 5.39 -2.34
N GLU A 83 7.16 5.87 -3.53
CA GLU A 83 8.16 6.92 -3.66
C GLU A 83 7.58 8.26 -3.19
N GLU A 84 8.48 9.21 -2.98
CA GLU A 84 8.07 10.53 -2.52
C GLU A 84 7.36 11.30 -3.64
N GLU A 85 6.05 11.31 -3.55
CA GLU A 85 5.24 11.99 -4.55
C GLU A 85 5.78 13.41 -4.79
N GLU A 86 5.21 14.06 -5.80
CA GLU A 86 5.63 15.41 -6.13
C GLU A 86 4.41 16.34 -6.19
N SER A 87 3.37 15.87 -6.86
CA SER A 87 2.15 16.65 -6.99
C SER A 87 0.94 15.72 -6.99
N ASP A 88 -0.18 16.25 -6.51
CA ASP A 88 -1.41 15.49 -6.46
C ASP A 88 -2.42 16.07 -7.46
N LYS A 89 -2.09 17.24 -7.97
CA LYS A 89 -2.94 17.91 -8.93
C LYS A 89 -4.34 18.10 -8.32
N ARG A 90 -5.12 18.94 -8.97
CA ARG A 90 -6.48 19.21 -8.51
C ARG A 90 -7.47 18.23 -9.13
N GLU A 91 -8.26 17.61 -8.28
CA GLU A 91 -9.25 16.65 -8.72
C GLU A 91 -10.64 17.30 -8.76
N SER A 92 -11.42 16.89 -9.76
CA SER A 92 -12.77 17.42 -9.91
C SER A 92 -13.55 17.25 -8.61
N GLU A 93 -14.57 18.08 -8.45
CA GLU A 93 -15.40 18.03 -7.26
C GLU A 93 -16.50 19.08 -7.34
N SER A 94 -17.59 18.81 -6.63
CA SER A 94 -18.72 19.73 -6.61
C SER A 94 -18.62 20.67 -5.40
N GLY A 95 -19.47 21.68 -5.41
CA GLY A 95 -19.48 22.65 -4.33
C GLY A 95 -20.65 22.38 -3.37
N PRO A 96 -20.41 22.74 -2.08
CA PRO A 96 -21.44 22.55 -1.06
C PRO A 96 -22.55 23.59 -1.20
N SER A 97 -23.47 23.55 -0.24
CA SER A 97 -24.59 24.49 -0.24
C SER A 97 -24.59 25.28 1.07
N SER A 98 -25.31 26.40 1.05
CA SER A 98 -25.42 27.25 2.21
C SER A 98 -25.61 26.39 3.47
N GLY A 99 -25.36 27.02 4.60
CA GLY A 99 -25.50 26.33 5.88
C GLY A 99 -24.13 26.02 6.49
N GLY A 1 -3.18 25.31 -8.36
CA GLY A 1 -3.39 24.72 -7.05
C GLY A 1 -4.16 23.40 -7.15
N SER A 2 -4.68 22.97 -6.01
CA SER A 2 -5.44 21.74 -5.95
C SER A 2 -6.39 21.75 -4.75
N SER A 3 -7.30 20.78 -4.74
CA SER A 3 -8.26 20.68 -3.66
C SER A 3 -7.88 19.54 -2.72
N GLY A 4 -8.39 19.62 -1.50
CA GLY A 4 -8.10 18.59 -0.51
C GLY A 4 -7.66 19.23 0.81
N SER A 5 -7.24 18.38 1.73
CA SER A 5 -6.77 18.84 3.03
C SER A 5 -7.90 19.58 3.74
N SER A 6 -7.73 19.75 5.05
CA SER A 6 -8.72 20.43 5.86
C SER A 6 -8.04 21.14 7.03
N GLY A 7 -8.46 22.37 7.27
CA GLY A 7 -7.91 23.16 8.36
C GLY A 7 -6.44 23.53 8.08
N VAL A 8 -5.69 23.74 9.15
CA VAL A 8 -4.29 24.09 9.03
C VAL A 8 -3.44 23.00 9.67
N SER A 9 -2.96 22.09 8.83
CA SER A 9 -2.13 21.00 9.31
C SER A 9 -1.69 20.13 8.13
N SER A 10 -0.41 19.78 8.13
CA SER A 10 0.14 18.94 7.07
C SER A 10 -0.60 17.61 7.01
N GLN A 11 -0.82 17.16 5.79
CA GLN A 11 -1.51 15.90 5.57
C GLN A 11 -1.13 15.30 4.21
N GLU A 12 -0.20 14.37 4.25
CA GLU A 12 0.26 13.72 3.04
C GLU A 12 0.47 12.22 3.28
N THR A 13 -0.34 11.43 2.61
CA THR A 13 -0.26 9.98 2.74
C THR A 13 1.16 9.49 2.46
N GLN A 14 1.53 8.44 3.15
CA GLN A 14 2.86 7.87 2.99
C GLN A 14 3.02 6.62 3.85
N GLY A 15 3.38 5.52 3.19
CA GLY A 15 3.55 4.26 3.89
C GLY A 15 3.36 3.08 2.94
N GLY A 16 2.29 3.15 2.17
CA GLY A 16 1.98 2.11 1.21
C GLY A 16 0.76 1.29 1.67
N PRO A 17 0.47 0.21 0.89
CA PRO A 17 -0.65 -0.65 1.22
C PRO A 17 -0.33 -1.55 2.41
N LEU A 18 -1.33 -1.71 3.27
CA LEU A 18 -1.16 -2.55 4.46
C LEU A 18 -1.87 -3.89 4.23
N ALA A 19 -1.18 -4.95 4.63
CA ALA A 19 -1.73 -6.29 4.48
C ALA A 19 -3.09 -6.36 5.18
N PRO A 20 -3.99 -7.19 4.61
CA PRO A 20 -5.32 -7.37 5.17
C PRO A 20 -5.27 -8.23 6.44
N MET A 21 -4.60 -9.38 6.31
CA MET A 21 -4.48 -10.30 7.42
C MET A 21 -3.16 -11.07 7.35
N THR A 22 -2.97 -11.94 8.32
CA THR A 22 -1.76 -12.75 8.38
C THR A 22 -1.80 -13.84 7.31
N GLY A 23 -0.80 -13.82 6.44
CA GLY A 23 -0.72 -14.80 5.37
C GLY A 23 0.71 -14.89 4.83
N THR A 24 0.80 -15.35 3.59
CA THR A 24 2.10 -15.49 2.94
C THR A 24 2.05 -14.91 1.52
N ILE A 25 3.17 -14.34 1.11
CA ILE A 25 3.27 -13.76 -0.22
C ILE A 25 3.42 -14.87 -1.26
N GLU A 26 2.45 -14.95 -2.15
CA GLU A 26 2.47 -15.95 -3.20
C GLU A 26 3.13 -15.39 -4.46
N LYS A 27 2.68 -14.19 -4.84
CA LYS A 27 3.21 -13.54 -6.02
C LYS A 27 3.50 -12.07 -5.70
N VAL A 28 4.48 -11.53 -6.40
CA VAL A 28 4.87 -10.14 -6.19
C VAL A 28 5.05 -9.47 -7.56
N PHE A 29 3.97 -8.84 -8.02
CA PHE A 29 4.00 -8.16 -9.30
C PHE A 29 4.42 -6.70 -9.13
N VAL A 30 5.48 -6.50 -8.36
CA VAL A 30 5.99 -5.17 -8.11
C VAL A 30 7.50 -5.22 -7.97
N LYS A 31 8.08 -4.07 -7.67
CA LYS A 31 9.52 -3.97 -7.49
C LYS A 31 9.91 -2.51 -7.24
N ALA A 32 11.14 -2.33 -6.78
CA ALA A 32 11.64 -0.99 -6.49
C ALA A 32 11.85 -0.24 -7.80
N GLY A 33 11.60 1.06 -7.75
CA GLY A 33 11.75 1.90 -8.91
C GLY A 33 10.85 1.44 -10.06
N ASP A 34 9.71 0.89 -9.67
CA ASP A 34 8.75 0.40 -10.64
C ASP A 34 7.59 1.41 -10.77
N LYS A 35 6.72 1.13 -11.72
CA LYS A 35 5.57 2.00 -11.95
C LYS A 35 4.29 1.17 -11.85
N VAL A 36 3.34 1.69 -11.09
CA VAL A 36 2.07 1.02 -10.91
C VAL A 36 0.94 2.04 -10.94
N LYS A 37 -0.28 1.54 -11.00
CA LYS A 37 -1.45 2.40 -11.04
C LYS A 37 -2.50 1.89 -10.04
N ALA A 38 -3.09 2.82 -9.33
CA ALA A 38 -4.11 2.48 -8.34
C ALA A 38 -4.99 1.37 -8.88
N GLY A 39 -5.07 0.29 -8.12
CA GLY A 39 -5.88 -0.85 -8.51
C GLY A 39 -4.99 -2.02 -8.96
N ASP A 40 -3.97 -1.68 -9.73
CA ASP A 40 -3.04 -2.69 -10.22
C ASP A 40 -2.74 -3.69 -9.11
N SER A 41 -2.62 -4.95 -9.50
CA SER A 41 -2.33 -6.01 -8.56
C SER A 41 -0.85 -5.97 -8.16
N LEU A 42 -0.60 -5.41 -6.99
CA LEU A 42 0.75 -5.30 -6.49
C LEU A 42 1.32 -6.70 -6.25
N MET A 43 0.76 -7.37 -5.24
CA MET A 43 1.19 -8.71 -4.90
C MET A 43 0.00 -9.60 -4.55
N VAL A 44 0.29 -10.87 -4.30
CA VAL A 44 -0.74 -11.82 -3.94
C VAL A 44 -0.35 -12.54 -2.65
N MET A 45 -1.30 -12.60 -1.73
CA MET A 45 -1.06 -13.26 -0.46
C MET A 45 -1.91 -14.52 -0.33
N ILE A 46 -1.60 -15.30 0.70
CA ILE A 46 -2.32 -16.53 0.95
C ILE A 46 -2.72 -16.60 2.42
N ALA A 47 -3.98 -16.27 2.68
CA ALA A 47 -4.49 -16.29 4.04
C ALA A 47 -5.83 -17.02 4.06
N MET A 48 -6.31 -17.28 5.27
CA MET A 48 -7.58 -17.98 5.45
C MET A 48 -7.67 -19.17 4.49
N LYS A 49 -6.51 -19.69 4.11
CA LYS A 49 -6.45 -20.82 3.21
C LYS A 49 -7.15 -20.46 1.89
N MET A 50 -6.94 -19.22 1.47
CA MET A 50 -7.54 -18.74 0.24
C MET A 50 -6.61 -17.74 -0.46
N GLU A 51 -6.91 -17.49 -1.73
CA GLU A 51 -6.13 -16.57 -2.52
C GLU A 51 -6.65 -15.14 -2.34
N HIS A 52 -5.71 -14.21 -2.25
CA HIS A 52 -6.05 -12.81 -2.08
C HIS A 52 -5.22 -11.95 -3.02
N THR A 53 -5.84 -10.90 -3.52
CA THR A 53 -5.18 -9.99 -4.44
C THR A 53 -5.09 -8.59 -3.84
N ILE A 54 -3.90 -8.28 -3.32
CA ILE A 54 -3.67 -6.98 -2.71
C ILE A 54 -3.56 -5.92 -3.81
N LYS A 55 -4.64 -5.18 -3.99
CA LYS A 55 -4.67 -4.14 -5.00
C LYS A 55 -4.00 -2.88 -4.45
N SER A 56 -3.36 -2.14 -5.35
CA SER A 56 -2.66 -0.93 -4.97
C SER A 56 -3.67 0.11 -4.48
N PRO A 57 -3.25 0.86 -3.42
CA PRO A 57 -4.11 1.88 -2.85
C PRO A 57 -4.15 3.12 -3.74
N LYS A 58 -3.02 3.39 -4.38
CA LYS A 58 -2.93 4.54 -5.27
C LYS A 58 -1.69 4.39 -6.16
N ASP A 59 -1.68 5.13 -7.24
CA ASP A 59 -0.56 5.10 -8.17
C ASP A 59 0.68 5.67 -7.50
N GLY A 60 1.82 5.07 -7.84
CA GLY A 60 3.08 5.51 -7.27
C GLY A 60 4.22 4.57 -7.68
N THR A 61 5.44 5.07 -7.51
CA THR A 61 6.62 4.28 -7.85
C THR A 61 7.17 3.59 -6.61
N VAL A 62 6.90 2.28 -6.53
CA VAL A 62 7.37 1.49 -5.40
C VAL A 62 8.81 1.88 -5.07
N LYS A 63 9.01 2.35 -3.85
CA LYS A 63 10.32 2.76 -3.41
C LYS A 63 11.12 1.52 -2.99
N LYS A 64 10.51 0.73 -2.11
CA LYS A 64 11.16 -0.49 -1.63
C LYS A 64 10.09 -1.45 -1.12
N VAL A 65 10.35 -2.74 -1.32
CA VAL A 65 9.43 -3.76 -0.88
C VAL A 65 9.82 -4.24 0.52
N PHE A 66 8.83 -4.66 1.28
CA PHE A 66 9.06 -5.14 2.63
C PHE A 66 8.93 -6.66 2.71
N TYR A 67 8.12 -7.19 1.81
CA TYR A 67 7.89 -8.63 1.76
C TYR A 67 7.94 -9.14 0.31
N ARG A 68 8.56 -10.30 0.14
CA ARG A 68 8.67 -10.91 -1.17
C ARG A 68 8.01 -12.28 -1.18
N GLU A 69 8.06 -12.91 -2.35
CA GLU A 69 7.46 -14.23 -2.51
C GLU A 69 7.95 -15.17 -1.40
N GLY A 70 7.00 -15.84 -0.77
CA GLY A 70 7.31 -16.76 0.30
C GLY A 70 7.30 -16.06 1.66
N ALA A 71 7.47 -14.75 1.61
CA ALA A 71 7.49 -13.95 2.82
C ALA A 71 6.13 -14.07 3.52
N GLN A 72 6.16 -13.89 4.84
CA GLN A 72 4.94 -13.98 5.63
C GLN A 72 4.62 -12.62 6.25
N ALA A 73 3.50 -12.07 5.83
CA ALA A 73 3.07 -10.77 6.33
C ALA A 73 2.09 -10.99 7.50
N ASN A 74 1.88 -9.92 8.25
CA ASN A 74 0.97 -9.98 9.39
C ASN A 74 -0.18 -8.99 9.17
N ARG A 75 -1.19 -9.11 10.02
CA ARG A 75 -2.35 -8.23 9.94
C ARG A 75 -1.93 -6.78 10.14
N HIS A 76 -2.15 -5.98 9.11
CA HIS A 76 -1.81 -4.57 9.16
C HIS A 76 -0.29 -4.42 9.18
N THR A 77 0.32 -4.70 8.03
CA THR A 77 1.77 -4.60 7.91
C THR A 77 2.14 -3.94 6.58
N PRO A 78 3.36 -3.34 6.57
CA PRO A 78 3.85 -2.68 5.36
C PRO A 78 4.30 -3.70 4.31
N LEU A 79 3.61 -3.69 3.19
CA LEU A 79 3.93 -4.60 2.10
C LEU A 79 4.94 -3.94 1.16
N VAL A 80 4.55 -2.78 0.66
CA VAL A 80 5.41 -2.03 -0.25
C VAL A 80 5.37 -0.55 0.12
N GLU A 81 6.42 0.15 -0.29
CA GLU A 81 6.52 1.58 -0.01
C GLU A 81 6.46 2.38 -1.31
N PHE A 82 5.92 3.59 -1.20
CA PHE A 82 5.81 4.46 -2.35
C PHE A 82 6.82 5.60 -2.29
N GLU A 83 7.16 6.13 -3.45
CA GLU A 83 8.12 7.21 -3.54
C GLU A 83 7.49 8.51 -3.02
N GLU A 84 8.36 9.48 -2.76
CA GLU A 84 7.91 10.76 -2.25
C GLU A 84 7.30 11.59 -3.38
N GLU A 85 5.97 11.67 -3.37
CA GLU A 85 5.25 12.42 -4.38
C GLU A 85 5.09 13.88 -3.94
N GLU A 86 5.39 14.78 -4.87
CA GLU A 86 5.29 16.20 -4.59
C GLU A 86 3.86 16.69 -4.87
N SER A 87 3.51 17.76 -4.18
CA SER A 87 2.18 18.33 -4.34
C SER A 87 2.19 19.81 -3.90
N ASP A 88 2.68 20.65 -4.81
CA ASP A 88 2.76 22.08 -4.52
C ASP A 88 1.34 22.65 -4.52
N LYS A 89 0.80 22.79 -3.32
CA LYS A 89 -0.55 23.33 -3.16
C LYS A 89 -0.45 24.74 -2.56
N ARG A 90 -1.46 25.54 -2.86
CA ARG A 90 -1.51 26.90 -2.37
C ARG A 90 -2.94 27.31 -2.07
N GLU A 91 -3.30 27.24 -0.79
CA GLU A 91 -4.64 27.60 -0.37
C GLU A 91 -4.60 28.77 0.63
N SER A 92 -5.77 29.30 0.93
CA SER A 92 -5.87 30.40 1.86
C SER A 92 -7.05 30.18 2.81
N GLU A 93 -6.73 29.63 3.97
CA GLU A 93 -7.75 29.35 4.98
C GLU A 93 -7.38 30.01 6.30
N SER A 94 -8.41 30.43 7.02
CA SER A 94 -8.20 31.07 8.31
C SER A 94 -8.57 30.12 9.44
N GLY A 95 -8.09 30.45 10.63
CA GLY A 95 -8.36 29.63 11.80
C GLY A 95 -9.27 30.36 12.79
N PRO A 96 -9.97 29.56 13.64
CA PRO A 96 -10.87 30.12 14.63
C PRO A 96 -10.09 30.75 15.79
N SER A 97 -10.81 31.52 16.59
CA SER A 97 -10.20 32.17 17.73
C SER A 97 -11.29 32.62 18.72
N SER A 98 -12.15 33.49 18.24
CA SER A 98 -13.24 34.00 19.07
C SER A 98 -14.08 34.99 18.27
N GLY A 99 -15.23 35.34 18.84
CA GLY A 99 -16.13 36.27 18.20
C GLY A 99 -16.78 35.65 16.96
N GLY A 1 -23.99 7.68 14.41
CA GLY A 1 -23.33 8.93 14.08
C GLY A 1 -22.45 9.42 15.24
N SER A 2 -22.10 10.69 15.19
CA SER A 2 -21.28 11.28 16.23
C SER A 2 -20.04 10.41 16.47
N SER A 3 -19.04 10.62 15.63
CA SER A 3 -17.80 9.87 15.73
C SER A 3 -16.63 10.82 15.97
N GLY A 4 -15.74 10.39 16.85
CA GLY A 4 -14.57 11.19 17.18
C GLY A 4 -13.37 10.81 16.30
N SER A 5 -12.90 9.59 16.49
CA SER A 5 -11.77 9.10 15.72
C SER A 5 -12.26 8.13 14.63
N SER A 6 -11.48 8.07 13.57
CA SER A 6 -11.82 7.20 12.45
C SER A 6 -10.67 6.21 12.19
N GLY A 7 -10.74 5.07 12.86
CA GLY A 7 -9.73 4.05 12.71
C GLY A 7 -8.38 4.52 13.27
N VAL A 8 -8.35 4.67 14.58
CA VAL A 8 -7.15 5.11 15.26
C VAL A 8 -6.97 4.32 16.55
N SER A 9 -5.95 3.46 16.55
CA SER A 9 -5.67 2.64 17.72
C SER A 9 -4.26 2.95 18.23
N SER A 10 -3.29 2.78 17.35
CA SER A 10 -1.90 3.02 17.70
C SER A 10 -1.24 3.93 16.65
N GLN A 11 -1.26 3.45 15.42
CA GLN A 11 -0.68 4.20 14.33
C GLN A 11 0.77 4.58 14.64
N GLU A 12 1.66 3.68 14.25
CA GLU A 12 3.09 3.89 14.49
C GLU A 12 3.85 3.94 13.17
N THR A 13 3.51 3.01 12.29
CA THR A 13 4.15 2.94 10.99
C THR A 13 3.11 3.05 9.88
N GLN A 14 3.49 3.73 8.81
CA GLN A 14 2.60 3.91 7.67
C GLN A 14 3.40 4.32 6.43
N GLY A 15 2.79 4.11 5.28
CA GLY A 15 3.43 4.44 4.02
C GLY A 15 2.57 4.00 2.83
N GLY A 16 2.81 2.78 2.40
CA GLY A 16 2.07 2.22 1.27
C GLY A 16 0.84 1.45 1.76
N PRO A 17 0.52 0.35 1.02
CA PRO A 17 -0.62 -0.48 1.36
C PRO A 17 -0.32 -1.35 2.58
N LEU A 18 -1.34 -1.56 3.38
CA LEU A 18 -1.21 -2.37 4.58
C LEU A 18 -1.90 -3.72 4.36
N ALA A 19 -1.16 -4.78 4.68
CA ALA A 19 -1.68 -6.13 4.53
C ALA A 19 -3.07 -6.21 5.16
N PRO A 20 -3.95 -7.03 4.52
CA PRO A 20 -5.31 -7.21 5.01
C PRO A 20 -5.33 -8.09 6.26
N MET A 21 -4.69 -9.24 6.14
CA MET A 21 -4.64 -10.18 7.26
C MET A 21 -3.28 -10.91 7.29
N THR A 22 -3.16 -11.81 8.25
CA THR A 22 -1.94 -12.58 8.39
C THR A 22 -1.92 -13.77 7.43
N GLY A 23 -1.11 -13.63 6.39
CA GLY A 23 -1.00 -14.67 5.38
C GLY A 23 0.44 -14.79 4.89
N THR A 24 0.59 -15.50 3.77
CA THR A 24 1.90 -15.70 3.18
C THR A 24 1.94 -15.14 1.76
N ILE A 25 3.08 -14.57 1.41
CA ILE A 25 3.25 -13.99 0.09
C ILE A 25 3.37 -15.12 -0.94
N GLU A 26 2.41 -15.18 -1.85
CA GLU A 26 2.41 -16.19 -2.88
C GLU A 26 3.09 -15.66 -4.15
N LYS A 27 2.67 -14.48 -4.55
CA LYS A 27 3.23 -13.85 -5.74
C LYS A 27 3.52 -12.38 -5.45
N VAL A 28 4.48 -11.83 -6.20
CA VAL A 28 4.85 -10.44 -6.03
C VAL A 28 5.00 -9.80 -7.41
N PHE A 29 3.98 -9.03 -7.78
CA PHE A 29 3.98 -8.35 -9.07
C PHE A 29 4.37 -6.88 -8.91
N VAL A 30 5.50 -6.67 -8.22
CA VAL A 30 5.98 -5.32 -8.00
C VAL A 30 7.50 -5.36 -7.83
N LYS A 31 8.06 -4.19 -7.58
CA LYS A 31 9.51 -4.07 -7.40
C LYS A 31 9.86 -2.62 -7.09
N ALA A 32 11.15 -2.38 -6.93
CA ALA A 32 11.63 -1.04 -6.63
C ALA A 32 11.76 -0.24 -7.93
N GLY A 33 11.46 1.04 -7.83
CA GLY A 33 11.54 1.92 -8.98
C GLY A 33 10.55 1.49 -10.07
N ASP A 34 9.52 0.79 -9.64
CA ASP A 34 8.50 0.30 -10.57
C ASP A 34 7.36 1.32 -10.64
N LYS A 35 6.45 1.07 -11.56
CA LYS A 35 5.31 1.95 -11.76
C LYS A 35 4.02 1.13 -11.69
N VAL A 36 3.10 1.61 -10.87
CA VAL A 36 1.82 0.94 -10.71
C VAL A 36 0.69 1.94 -10.89
N LYS A 37 -0.53 1.42 -10.95
CA LYS A 37 -1.69 2.25 -11.12
C LYS A 37 -2.74 1.90 -10.07
N ALA A 38 -3.32 2.93 -9.47
CA ALA A 38 -4.33 2.74 -8.45
C ALA A 38 -5.24 1.58 -8.84
N GLY A 39 -5.27 0.57 -7.98
CA GLY A 39 -6.09 -0.60 -8.22
C GLY A 39 -5.36 -1.60 -9.12
N ASP A 40 -4.11 -1.87 -8.77
CA ASP A 40 -3.30 -2.80 -9.53
C ASP A 40 -2.83 -3.93 -8.61
N SER A 41 -2.85 -5.13 -9.15
CA SER A 41 -2.44 -6.31 -8.40
C SER A 41 -0.94 -6.23 -8.09
N LEU A 42 -0.64 -5.76 -6.88
CA LEU A 42 0.74 -5.63 -6.45
C LEU A 42 1.32 -7.02 -6.17
N MET A 43 0.76 -7.66 -5.16
CA MET A 43 1.21 -9.00 -4.78
C MET A 43 0.02 -9.88 -4.40
N VAL A 44 0.33 -11.14 -4.12
CA VAL A 44 -0.70 -12.10 -3.75
C VAL A 44 -0.31 -12.76 -2.42
N MET A 45 -1.28 -12.82 -1.52
CA MET A 45 -1.06 -13.41 -0.21
C MET A 45 -1.93 -14.65 -0.03
N ILE A 46 -1.64 -15.39 1.03
CA ILE A 46 -2.38 -16.60 1.34
C ILE A 46 -2.69 -16.65 2.83
N ALA A 47 -3.97 -16.55 3.14
CA ALA A 47 -4.40 -16.58 4.53
C ALA A 47 -5.30 -17.81 4.75
N MET A 48 -6.49 -17.74 4.20
CA MET A 48 -7.45 -18.83 4.34
C MET A 48 -7.47 -19.70 3.08
N LYS A 49 -6.32 -20.27 2.78
CA LYS A 49 -6.19 -21.13 1.61
C LYS A 49 -6.81 -20.42 0.40
N MET A 50 -6.83 -19.09 0.48
CA MET A 50 -7.38 -18.30 -0.60
C MET A 50 -6.37 -17.25 -1.09
N GLU A 51 -6.44 -16.97 -2.38
CA GLU A 51 -5.54 -16.01 -2.99
C GLU A 51 -6.10 -14.60 -2.84
N HIS A 52 -5.32 -13.75 -2.17
CA HIS A 52 -5.73 -12.37 -1.94
C HIS A 52 -4.94 -11.46 -2.88
N THR A 53 -5.69 -10.60 -3.58
CA THR A 53 -5.07 -9.68 -4.51
C THR A 53 -4.92 -8.30 -3.86
N ILE A 54 -3.71 -8.02 -3.41
CA ILE A 54 -3.43 -6.75 -2.77
C ILE A 54 -3.37 -5.65 -3.82
N LYS A 55 -4.49 -4.97 -3.98
CA LYS A 55 -4.59 -3.89 -4.95
C LYS A 55 -3.96 -2.63 -4.37
N SER A 56 -3.30 -1.88 -5.24
CA SER A 56 -2.65 -0.65 -4.82
C SER A 56 -3.70 0.38 -4.40
N PRO A 57 -3.38 1.12 -3.29
CA PRO A 57 -4.28 2.12 -2.78
C PRO A 57 -4.27 3.38 -3.66
N LYS A 58 -3.15 3.57 -4.34
CA LYS A 58 -3.00 4.72 -5.21
C LYS A 58 -1.80 4.50 -6.13
N ASP A 59 -1.74 5.31 -7.17
CA ASP A 59 -0.66 5.22 -8.14
C ASP A 59 0.61 5.84 -7.54
N GLY A 60 1.74 5.21 -7.85
CA GLY A 60 3.01 5.70 -7.35
C GLY A 60 4.16 4.81 -7.85
N THR A 61 5.37 5.23 -7.52
CA THR A 61 6.56 4.49 -7.92
C THR A 61 7.11 3.70 -6.73
N VAL A 62 6.79 2.41 -6.72
CA VAL A 62 7.25 1.53 -5.65
C VAL A 62 8.72 1.83 -5.34
N LYS A 63 8.93 2.40 -4.16
CA LYS A 63 10.28 2.74 -3.74
C LYS A 63 11.07 1.45 -3.46
N LYS A 64 10.56 0.66 -2.54
CA LYS A 64 11.20 -0.59 -2.18
C LYS A 64 10.19 -1.51 -1.49
N VAL A 65 10.31 -2.80 -1.76
CA VAL A 65 9.42 -3.78 -1.18
C VAL A 65 10.03 -4.30 0.13
N PHE A 66 9.15 -4.66 1.05
CA PHE A 66 9.58 -5.16 2.34
C PHE A 66 9.36 -6.68 2.43
N TYR A 67 8.37 -7.15 1.68
CA TYR A 67 8.04 -8.56 1.67
C TYR A 67 8.19 -9.14 0.26
N ARG A 68 8.56 -10.41 0.21
CA ARG A 68 8.73 -11.09 -1.06
C ARG A 68 8.00 -12.43 -1.04
N GLU A 69 8.08 -13.13 -2.17
CA GLU A 69 7.44 -14.42 -2.30
C GLU A 69 7.86 -15.35 -1.16
N GLY A 70 6.88 -16.04 -0.60
CA GLY A 70 7.13 -16.96 0.51
C GLY A 70 7.56 -16.20 1.76
N ALA A 71 6.83 -15.12 2.04
CA ALA A 71 7.12 -14.31 3.20
C ALA A 71 5.90 -14.29 4.12
N GLN A 72 6.17 -14.15 5.41
CA GLN A 72 5.10 -14.11 6.40
C GLN A 72 4.81 -12.66 6.81
N ALA A 73 3.63 -12.20 6.43
CA ALA A 73 3.21 -10.85 6.76
C ALA A 73 2.23 -10.89 7.93
N ASN A 74 2.03 -9.72 8.52
CA ASN A 74 1.13 -9.61 9.66
C ASN A 74 -0.09 -8.77 9.24
N ARG A 75 -1.11 -8.81 10.10
CA ARG A 75 -2.32 -8.05 9.84
C ARG A 75 -2.04 -6.56 9.88
N HIS A 76 -2.14 -5.93 8.71
CA HIS A 76 -1.91 -4.51 8.60
C HIS A 76 -0.40 -4.23 8.69
N THR A 77 0.31 -4.67 7.67
CA THR A 77 1.75 -4.48 7.62
C THR A 77 2.16 -3.83 6.29
N PRO A 78 3.33 -3.15 6.33
CA PRO A 78 3.84 -2.48 5.14
C PRO A 78 4.42 -3.48 4.15
N LEU A 79 3.77 -3.59 3.01
CA LEU A 79 4.20 -4.52 1.98
C LEU A 79 5.14 -3.78 1.01
N VAL A 80 4.66 -2.66 0.50
CA VAL A 80 5.45 -1.86 -0.42
C VAL A 80 5.48 -0.41 0.06
N GLU A 81 6.56 0.27 -0.28
CA GLU A 81 6.72 1.67 0.11
C GLU A 81 6.80 2.56 -1.13
N PHE A 82 5.89 3.52 -1.19
CA PHE A 82 5.85 4.44 -2.31
C PHE A 82 6.98 5.48 -2.21
N GLU A 83 7.38 5.98 -3.37
CA GLU A 83 8.43 6.97 -3.43
C GLU A 83 7.93 8.31 -2.88
N GLU A 84 8.88 9.13 -2.45
CA GLU A 84 8.55 10.44 -1.90
C GLU A 84 7.28 10.35 -1.05
N GLU A 85 7.46 9.91 0.18
CA GLU A 85 6.34 9.77 1.10
C GLU A 85 5.85 11.16 1.52
N GLU A 86 4.57 11.20 1.90
CA GLU A 86 3.96 12.45 2.33
C GLU A 86 3.78 13.38 1.13
N SER A 87 2.71 14.16 1.21
CA SER A 87 2.40 15.11 0.14
C SER A 87 3.60 16.01 -0.12
N ASP A 88 3.65 16.54 -1.33
CA ASP A 88 4.74 17.41 -1.72
C ASP A 88 4.63 18.73 -0.94
N LYS A 89 5.31 18.76 0.20
CA LYS A 89 5.29 19.95 1.04
C LYS A 89 3.89 20.15 1.60
N ARG A 90 3.84 20.75 2.79
CA ARG A 90 2.56 21.01 3.43
C ARG A 90 1.90 22.26 2.85
N GLU A 91 0.58 22.28 2.88
CA GLU A 91 -0.16 23.41 2.36
C GLU A 91 -0.08 24.60 3.31
N SER A 92 0.76 25.56 2.93
CA SER A 92 0.94 26.75 3.74
C SER A 92 -0.28 27.65 3.62
N GLU A 93 -1.22 27.46 4.54
CA GLU A 93 -2.43 28.25 4.55
C GLU A 93 -2.14 29.68 5.04
N SER A 94 -2.89 30.62 4.51
CA SER A 94 -2.73 32.01 4.88
C SER A 94 -2.95 32.18 6.38
N GLY A 95 -2.42 33.28 6.91
CA GLY A 95 -2.56 33.57 8.32
C GLY A 95 -1.76 34.83 8.71
N PRO A 96 -1.31 34.86 9.98
CA PRO A 96 -0.55 35.99 10.48
C PRO A 96 0.88 35.96 9.95
N SER A 97 1.60 37.05 10.21
CA SER A 97 2.97 37.16 9.76
C SER A 97 3.92 37.11 10.96
N SER A 98 5.22 37.06 10.66
CA SER A 98 6.22 37.01 11.69
C SER A 98 6.02 35.79 12.58
N GLY A 99 5.25 35.98 13.64
CA GLY A 99 4.97 34.90 14.57
C GLY A 99 4.38 33.69 13.84
N GLY A 1 -15.20 -16.36 10.94
CA GLY A 1 -13.87 -16.44 10.37
C GLY A 1 -13.02 -17.49 11.09
N SER A 2 -12.23 -17.04 12.04
CA SER A 2 -11.37 -17.93 12.80
C SER A 2 -11.01 -17.29 14.14
N SER A 3 -11.15 -18.07 15.19
CA SER A 3 -10.83 -17.60 16.53
C SER A 3 -9.36 -17.88 16.86
N GLY A 4 -8.72 -16.89 17.45
CA GLY A 4 -7.31 -17.03 17.82
C GLY A 4 -6.66 -15.65 18.00
N SER A 5 -5.34 -15.68 18.14
CA SER A 5 -4.59 -14.46 18.32
C SER A 5 -3.47 -14.37 17.28
N SER A 6 -3.47 -13.28 16.54
CA SER A 6 -2.45 -13.07 15.52
C SER A 6 -2.26 -11.57 15.28
N GLY A 7 -1.00 -11.15 15.43
CA GLY A 7 -0.66 -9.75 15.24
C GLY A 7 0.13 -9.22 16.43
N VAL A 8 1.37 -8.82 16.15
CA VAL A 8 2.23 -8.29 17.19
C VAL A 8 2.97 -7.07 16.65
N SER A 9 2.20 -6.13 16.12
CA SER A 9 2.77 -4.91 15.57
C SER A 9 1.91 -3.71 15.96
N SER A 10 2.58 -2.58 16.16
CA SER A 10 1.90 -1.36 16.54
C SER A 10 2.75 -0.14 16.15
N GLN A 11 2.28 0.57 15.13
CA GLN A 11 2.99 1.75 14.66
C GLN A 11 2.08 2.58 13.76
N GLU A 12 2.35 3.87 13.73
CA GLU A 12 1.57 4.79 12.91
C GLU A 12 2.17 4.89 11.50
N THR A 13 1.78 3.94 10.66
CA THR A 13 2.28 3.92 9.30
C THR A 13 1.18 4.36 8.32
N GLN A 14 1.60 5.10 7.30
CA GLN A 14 0.67 5.59 6.30
C GLN A 14 1.41 5.98 5.02
N GLY A 15 2.08 5.00 4.44
CA GLY A 15 2.84 5.23 3.23
C GLY A 15 2.31 4.38 2.07
N GLY A 16 2.52 3.07 2.20
CA GLY A 16 2.08 2.13 1.19
C GLY A 16 0.84 1.36 1.67
N PRO A 17 0.51 0.28 0.91
CA PRO A 17 -0.63 -0.55 1.25
C PRO A 17 -0.32 -1.45 2.44
N LEU A 18 -1.38 -1.80 3.17
CA LEU A 18 -1.23 -2.64 4.34
C LEU A 18 -1.86 -4.01 4.05
N ALA A 19 -1.16 -5.05 4.48
CA ALA A 19 -1.63 -6.41 4.28
C ALA A 19 -3.04 -6.55 4.84
N PRO A 20 -3.82 -7.48 4.24
CA PRO A 20 -5.19 -7.72 4.68
C PRO A 20 -5.22 -8.49 6.00
N MET A 21 -4.46 -9.59 6.03
CA MET A 21 -4.39 -10.41 7.21
C MET A 21 -3.11 -11.28 7.20
N THR A 22 -2.84 -11.88 8.34
CA THR A 22 -1.67 -12.74 8.48
C THR A 22 -1.71 -13.86 7.45
N GLY A 23 -0.80 -13.77 6.48
CA GLY A 23 -0.73 -14.78 5.43
C GLY A 23 0.69 -14.86 4.87
N THR A 24 0.80 -15.47 3.70
CA THR A 24 2.08 -15.63 3.04
C THR A 24 2.02 -15.05 1.62
N ILE A 25 3.15 -14.52 1.19
CA ILE A 25 3.25 -13.94 -0.14
C ILE A 25 3.36 -15.07 -1.18
N GLU A 26 2.41 -15.06 -2.11
CA GLU A 26 2.39 -16.07 -3.16
C GLU A 26 3.09 -15.55 -4.42
N LYS A 27 2.66 -14.35 -4.83
CA LYS A 27 3.23 -13.73 -6.01
C LYS A 27 3.51 -12.25 -5.71
N VAL A 28 4.49 -11.71 -6.43
CA VAL A 28 4.86 -10.32 -6.25
C VAL A 28 5.08 -9.68 -7.63
N PHE A 29 4.09 -8.90 -8.04
CA PHE A 29 4.15 -8.23 -9.32
C PHE A 29 4.54 -6.75 -9.15
N VAL A 30 5.61 -6.53 -8.41
CA VAL A 30 6.09 -5.18 -8.16
C VAL A 30 7.60 -5.22 -7.94
N LYS A 31 8.14 -4.06 -7.61
CA LYS A 31 9.57 -3.94 -7.37
C LYS A 31 9.91 -2.49 -7.06
N ALA A 32 11.18 -2.27 -6.71
CA ALA A 32 11.64 -0.93 -6.37
C ALA A 32 11.82 -0.13 -7.66
N GLY A 33 11.49 1.15 -7.58
CA GLY A 33 11.60 2.03 -8.72
C GLY A 33 10.65 1.61 -9.85
N ASP A 34 9.60 0.90 -9.45
CA ASP A 34 8.62 0.43 -10.41
C ASP A 34 7.47 1.43 -10.49
N LYS A 35 6.57 1.17 -11.43
CA LYS A 35 5.41 2.04 -11.61
C LYS A 35 4.13 1.21 -11.55
N VAL A 36 3.20 1.69 -10.75
CA VAL A 36 1.93 1.00 -10.59
C VAL A 36 0.78 1.98 -10.81
N LYS A 37 -0.41 1.43 -11.02
CA LYS A 37 -1.58 2.25 -11.25
C LYS A 37 -2.66 1.88 -10.23
N ALA A 38 -3.25 2.91 -9.63
CA ALA A 38 -4.29 2.71 -8.64
C ALA A 38 -5.19 1.56 -9.08
N GLY A 39 -5.15 0.48 -8.32
CA GLY A 39 -5.95 -0.69 -8.62
C GLY A 39 -5.16 -1.72 -9.43
N ASP A 40 -3.89 -1.87 -9.05
CA ASP A 40 -3.02 -2.80 -9.72
C ASP A 40 -2.67 -3.95 -8.77
N SER A 41 -2.55 -5.14 -9.35
CA SER A 41 -2.23 -6.32 -8.55
C SER A 41 -0.74 -6.29 -8.15
N LEU A 42 -0.48 -5.58 -7.07
CA LEU A 42 0.88 -5.47 -6.58
C LEU A 42 1.44 -6.86 -6.30
N MET A 43 0.86 -7.52 -5.31
CA MET A 43 1.29 -8.85 -4.93
C MET A 43 0.09 -9.73 -4.59
N VAL A 44 0.39 -11.00 -4.32
CA VAL A 44 -0.66 -11.96 -3.97
C VAL A 44 -0.29 -12.67 -2.67
N MET A 45 -1.23 -12.68 -1.75
CA MET A 45 -1.01 -13.31 -0.46
C MET A 45 -1.91 -14.54 -0.30
N ILE A 46 -1.62 -15.31 0.74
CA ILE A 46 -2.39 -16.52 1.01
C ILE A 46 -2.81 -16.52 2.48
N ALA A 47 -4.06 -16.15 2.70
CA ALA A 47 -4.61 -16.11 4.05
C ALA A 47 -5.97 -16.80 4.07
N MET A 48 -6.46 -17.03 5.28
CA MET A 48 -7.76 -17.68 5.45
C MET A 48 -7.88 -18.90 4.53
N LYS A 49 -6.73 -19.45 4.17
CA LYS A 49 -6.69 -20.61 3.30
C LYS A 49 -7.34 -20.26 1.96
N MET A 50 -7.15 -19.02 1.56
CA MET A 50 -7.71 -18.54 0.29
C MET A 50 -6.73 -17.59 -0.41
N GLU A 51 -7.06 -17.28 -1.65
CA GLU A 51 -6.23 -16.38 -2.45
C GLU A 51 -6.75 -14.95 -2.34
N HIS A 52 -5.81 -14.02 -2.22
CA HIS A 52 -6.16 -12.62 -2.11
C HIS A 52 -5.26 -11.79 -3.05
N THR A 53 -5.83 -10.71 -3.55
CA THR A 53 -5.09 -9.83 -4.45
C THR A 53 -4.95 -8.43 -3.83
N ILE A 54 -3.75 -8.15 -3.35
CA ILE A 54 -3.48 -6.87 -2.74
C ILE A 54 -3.37 -5.81 -3.83
N LYS A 55 -4.48 -5.11 -4.06
CA LYS A 55 -4.52 -4.07 -5.07
C LYS A 55 -3.89 -2.80 -4.51
N SER A 56 -3.30 -2.03 -5.41
CA SER A 56 -2.65 -0.78 -5.02
C SER A 56 -3.70 0.23 -4.56
N PRO A 57 -3.36 0.94 -3.45
CA PRO A 57 -4.27 1.93 -2.90
C PRO A 57 -4.27 3.21 -3.75
N LYS A 58 -3.15 3.42 -4.43
CA LYS A 58 -3.00 4.59 -5.28
C LYS A 58 -1.80 4.39 -6.21
N ASP A 59 -1.73 5.25 -7.22
CA ASP A 59 -0.64 5.18 -8.18
C ASP A 59 0.61 5.85 -7.58
N GLY A 60 1.76 5.27 -7.89
CA GLY A 60 3.01 5.79 -7.39
C GLY A 60 4.19 4.96 -7.89
N THR A 61 5.36 5.22 -7.31
CA THR A 61 6.56 4.51 -7.68
C THR A 61 7.08 3.67 -6.51
N VAL A 62 6.78 2.38 -6.57
CA VAL A 62 7.20 1.47 -5.51
C VAL A 62 8.66 1.76 -5.15
N LYS A 63 8.83 2.48 -4.06
CA LYS A 63 10.15 2.83 -3.59
C LYS A 63 10.95 1.55 -3.33
N LYS A 64 10.46 0.75 -2.41
CA LYS A 64 11.11 -0.50 -2.06
C LYS A 64 10.09 -1.44 -1.41
N VAL A 65 10.27 -2.73 -1.67
CA VAL A 65 9.39 -3.74 -1.13
C VAL A 65 9.99 -4.30 0.17
N PHE A 66 9.13 -4.61 1.11
CA PHE A 66 9.56 -5.15 2.38
C PHE A 66 9.36 -6.68 2.43
N TYR A 67 8.33 -7.12 1.72
CA TYR A 67 8.02 -8.54 1.68
C TYR A 67 8.15 -9.08 0.25
N ARG A 68 8.69 -10.29 0.15
CA ARG A 68 8.88 -10.92 -1.14
C ARG A 68 8.11 -12.26 -1.19
N GLU A 69 8.32 -12.97 -2.28
CA GLU A 69 7.66 -14.26 -2.46
C GLU A 69 8.00 -15.19 -1.30
N GLY A 70 6.98 -15.90 -0.84
CA GLY A 70 7.15 -16.83 0.26
C GLY A 70 7.60 -16.10 1.53
N ALA A 71 6.91 -15.01 1.81
CA ALA A 71 7.22 -14.21 2.99
C ALA A 71 6.02 -14.23 3.95
N GLN A 72 6.33 -14.20 5.23
CA GLN A 72 5.30 -14.21 6.25
C GLN A 72 4.92 -12.77 6.64
N ALA A 73 3.69 -12.41 6.30
CA ALA A 73 3.20 -11.07 6.61
C ALA A 73 2.25 -11.15 7.81
N ASN A 74 1.99 -9.99 8.38
CA ASN A 74 1.11 -9.91 9.54
C ASN A 74 -0.11 -9.05 9.19
N ARG A 75 -1.10 -9.09 10.06
CA ARG A 75 -2.32 -8.32 9.85
C ARG A 75 -2.01 -6.81 9.89
N HIS A 76 -2.24 -6.16 8.77
CA HIS A 76 -2.00 -4.73 8.67
C HIS A 76 -0.50 -4.47 8.78
N THR A 77 0.21 -4.85 7.73
CA THR A 77 1.65 -4.66 7.69
C THR A 77 2.06 -3.95 6.39
N PRO A 78 3.21 -3.23 6.46
CA PRO A 78 3.72 -2.52 5.30
C PRO A 78 4.35 -3.48 4.30
N LEU A 79 3.65 -3.66 3.18
CA LEU A 79 4.14 -4.54 2.14
C LEU A 79 5.14 -3.80 1.26
N VAL A 80 4.67 -2.72 0.66
CA VAL A 80 5.51 -1.91 -0.20
C VAL A 80 5.50 -0.45 0.30
N GLU A 81 6.51 0.29 -0.13
CA GLU A 81 6.63 1.67 0.26
C GLU A 81 6.70 2.58 -0.98
N PHE A 82 5.75 3.50 -1.06
CA PHE A 82 5.68 4.42 -2.17
C PHE A 82 6.72 5.53 -2.03
N GLU A 83 7.13 6.08 -3.16
CA GLU A 83 8.12 7.14 -3.17
C GLU A 83 7.51 8.42 -2.59
N GLU A 84 8.40 9.36 -2.26
CA GLU A 84 7.96 10.62 -1.69
C GLU A 84 7.18 11.43 -2.74
N GLU A 85 6.02 11.92 -2.30
CA GLU A 85 5.17 12.70 -3.18
C GLU A 85 6.00 13.74 -3.95
N GLU A 86 5.50 14.11 -5.11
CA GLU A 86 6.18 15.09 -5.94
C GLU A 86 5.17 16.06 -6.56
N SER A 87 4.17 15.48 -7.20
CA SER A 87 3.13 16.29 -7.83
C SER A 87 1.75 15.82 -7.36
N ASP A 88 1.25 16.52 -6.35
CA ASP A 88 -0.06 16.20 -5.80
C ASP A 88 -1.01 17.37 -6.03
N LYS A 89 -1.76 17.28 -7.13
CA LYS A 89 -2.71 18.32 -7.47
C LYS A 89 -4.13 17.83 -7.20
N ARG A 90 -4.47 17.82 -5.91
CA ARG A 90 -5.79 17.37 -5.50
C ARG A 90 -6.86 17.94 -6.43
N GLU A 91 -7.76 17.06 -6.86
CA GLU A 91 -8.82 17.45 -7.75
C GLU A 91 -10.05 17.89 -6.96
N SER A 92 -10.81 18.80 -7.54
CA SER A 92 -12.01 19.32 -6.89
C SER A 92 -13.24 18.95 -7.70
N GLU A 93 -14.24 18.43 -7.01
CA GLU A 93 -15.48 18.03 -7.65
C GLU A 93 -16.67 18.40 -6.78
N SER A 94 -17.61 19.14 -7.38
CA SER A 94 -18.80 19.57 -6.68
C SER A 94 -20.05 19.11 -7.44
N GLY A 95 -21.16 19.11 -6.72
CA GLY A 95 -22.43 18.70 -7.31
C GLY A 95 -23.30 17.98 -6.28
N PRO A 96 -24.08 18.80 -5.52
CA PRO A 96 -24.97 18.25 -4.50
C PRO A 96 -26.21 17.61 -5.13
N SER A 97 -27.02 17.01 -4.29
CA SER A 97 -28.23 16.36 -4.74
C SER A 97 -29.04 15.85 -3.55
N SER A 98 -30.33 16.16 -3.58
CA SER A 98 -31.22 15.74 -2.51
C SER A 98 -32.50 15.13 -3.10
N GLY A 99 -33.20 14.40 -2.25
CA GLY A 99 -34.44 13.75 -2.67
C GLY A 99 -34.40 12.26 -2.38
N GLY A 1 -11.06 20.65 6.38
CA GLY A 1 -10.83 19.23 6.42
C GLY A 1 -9.85 18.85 7.54
N SER A 2 -10.17 17.77 8.23
CA SER A 2 -9.35 17.31 9.32
C SER A 2 -9.12 15.80 9.20
N SER A 3 -8.19 15.30 10.02
CA SER A 3 -7.87 13.89 10.01
C SER A 3 -7.81 13.36 11.44
N GLY A 4 -8.07 12.06 11.56
CA GLY A 4 -8.05 11.42 12.87
C GLY A 4 -9.27 10.51 13.05
N SER A 5 -10.28 11.05 13.70
CA SER A 5 -11.51 10.29 13.94
C SER A 5 -11.25 9.21 14.99
N SER A 6 -10.56 8.17 14.56
CA SER A 6 -10.24 7.06 15.45
C SER A 6 -9.25 7.52 16.52
N GLY A 7 -9.27 6.81 17.65
CA GLY A 7 -8.40 7.13 18.75
C GLY A 7 -6.93 7.18 18.29
N VAL A 8 -6.26 6.05 18.42
CA VAL A 8 -4.87 5.94 18.03
C VAL A 8 -4.64 4.63 17.30
N SER A 9 -4.60 4.71 15.98
CA SER A 9 -4.39 3.53 15.16
C SER A 9 -3.17 3.72 14.26
N SER A 10 -2.24 2.79 14.36
CA SER A 10 -1.02 2.84 13.57
C SER A 10 -0.41 4.24 13.66
N GLN A 11 0.36 4.45 14.72
CA GLN A 11 1.02 5.73 14.95
C GLN A 11 2.53 5.55 15.00
N GLU A 12 3.15 5.61 13.83
CA GLU A 12 4.59 5.46 13.72
C GLU A 12 5.06 5.78 12.32
N THR A 13 4.52 5.04 11.36
CA THR A 13 4.89 5.24 9.96
C THR A 13 3.71 4.86 9.05
N GLN A 14 3.74 5.39 7.84
CA GLN A 14 2.70 5.12 6.87
C GLN A 14 3.08 5.67 5.50
N GLY A 15 2.45 5.14 4.47
CA GLY A 15 2.71 5.56 3.11
C GLY A 15 2.19 4.55 2.10
N GLY A 16 2.80 3.38 2.12
CA GLY A 16 2.40 2.31 1.22
C GLY A 16 1.15 1.59 1.72
N PRO A 17 0.79 0.50 1.00
CA PRO A 17 -0.39 -0.28 1.37
C PRO A 17 -0.13 -1.14 2.61
N LEU A 18 -1.20 -1.57 3.24
CA LEU A 18 -1.09 -2.39 4.43
C LEU A 18 -1.80 -3.72 4.19
N ALA A 19 -1.14 -4.78 4.64
CA ALA A 19 -1.70 -6.12 4.47
C ALA A 19 -3.09 -6.18 5.09
N PRO A 20 -3.99 -6.95 4.44
CA PRO A 20 -5.35 -7.10 4.92
C PRO A 20 -5.41 -8.01 6.15
N MET A 21 -4.69 -9.12 6.05
CA MET A 21 -4.66 -10.07 7.15
C MET A 21 -3.37 -10.90 7.11
N THR A 22 -3.04 -11.48 8.25
CA THR A 22 -1.85 -12.30 8.37
C THR A 22 -1.92 -13.50 7.41
N GLY A 23 -1.14 -13.41 6.35
CA GLY A 23 -1.11 -14.48 5.35
C GLY A 23 0.31 -14.72 4.85
N THR A 24 0.40 -15.38 3.71
CA THR A 24 1.69 -15.67 3.10
C THR A 24 1.74 -15.14 1.67
N ILE A 25 2.88 -14.56 1.33
CA ILE A 25 3.07 -14.00 0.01
C ILE A 25 3.15 -15.14 -1.01
N GLU A 26 2.30 -15.04 -2.03
CA GLU A 26 2.26 -16.06 -3.07
C GLU A 26 2.96 -15.54 -4.33
N LYS A 27 2.57 -14.35 -4.74
CA LYS A 27 3.14 -13.74 -5.93
C LYS A 27 3.44 -12.27 -5.65
N VAL A 28 4.52 -11.78 -6.24
CA VAL A 28 4.92 -10.40 -6.07
C VAL A 28 5.10 -9.75 -7.44
N PHE A 29 4.05 -9.06 -7.88
CA PHE A 29 4.08 -8.39 -9.17
C PHE A 29 4.46 -6.92 -9.01
N VAL A 30 5.53 -6.69 -8.26
CA VAL A 30 6.01 -5.34 -8.03
C VAL A 30 7.54 -5.35 -7.91
N LYS A 31 8.08 -4.21 -7.51
CA LYS A 31 9.52 -4.08 -7.35
C LYS A 31 9.85 -2.65 -6.93
N ALA A 32 11.14 -2.34 -6.97
CA ALA A 32 11.60 -1.02 -6.60
C ALA A 32 11.80 -0.19 -7.87
N GLY A 33 11.41 1.07 -7.78
CA GLY A 33 11.54 1.98 -8.91
C GLY A 33 10.60 1.59 -10.05
N ASP A 34 9.51 0.94 -9.67
CA ASP A 34 8.52 0.51 -10.64
C ASP A 34 7.36 1.49 -10.67
N LYS A 35 6.46 1.27 -11.62
CA LYS A 35 5.29 2.13 -11.76
C LYS A 35 4.02 1.28 -11.72
N VAL A 36 3.06 1.75 -10.95
CA VAL A 36 1.79 1.05 -10.83
C VAL A 36 0.64 2.03 -11.00
N LYS A 37 -0.56 1.47 -11.16
CA LYS A 37 -1.74 2.29 -11.34
C LYS A 37 -2.78 1.90 -10.28
N ALA A 38 -3.36 2.93 -9.68
CA ALA A 38 -4.37 2.72 -8.65
C ALA A 38 -5.28 1.57 -9.07
N GLY A 39 -5.22 0.50 -8.28
CA GLY A 39 -6.03 -0.67 -8.56
C GLY A 39 -5.26 -1.68 -9.41
N ASP A 40 -4.01 -1.88 -9.04
CA ASP A 40 -3.16 -2.82 -9.75
C ASP A 40 -2.79 -3.98 -8.83
N SER A 41 -2.62 -5.15 -9.44
CA SER A 41 -2.27 -6.34 -8.68
C SER A 41 -0.81 -6.27 -8.25
N LEU A 42 -0.60 -5.68 -7.08
CA LEU A 42 0.74 -5.54 -6.54
C LEU A 42 1.33 -6.93 -6.27
N MET A 43 0.76 -7.59 -5.26
CA MET A 43 1.21 -8.92 -4.89
C MET A 43 0.03 -9.82 -4.54
N VAL A 44 0.34 -11.08 -4.26
CA VAL A 44 -0.67 -12.04 -3.90
C VAL A 44 -0.32 -12.68 -2.56
N MET A 45 -1.32 -12.81 -1.71
CA MET A 45 -1.13 -13.40 -0.40
C MET A 45 -2.02 -14.63 -0.21
N ILE A 46 -1.72 -15.39 0.84
CA ILE A 46 -2.49 -16.59 1.13
C ILE A 46 -2.71 -16.68 2.65
N ALA A 47 -3.97 -16.52 3.04
CA ALA A 47 -4.32 -16.58 4.45
C ALA A 47 -4.85 -17.98 4.77
N MET A 48 -6.16 -18.14 4.58
CA MET A 48 -6.80 -19.42 4.84
C MET A 48 -7.15 -20.14 3.54
N LYS A 49 -6.20 -20.91 3.05
CA LYS A 49 -6.39 -21.65 1.81
C LYS A 49 -7.10 -20.76 0.79
N MET A 50 -6.88 -19.47 0.93
CA MET A 50 -7.49 -18.50 0.03
C MET A 50 -6.45 -17.53 -0.51
N GLU A 51 -6.67 -17.11 -1.76
CA GLU A 51 -5.76 -16.18 -2.41
C GLU A 51 -6.34 -14.77 -2.38
N HIS A 52 -5.47 -13.80 -2.12
CA HIS A 52 -5.88 -12.42 -2.07
C HIS A 52 -5.01 -11.59 -3.01
N THR A 53 -5.61 -10.51 -3.52
CA THR A 53 -4.90 -9.63 -4.42
C THR A 53 -4.79 -8.22 -3.84
N ILE A 54 -3.59 -7.90 -3.35
CA ILE A 54 -3.34 -6.60 -2.76
C ILE A 54 -3.34 -5.54 -3.85
N LYS A 55 -4.49 -4.92 -4.04
CA LYS A 55 -4.63 -3.88 -5.05
C LYS A 55 -4.09 -2.56 -4.50
N SER A 56 -3.19 -1.96 -5.27
CA SER A 56 -2.59 -0.69 -4.87
C SER A 56 -3.67 0.28 -4.41
N PRO A 57 -3.35 1.03 -3.31
CA PRO A 57 -4.28 1.99 -2.76
C PRO A 57 -4.36 3.24 -3.65
N LYS A 58 -3.25 3.52 -4.32
CA LYS A 58 -3.19 4.69 -5.19
C LYS A 58 -1.97 4.55 -6.12
N ASP A 59 -1.86 5.50 -7.03
CA ASP A 59 -0.75 5.50 -7.97
C ASP A 59 0.53 5.93 -7.26
N GLY A 60 1.65 5.47 -7.78
CA GLY A 60 2.94 5.80 -7.20
C GLY A 60 4.03 4.85 -7.70
N THR A 61 5.27 5.23 -7.45
CA THR A 61 6.40 4.41 -7.87
C THR A 61 7.04 3.71 -6.66
N VAL A 62 6.79 2.41 -6.58
CA VAL A 62 7.31 1.62 -5.48
C VAL A 62 8.78 2.00 -5.25
N LYS A 63 9.07 2.37 -4.01
CA LYS A 63 10.42 2.76 -3.65
C LYS A 63 11.23 1.52 -3.30
N LYS A 64 10.66 0.71 -2.40
CA LYS A 64 11.31 -0.51 -1.98
C LYS A 64 10.28 -1.43 -1.31
N VAL A 65 10.42 -2.72 -1.59
CA VAL A 65 9.52 -3.70 -1.02
C VAL A 65 10.08 -4.22 0.30
N PHE A 66 9.19 -4.74 1.13
CA PHE A 66 9.58 -5.26 2.42
C PHE A 66 9.33 -6.77 2.50
N TYR A 67 8.35 -7.21 1.74
CA TYR A 67 8.00 -8.62 1.72
C TYR A 67 8.13 -9.20 0.31
N ARG A 68 8.59 -10.44 0.24
CA ARG A 68 8.76 -11.10 -1.04
C ARG A 68 7.93 -12.39 -1.09
N GLU A 69 8.19 -13.19 -2.11
CA GLU A 69 7.48 -14.45 -2.28
C GLU A 69 7.78 -15.38 -1.10
N GLY A 70 6.73 -16.10 -0.68
CA GLY A 70 6.87 -17.03 0.42
C GLY A 70 7.34 -16.31 1.69
N ALA A 71 6.68 -15.20 1.98
CA ALA A 71 7.02 -14.41 3.15
C ALA A 71 5.83 -14.39 4.11
N GLN A 72 6.14 -14.24 5.39
CA GLN A 72 5.11 -14.21 6.41
C GLN A 72 4.80 -12.76 6.80
N ALA A 73 3.61 -12.33 6.43
CA ALA A 73 3.18 -10.96 6.73
C ALA A 73 2.20 -11.00 7.90
N ASN A 74 1.98 -9.83 8.48
CA ASN A 74 1.07 -9.70 9.60
C ASN A 74 -0.10 -8.80 9.21
N ARG A 75 -1.12 -8.81 10.06
CA ARG A 75 -2.30 -8.00 9.80
C ARG A 75 -1.95 -6.51 9.91
N HIS A 76 -2.17 -5.81 8.80
CA HIS A 76 -1.88 -4.38 8.75
C HIS A 76 -0.38 -4.16 8.83
N THR A 77 0.32 -4.66 7.82
CA THR A 77 1.76 -4.53 7.75
C THR A 77 2.18 -3.86 6.44
N PRO A 78 3.37 -3.21 6.48
CA PRO A 78 3.89 -2.53 5.31
C PRO A 78 4.44 -3.54 4.30
N LEU A 79 3.73 -3.66 3.18
CA LEU A 79 4.13 -4.58 2.13
C LEU A 79 5.14 -3.88 1.21
N VAL A 80 4.67 -2.82 0.58
CA VAL A 80 5.52 -2.06 -0.33
C VAL A 80 5.54 -0.59 0.11
N GLU A 81 6.60 0.10 -0.30
CA GLU A 81 6.76 1.49 0.04
C GLU A 81 6.72 2.36 -1.23
N PHE A 82 5.98 3.45 -1.14
CA PHE A 82 5.85 4.37 -2.26
C PHE A 82 6.95 5.43 -2.22
N GLU A 83 7.26 5.96 -3.39
CA GLU A 83 8.29 6.99 -3.51
C GLU A 83 7.78 8.31 -2.94
N GLU A 84 8.71 9.24 -2.78
CA GLU A 84 8.37 10.55 -2.23
C GLU A 84 8.31 11.58 -3.36
N GLU A 85 7.18 11.60 -4.05
CA GLU A 85 6.99 12.54 -5.15
C GLU A 85 5.87 13.53 -4.80
N GLU A 86 5.88 14.65 -5.52
CA GLU A 86 4.87 15.67 -5.31
C GLU A 86 4.61 16.44 -6.60
N SER A 87 3.39 16.92 -6.72
CA SER A 87 3.00 17.67 -7.91
C SER A 87 1.66 18.37 -7.66
N ASP A 88 1.69 19.69 -7.80
CA ASP A 88 0.49 20.49 -7.60
C ASP A 88 -0.11 20.17 -6.23
N LYS A 89 0.27 20.98 -5.25
CA LYS A 89 -0.21 20.80 -3.90
C LYS A 89 -1.54 21.53 -3.73
N ARG A 90 -2.62 20.75 -3.69
CA ARG A 90 -3.94 21.31 -3.54
C ARG A 90 -4.91 20.25 -3.01
N GLU A 91 -5.83 20.70 -2.17
CA GLU A 91 -6.82 19.79 -1.60
C GLU A 91 -7.89 20.59 -0.84
N SER A 92 -8.91 21.00 -1.57
CA SER A 92 -9.99 21.77 -0.97
C SER A 92 -11.31 21.45 -1.69
N GLU A 93 -12.40 21.58 -0.94
CA GLU A 93 -13.72 21.31 -1.48
C GLU A 93 -14.78 22.11 -0.73
N SER A 94 -15.82 22.47 -1.45
CA SER A 94 -16.92 23.23 -0.86
C SER A 94 -18.19 23.05 -1.68
N GLY A 95 -19.32 23.34 -1.04
CA GLY A 95 -20.61 23.21 -1.70
C GLY A 95 -21.70 23.93 -0.91
N PRO A 96 -22.73 24.40 -1.65
CA PRO A 96 -23.85 25.10 -1.03
C PRO A 96 -24.77 24.13 -0.30
N SER A 97 -25.26 24.58 0.84
CA SER A 97 -26.17 23.75 1.64
C SER A 97 -27.58 24.34 1.60
N SER A 98 -27.69 25.57 2.09
CA SER A 98 -28.97 26.24 2.11
C SER A 98 -30.00 25.39 2.84
N GLY A 99 -31.14 25.99 3.12
CA GLY A 99 -32.23 25.29 3.81
C GLY A 99 -33.05 26.27 4.65
N GLY A 1 -11.42 -25.50 12.31
CA GLY A 1 -11.01 -24.42 11.41
C GLY A 1 -10.09 -23.43 12.15
N SER A 2 -9.55 -22.50 11.37
CA SER A 2 -8.67 -21.49 11.92
C SER A 2 -7.52 -22.16 12.67
N SER A 3 -6.51 -21.35 12.99
CA SER A 3 -5.34 -21.86 13.68
C SER A 3 -4.67 -20.71 14.46
N GLY A 4 -4.25 -19.70 13.71
CA GLY A 4 -3.59 -18.56 14.30
C GLY A 4 -2.16 -18.41 13.78
N SER A 5 -1.55 -17.29 14.13
CA SER A 5 -0.18 -17.02 13.70
C SER A 5 0.27 -15.66 14.24
N SER A 6 1.56 -15.40 14.09
CA SER A 6 2.14 -14.15 14.55
C SER A 6 3.52 -13.95 13.93
N GLY A 7 3.75 -12.74 13.46
CA GLY A 7 5.03 -12.41 12.84
C GLY A 7 5.55 -11.07 13.37
N VAL A 8 6.60 -10.59 12.72
CA VAL A 8 7.22 -9.33 13.10
C VAL A 8 6.56 -8.19 12.32
N SER A 9 6.90 -6.97 12.72
CA SER A 9 6.35 -5.80 12.06
C SER A 9 6.95 -4.53 12.67
N SER A 10 6.81 -3.44 11.94
CA SER A 10 7.34 -2.16 12.40
C SER A 10 6.22 -1.12 12.45
N GLN A 11 6.51 -0.02 13.11
CA GLN A 11 5.54 1.06 13.24
C GLN A 11 5.50 1.89 11.96
N GLU A 12 4.40 1.75 11.23
CA GLU A 12 4.23 2.48 9.99
C GLU A 12 2.78 2.35 9.49
N THR A 13 2.29 3.44 8.93
CA THR A 13 0.93 3.46 8.42
C THR A 13 0.91 4.05 7.00
N GLN A 14 1.15 5.35 6.93
CA GLN A 14 1.15 6.05 5.65
C GLN A 14 2.42 5.69 4.87
N GLY A 15 2.27 5.67 3.55
CA GLY A 15 3.39 5.34 2.69
C GLY A 15 3.44 3.84 2.38
N GLY A 16 2.47 3.40 1.60
CA GLY A 16 2.39 2.00 1.23
C GLY A 16 1.13 1.34 1.80
N PRO A 17 0.69 0.25 1.12
CA PRO A 17 -0.49 -0.48 1.56
C PRO A 17 -0.20 -1.31 2.82
N LEU A 18 -1.28 -1.69 3.49
CA LEU A 18 -1.15 -2.48 4.71
C LEU A 18 -1.90 -3.80 4.51
N ALA A 19 -1.17 -4.89 4.72
CA ALA A 19 -1.76 -6.22 4.59
C ALA A 19 -3.13 -6.24 5.25
N PRO A 20 -4.07 -6.97 4.59
CA PRO A 20 -5.43 -7.08 5.10
C PRO A 20 -5.48 -8.02 6.30
N MET A 21 -4.99 -9.23 6.10
CA MET A 21 -4.97 -10.22 7.15
C MET A 21 -3.72 -11.10 7.06
N THR A 22 -3.53 -11.91 8.09
CA THR A 22 -2.37 -12.80 8.14
C THR A 22 -2.38 -13.74 6.94
N GLY A 23 -1.25 -13.76 6.24
CA GLY A 23 -1.11 -14.62 5.07
C GLY A 23 0.34 -14.65 4.59
N THR A 24 0.56 -15.46 3.56
CA THR A 24 1.90 -15.59 3.00
C THR A 24 1.93 -15.03 1.58
N ILE A 25 3.07 -14.46 1.23
CA ILE A 25 3.25 -13.88 -0.10
C ILE A 25 3.50 -15.00 -1.10
N GLU A 26 2.57 -15.13 -2.04
CA GLU A 26 2.68 -16.15 -3.06
C GLU A 26 3.37 -15.59 -4.32
N LYS A 27 2.89 -14.43 -4.74
CA LYS A 27 3.44 -13.78 -5.91
C LYS A 27 3.63 -12.29 -5.61
N VAL A 28 4.63 -11.72 -6.28
CA VAL A 28 4.93 -10.31 -6.09
C VAL A 28 5.09 -9.63 -7.46
N PHE A 29 4.05 -8.91 -7.85
CA PHE A 29 4.06 -8.22 -9.13
C PHE A 29 4.44 -6.75 -8.96
N VAL A 30 5.54 -6.53 -8.25
CA VAL A 30 6.02 -5.19 -8.00
C VAL A 30 7.56 -5.20 -7.98
N LYS A 31 8.12 -4.04 -7.67
CA LYS A 31 9.57 -3.90 -7.61
C LYS A 31 9.92 -2.45 -7.31
N ALA A 32 11.18 -2.24 -6.97
CA ALA A 32 11.67 -0.90 -6.66
C ALA A 32 11.77 -0.10 -7.95
N GLY A 33 11.45 1.19 -7.84
CA GLY A 33 11.50 2.08 -8.99
C GLY A 33 10.52 1.63 -10.07
N ASP A 34 9.49 0.93 -9.63
CA ASP A 34 8.46 0.44 -10.55
C ASP A 34 7.32 1.45 -10.61
N LYS A 35 6.43 1.23 -11.57
CA LYS A 35 5.28 2.10 -11.74
C LYS A 35 4.00 1.27 -11.72
N VAL A 36 3.04 1.73 -10.92
CA VAL A 36 1.77 1.04 -10.81
C VAL A 36 0.63 2.06 -10.87
N LYS A 37 -0.54 1.59 -11.26
CA LYS A 37 -1.71 2.45 -11.36
C LYS A 37 -2.69 2.08 -10.25
N ALA A 38 -3.24 3.11 -9.61
CA ALA A 38 -4.19 2.92 -8.54
C ALA A 38 -5.13 1.76 -8.90
N GLY A 39 -5.00 0.68 -8.15
CA GLY A 39 -5.83 -0.49 -8.38
C GLY A 39 -5.07 -1.55 -9.20
N ASP A 40 -3.76 -1.57 -9.00
CA ASP A 40 -2.91 -2.52 -9.71
C ASP A 40 -2.58 -3.69 -8.79
N SER A 41 -2.38 -4.85 -9.40
CA SER A 41 -2.06 -6.05 -8.64
C SER A 41 -0.59 -5.99 -8.17
N LEU A 42 -0.43 -5.61 -6.92
CA LEU A 42 0.91 -5.52 -6.35
C LEU A 42 1.47 -6.92 -6.13
N MET A 43 0.86 -7.63 -5.19
CA MET A 43 1.29 -8.97 -4.87
C MET A 43 0.09 -9.87 -4.58
N VAL A 44 0.38 -11.16 -4.36
CA VAL A 44 -0.66 -12.12 -4.07
C VAL A 44 -0.33 -12.84 -2.76
N MET A 45 -1.26 -12.77 -1.83
CA MET A 45 -1.07 -13.42 -0.54
C MET A 45 -1.95 -14.68 -0.43
N ILE A 46 -1.67 -15.45 0.61
CA ILE A 46 -2.42 -16.67 0.86
C ILE A 46 -2.91 -16.69 2.30
N ALA A 47 -4.17 -16.34 2.48
CA ALA A 47 -4.76 -16.32 3.81
C ALA A 47 -6.07 -17.10 3.79
N MET A 48 -6.57 -17.39 4.98
CA MET A 48 -7.81 -18.13 5.11
C MET A 48 -7.79 -19.41 4.28
N LYS A 49 -6.58 -19.84 3.95
CA LYS A 49 -6.40 -21.04 3.15
C LYS A 49 -6.84 -20.76 1.71
N MET A 50 -6.92 -19.48 1.39
CA MET A 50 -7.32 -19.07 0.05
C MET A 50 -6.32 -18.09 -0.55
N GLU A 51 -6.61 -17.66 -1.77
CA GLU A 51 -5.74 -16.73 -2.46
C GLU A 51 -6.43 -15.37 -2.61
N HIS A 52 -5.66 -14.32 -2.40
CA HIS A 52 -6.18 -12.97 -2.52
C HIS A 52 -5.20 -12.11 -3.34
N THR A 53 -5.74 -11.01 -3.86
CA THR A 53 -4.93 -10.10 -4.66
C THR A 53 -4.93 -8.71 -4.04
N ILE A 54 -3.80 -8.36 -3.45
CA ILE A 54 -3.66 -7.06 -2.82
C ILE A 54 -3.57 -5.97 -3.90
N LYS A 55 -4.55 -5.09 -3.88
CA LYS A 55 -4.59 -4.00 -4.86
C LYS A 55 -3.88 -2.78 -4.28
N SER A 56 -3.40 -1.93 -5.18
CA SER A 56 -2.71 -0.73 -4.77
C SER A 56 -3.70 0.30 -4.22
N PRO A 57 -3.26 1.00 -3.14
CA PRO A 57 -4.10 2.01 -2.52
C PRO A 57 -4.17 3.29 -3.37
N LYS A 58 -3.10 3.51 -4.12
CA LYS A 58 -3.02 4.68 -4.99
C LYS A 58 -1.86 4.51 -5.96
N ASP A 59 -1.81 5.42 -6.93
CA ASP A 59 -0.75 5.39 -7.92
C ASP A 59 0.53 5.96 -7.32
N GLY A 60 1.65 5.39 -7.74
CA GLY A 60 2.95 5.84 -7.25
C GLY A 60 4.07 4.93 -7.77
N THR A 61 5.29 5.34 -7.46
CA THR A 61 6.46 4.57 -7.88
C THR A 61 6.98 3.71 -6.72
N VAL A 62 6.76 2.42 -6.85
CA VAL A 62 7.21 1.49 -5.82
C VAL A 62 8.66 1.78 -5.47
N LYS A 63 8.84 2.47 -4.35
CA LYS A 63 10.17 2.82 -3.88
C LYS A 63 10.99 1.54 -3.69
N LYS A 64 10.52 0.71 -2.77
CA LYS A 64 11.20 -0.54 -2.47
C LYS A 64 10.22 -1.50 -1.81
N VAL A 65 10.40 -2.78 -2.12
CA VAL A 65 9.54 -3.81 -1.56
C VAL A 65 10.16 -4.34 -0.26
N PHE A 66 9.29 -4.58 0.72
CA PHE A 66 9.73 -5.08 2.00
C PHE A 66 9.51 -6.59 2.11
N TYR A 67 8.39 -7.03 1.55
CA TYR A 67 8.05 -8.44 1.57
C TYR A 67 8.24 -9.08 0.20
N ARG A 68 8.60 -10.36 0.22
CA ARG A 68 8.83 -11.09 -1.01
C ARG A 68 8.11 -12.44 -0.97
N GLU A 69 8.22 -13.18 -2.07
CA GLU A 69 7.59 -14.47 -2.17
C GLU A 69 8.05 -15.38 -1.02
N GLY A 70 7.07 -15.96 -0.35
CA GLY A 70 7.35 -16.84 0.77
C GLY A 70 7.63 -16.05 2.05
N ALA A 71 7.02 -14.87 2.11
CA ALA A 71 7.20 -14.01 3.26
C ALA A 71 5.94 -14.08 4.13
N GLN A 72 6.14 -13.97 5.43
CA GLN A 72 5.04 -14.02 6.37
C GLN A 72 4.74 -12.61 6.90
N ALA A 73 3.59 -12.10 6.49
CA ALA A 73 3.16 -10.77 6.92
C ALA A 73 2.09 -10.90 8.01
N ASN A 74 1.87 -9.80 8.70
CA ASN A 74 0.88 -9.78 9.77
C ASN A 74 -0.27 -8.84 9.38
N ARG A 75 -1.34 -8.91 10.14
CA ARG A 75 -2.50 -8.08 9.89
C ARG A 75 -2.16 -6.60 10.08
N HIS A 76 -2.17 -5.88 8.98
CA HIS A 76 -1.87 -4.46 9.01
C HIS A 76 -0.35 -4.27 9.08
N THR A 77 0.32 -4.68 8.00
CA THR A 77 1.76 -4.56 7.93
C THR A 77 2.17 -3.96 6.58
N PRO A 78 3.37 -3.32 6.58
CA PRO A 78 3.90 -2.70 5.37
C PRO A 78 4.42 -3.76 4.40
N LEU A 79 3.83 -3.77 3.22
CA LEU A 79 4.23 -4.73 2.20
C LEU A 79 5.18 -4.04 1.21
N VAL A 80 4.69 -2.96 0.62
CA VAL A 80 5.49 -2.21 -0.33
C VAL A 80 5.54 -0.74 0.09
N GLU A 81 6.61 -0.08 -0.31
CA GLU A 81 6.80 1.33 0.03
C GLU A 81 6.67 2.19 -1.22
N PHE A 82 6.33 3.46 -1.00
CA PHE A 82 6.18 4.40 -2.10
C PHE A 82 7.26 5.47 -2.06
N GLU A 83 7.58 6.01 -3.24
CA GLU A 83 8.58 7.04 -3.34
C GLU A 83 8.08 8.34 -2.72
N GLU A 84 9.01 9.24 -2.46
CA GLU A 84 8.68 10.53 -1.87
C GLU A 84 7.79 11.33 -2.81
N GLU A 85 6.91 12.13 -2.21
CA GLU A 85 5.99 12.95 -2.99
C GLU A 85 5.96 14.37 -2.42
N GLU A 86 5.27 15.24 -3.14
CA GLU A 86 5.14 16.63 -2.73
C GLU A 86 3.68 17.06 -2.74
N SER A 87 3.26 17.71 -1.66
CA SER A 87 1.90 18.18 -1.55
C SER A 87 1.83 19.68 -1.88
N ASP A 88 1.24 19.96 -3.03
CA ASP A 88 1.10 21.33 -3.48
C ASP A 88 0.01 21.40 -4.56
N LYS A 89 -1.23 21.51 -4.09
CA LYS A 89 -2.36 21.58 -5.00
C LYS A 89 -2.88 23.02 -5.04
N ARG A 90 -2.34 23.83 -4.13
CA ARG A 90 -2.74 25.23 -4.05
C ARG A 90 -4.27 25.35 -4.04
N GLU A 91 -4.82 25.36 -2.84
CA GLU A 91 -6.27 25.47 -2.68
C GLU A 91 -6.75 26.85 -3.14
N SER A 92 -7.92 26.85 -3.75
CA SER A 92 -8.51 28.09 -4.24
C SER A 92 -10.03 28.02 -4.14
N GLU A 93 -10.54 28.51 -3.03
CA GLU A 93 -11.99 28.52 -2.81
C GLU A 93 -12.45 29.91 -2.40
N SER A 94 -13.75 30.13 -2.54
CA SER A 94 -14.34 31.41 -2.20
C SER A 94 -14.83 31.39 -0.75
N GLY A 95 -15.81 30.53 -0.51
CA GLY A 95 -16.37 30.40 0.83
C GLY A 95 -17.89 30.57 0.80
N PRO A 96 -18.60 29.41 0.74
CA PRO A 96 -20.05 29.41 0.71
C PRO A 96 -20.63 29.73 2.10
N SER A 97 -21.16 30.94 2.21
CA SER A 97 -21.74 31.40 3.46
C SER A 97 -20.64 31.59 4.51
N SER A 98 -20.93 32.47 5.46
CA SER A 98 -19.97 32.76 6.52
C SER A 98 -18.73 33.42 5.95
N GLY A 99 -18.52 34.67 6.34
CA GLY A 99 -17.38 35.43 5.87
C GLY A 99 -16.07 34.70 6.20
N GLY A 1 1.42 23.26 12.22
CA GLY A 1 1.46 21.95 12.84
C GLY A 1 2.55 21.89 13.92
N SER A 2 3.77 21.72 13.46
CA SER A 2 4.91 21.64 14.37
C SER A 2 4.78 20.42 15.26
N SER A 3 5.54 19.39 14.92
CA SER A 3 5.52 18.15 15.68
C SER A 3 6.68 17.25 15.25
N GLY A 4 7.30 16.63 16.24
CA GLY A 4 8.41 15.73 15.96
C GLY A 4 7.98 14.27 16.01
N SER A 5 8.23 13.64 17.15
CA SER A 5 7.86 12.26 17.35
C SER A 5 6.72 12.14 18.36
N SER A 6 5.52 11.94 17.83
CA SER A 6 4.35 11.82 18.67
C SER A 6 3.57 10.55 18.30
N GLY A 7 4.04 9.43 18.83
CA GLY A 7 3.40 8.16 18.57
C GLY A 7 4.39 7.00 18.73
N VAL A 8 3.84 5.81 18.85
CA VAL A 8 4.67 4.61 19.00
C VAL A 8 5.46 4.38 17.72
N SER A 9 4.84 4.72 16.61
CA SER A 9 5.47 4.54 15.30
C SER A 9 4.56 5.07 14.20
N SER A 10 4.99 6.16 13.60
CA SER A 10 4.22 6.78 12.52
C SER A 10 5.11 7.73 11.72
N GLN A 11 5.00 7.62 10.40
CA GLN A 11 5.78 8.46 9.51
C GLN A 11 4.86 9.18 8.51
N GLU A 12 5.11 10.47 8.34
CA GLU A 12 4.33 11.27 7.42
C GLU A 12 4.50 10.75 5.99
N THR A 13 3.37 10.66 5.29
CA THR A 13 3.38 10.19 3.92
C THR A 13 3.80 8.72 3.86
N GLN A 14 5.09 8.49 4.08
CA GLN A 14 5.63 7.14 4.07
C GLN A 14 4.65 6.17 4.71
N GLY A 15 4.24 5.18 3.93
CA GLY A 15 3.31 4.18 4.42
C GLY A 15 2.43 3.64 3.27
N GLY A 16 2.96 2.63 2.60
CA GLY A 16 2.24 2.03 1.49
C GLY A 16 0.97 1.32 1.97
N PRO A 17 0.59 0.26 1.21
CA PRO A 17 -0.59 -0.52 1.57
C PRO A 17 -0.33 -1.42 2.77
N LEU A 18 -1.41 -1.75 3.47
CA LEU A 18 -1.30 -2.61 4.65
C LEU A 18 -2.05 -3.91 4.39
N ALA A 19 -1.38 -5.01 4.67
CA ALA A 19 -1.97 -6.33 4.48
C ALA A 19 -3.31 -6.38 5.20
N PRO A 20 -4.24 -7.18 4.61
CA PRO A 20 -5.56 -7.34 5.19
C PRO A 20 -5.52 -8.24 6.43
N MET A 21 -4.80 -9.34 6.30
CA MET A 21 -4.67 -10.29 7.39
C MET A 21 -3.33 -11.03 7.32
N THR A 22 -2.98 -11.65 8.42
CA THR A 22 -1.73 -12.40 8.50
C THR A 22 -1.76 -13.58 7.53
N GLY A 23 -0.94 -13.48 6.50
CA GLY A 23 -0.86 -14.54 5.49
C GLY A 23 0.57 -14.69 4.97
N THR A 24 0.67 -15.24 3.77
CA THR A 24 1.97 -15.45 3.15
C THR A 24 1.96 -14.95 1.71
N ILE A 25 3.06 -14.33 1.32
CA ILE A 25 3.19 -13.80 -0.03
C ILE A 25 3.35 -14.95 -1.02
N GLU A 26 2.52 -14.94 -2.04
CA GLU A 26 2.56 -15.98 -3.06
C GLU A 26 3.17 -15.43 -4.36
N LYS A 27 2.68 -14.27 -4.75
CA LYS A 27 3.15 -13.62 -5.96
C LYS A 27 3.40 -12.14 -5.69
N VAL A 28 4.45 -11.61 -6.31
CA VAL A 28 4.80 -10.22 -6.15
C VAL A 28 5.01 -9.58 -7.52
N PHE A 29 4.00 -8.84 -7.95
CA PHE A 29 4.06 -8.16 -9.24
C PHE A 29 4.48 -6.71 -9.08
N VAL A 30 5.53 -6.50 -8.30
CA VAL A 30 6.03 -5.15 -8.06
C VAL A 30 7.54 -5.20 -7.86
N LYS A 31 8.09 -4.08 -7.45
CA LYS A 31 9.53 -3.99 -7.23
C LYS A 31 9.89 -2.54 -6.89
N ALA A 32 11.19 -2.30 -6.74
CA ALA A 32 11.68 -0.98 -6.41
C ALA A 32 11.86 -0.17 -7.70
N GLY A 33 11.56 1.12 -7.61
CA GLY A 33 11.68 2.00 -8.75
C GLY A 33 10.75 1.57 -9.88
N ASP A 34 9.62 0.99 -9.48
CA ASP A 34 8.64 0.53 -10.45
C ASP A 34 7.48 1.53 -10.48
N LYS A 35 6.59 1.31 -11.45
CA LYS A 35 5.43 2.17 -11.61
C LYS A 35 4.15 1.33 -11.59
N VAL A 36 3.14 1.84 -10.91
CA VAL A 36 1.88 1.15 -10.81
C VAL A 36 0.73 2.15 -11.01
N LYS A 37 -0.47 1.60 -11.11
CA LYS A 37 -1.65 2.42 -11.31
C LYS A 37 -2.72 2.03 -10.30
N ALA A 38 -3.33 3.05 -9.70
CA ALA A 38 -4.38 2.82 -8.71
C ALA A 38 -5.26 1.67 -9.18
N GLY A 39 -5.28 0.62 -8.36
CA GLY A 39 -6.09 -0.55 -8.67
C GLY A 39 -5.28 -1.58 -9.45
N ASP A 40 -4.00 -1.68 -9.11
CA ASP A 40 -3.11 -2.60 -9.78
C ASP A 40 -2.79 -3.75 -8.82
N SER A 41 -2.53 -4.92 -9.41
CA SER A 41 -2.21 -6.09 -8.63
C SER A 41 -0.74 -6.05 -8.20
N LEU A 42 -0.53 -5.60 -6.97
CA LEU A 42 0.81 -5.50 -6.44
C LEU A 42 1.35 -6.91 -6.16
N MET A 43 0.76 -7.54 -5.16
CA MET A 43 1.18 -8.89 -4.79
C MET A 43 -0.04 -9.75 -4.45
N VAL A 44 0.24 -11.03 -4.18
CA VAL A 44 -0.82 -11.97 -3.83
C VAL A 44 -0.45 -12.67 -2.53
N MET A 45 -1.34 -12.54 -1.55
CA MET A 45 -1.13 -13.16 -0.25
C MET A 45 -1.96 -14.45 -0.11
N ILE A 46 -1.64 -15.21 0.92
CA ILE A 46 -2.34 -16.45 1.17
C ILE A 46 -2.85 -16.46 2.62
N ALA A 47 -4.13 -16.14 2.78
CA ALA A 47 -4.73 -16.10 4.10
C ALA A 47 -6.05 -16.89 4.07
N MET A 48 -6.51 -17.25 5.25
CA MET A 48 -7.75 -18.00 5.37
C MET A 48 -7.74 -19.22 4.45
N LYS A 49 -6.54 -19.70 4.17
CA LYS A 49 -6.38 -20.86 3.30
C LYS A 49 -6.81 -20.49 1.88
N MET A 50 -6.72 -19.20 1.59
CA MET A 50 -7.09 -18.71 0.28
C MET A 50 -6.17 -17.57 -0.16
N GLU A 51 -6.00 -17.46 -1.47
CA GLU A 51 -5.14 -16.42 -2.02
C GLU A 51 -5.97 -15.18 -2.35
N HIS A 52 -5.33 -14.03 -2.21
CA HIS A 52 -5.98 -12.76 -2.49
C HIS A 52 -5.06 -11.88 -3.33
N THR A 53 -5.68 -10.90 -3.99
CA THR A 53 -4.94 -9.98 -4.83
C THR A 53 -4.94 -8.58 -4.23
N ILE A 54 -3.80 -8.22 -3.63
CA ILE A 54 -3.67 -6.92 -3.00
C ILE A 54 -3.57 -5.85 -4.10
N LYS A 55 -4.65 -5.12 -4.26
CA LYS A 55 -4.71 -4.06 -5.25
C LYS A 55 -3.98 -2.82 -4.72
N SER A 56 -3.39 -2.08 -5.65
CA SER A 56 -2.67 -0.88 -5.29
C SER A 56 -3.62 0.15 -4.66
N PRO A 57 -3.10 0.86 -3.63
CA PRO A 57 -3.89 1.86 -2.93
C PRO A 57 -4.03 3.13 -3.79
N LYS A 58 -3.00 3.40 -4.56
CA LYS A 58 -2.99 4.56 -5.42
C LYS A 58 -1.85 4.45 -6.44
N ASP A 59 -1.70 5.49 -7.24
CA ASP A 59 -0.66 5.51 -8.26
C ASP A 59 0.63 6.09 -7.65
N GLY A 60 1.73 5.74 -8.27
CA GLY A 60 3.03 6.22 -7.81
C GLY A 60 4.15 5.23 -8.18
N THR A 61 5.27 5.39 -7.50
CA THR A 61 6.41 4.51 -7.74
C THR A 61 6.80 3.77 -6.46
N VAL A 62 7.02 2.48 -6.62
CA VAL A 62 7.40 1.64 -5.49
C VAL A 62 8.88 1.87 -5.17
N LYS A 63 9.11 2.64 -4.11
CA LYS A 63 10.47 2.94 -3.69
C LYS A 63 11.19 1.63 -3.32
N LYS A 64 10.56 0.88 -2.43
CA LYS A 64 11.12 -0.38 -1.99
C LYS A 64 10.00 -1.32 -1.56
N VAL A 65 10.39 -2.52 -1.16
CA VAL A 65 9.42 -3.51 -0.72
C VAL A 65 9.78 -3.96 0.70
N PHE A 66 8.87 -4.74 1.28
CA PHE A 66 9.07 -5.25 2.63
C PHE A 66 9.01 -6.77 2.66
N TYR A 67 8.08 -7.31 1.87
CA TYR A 67 7.92 -8.75 1.80
C TYR A 67 7.98 -9.23 0.35
N ARG A 68 8.65 -10.36 0.16
CA ARG A 68 8.80 -10.93 -1.16
C ARG A 68 8.06 -12.28 -1.24
N GLU A 69 8.24 -12.95 -2.36
CA GLU A 69 7.60 -14.23 -2.58
C GLU A 69 7.83 -15.15 -1.37
N GLY A 70 6.85 -16.02 -1.13
CA GLY A 70 6.94 -16.95 -0.02
C GLY A 70 7.43 -16.24 1.25
N ALA A 71 6.78 -15.12 1.55
CA ALA A 71 7.14 -14.34 2.73
C ALA A 71 6.01 -14.44 3.76
N GLN A 72 6.34 -14.09 4.98
CA GLN A 72 5.36 -14.12 6.06
C GLN A 72 5.01 -12.69 6.50
N ALA A 73 3.75 -12.35 6.29
CA ALA A 73 3.26 -11.02 6.66
C ALA A 73 2.30 -11.15 7.83
N ASN A 74 2.05 -10.01 8.48
CA ASN A 74 1.15 -9.98 9.62
C ASN A 74 -0.03 -9.08 9.30
N ARG A 75 -1.04 -9.16 10.15
CA ARG A 75 -2.24 -8.35 9.98
C ARG A 75 -1.91 -6.86 10.08
N HIS A 76 -2.08 -6.17 8.96
CA HIS A 76 -1.80 -4.74 8.91
C HIS A 76 -0.29 -4.52 8.89
N THR A 77 0.33 -4.92 7.78
CA THR A 77 1.76 -4.77 7.62
C THR A 77 2.08 -4.16 6.25
N PRO A 78 3.26 -3.48 6.20
CA PRO A 78 3.70 -2.85 4.97
C PRO A 78 4.20 -3.89 3.97
N LEU A 79 3.52 -3.95 2.83
CA LEU A 79 3.89 -4.89 1.79
C LEU A 79 4.89 -4.23 0.84
N VAL A 80 4.46 -3.11 0.27
CA VAL A 80 5.30 -2.38 -0.66
C VAL A 80 5.43 -0.93 -0.19
N GLU A 81 6.63 -0.38 -0.36
CA GLU A 81 6.89 0.98 0.05
C GLU A 81 6.86 1.91 -1.18
N PHE A 82 5.92 2.85 -1.14
CA PHE A 82 5.77 3.80 -2.22
C PHE A 82 6.74 4.98 -2.07
N GLU A 83 7.05 5.61 -3.18
CA GLU A 83 7.97 6.74 -3.18
C GLU A 83 7.27 7.97 -2.60
N GLU A 84 8.06 9.00 -2.34
CA GLU A 84 7.54 10.23 -1.78
C GLU A 84 6.72 10.98 -2.83
N GLU A 85 5.41 10.99 -2.62
CA GLU A 85 4.51 11.67 -3.54
C GLU A 85 3.73 12.76 -2.81
N GLU A 86 3.00 13.54 -3.59
CA GLU A 86 2.19 14.63 -3.03
C GLU A 86 0.89 14.76 -3.80
N SER A 87 0.11 15.76 -3.41
CA SER A 87 -1.17 16.02 -4.05
C SER A 87 -1.65 17.44 -3.71
N ASP A 88 -1.95 18.19 -4.75
CA ASP A 88 -2.42 19.55 -4.57
C ASP A 88 -3.71 19.74 -5.37
N LYS A 89 -4.81 19.38 -4.74
CA LYS A 89 -6.12 19.51 -5.37
C LYS A 89 -6.87 20.70 -4.76
N ARG A 90 -7.08 21.72 -5.58
CA ARG A 90 -7.78 22.90 -5.13
C ARG A 90 -9.29 22.66 -5.10
N GLU A 91 -9.90 23.09 -4.01
CA GLU A 91 -11.34 22.92 -3.84
C GLU A 91 -11.82 23.68 -2.61
N SER A 92 -12.85 24.50 -2.82
CA SER A 92 -13.41 25.28 -1.74
C SER A 92 -14.61 26.09 -2.25
N GLU A 93 -15.77 25.77 -1.71
CA GLU A 93 -17.00 26.46 -2.10
C GLU A 93 -17.92 26.62 -0.89
N SER A 94 -18.14 27.87 -0.52
CA SER A 94 -18.99 28.19 0.61
C SER A 94 -19.36 29.67 0.60
N GLY A 95 -20.53 29.95 1.16
CA GLY A 95 -21.01 31.33 1.22
C GLY A 95 -22.10 31.48 2.27
N PRO A 96 -21.69 31.31 3.55
CA PRO A 96 -22.62 31.43 4.67
C PRO A 96 -22.97 32.90 4.93
N SER A 97 -24.01 33.09 5.74
CA SER A 97 -24.46 34.42 6.08
C SER A 97 -25.23 34.39 7.40
N SER A 98 -24.76 35.19 8.34
CA SER A 98 -25.40 35.27 9.64
C SER A 98 -24.70 36.32 10.51
N GLY A 99 -25.37 36.72 11.57
CA GLY A 99 -24.84 37.71 12.48
C GLY A 99 -24.08 38.81 11.72
N GLY A 1 3.66 14.18 9.15
CA GLY A 1 3.39 15.55 8.78
C GLY A 1 1.89 15.86 8.84
N SER A 2 1.48 16.84 8.04
CA SER A 2 0.09 17.23 7.98
C SER A 2 -0.42 17.16 6.55
N SER A 3 -1.74 17.17 6.41
CA SER A 3 -2.36 17.11 5.10
C SER A 3 -3.65 17.92 5.09
N GLY A 4 -4.56 17.54 5.98
CA GLY A 4 -5.84 18.23 6.10
C GLY A 4 -6.26 18.37 7.55
N SER A 5 -7.57 18.33 7.77
CA SER A 5 -8.12 18.46 9.10
C SER A 5 -9.05 17.28 9.40
N SER A 6 -10.07 17.17 8.57
CA SER A 6 -11.05 16.09 8.73
C SER A 6 -10.35 14.73 8.63
N GLY A 7 -11.04 13.71 9.10
CA GLY A 7 -10.50 12.36 9.07
C GLY A 7 -10.63 11.69 10.44
N VAL A 8 -9.75 10.72 10.66
CA VAL A 8 -9.76 9.99 11.92
C VAL A 8 -8.90 10.73 12.95
N SER A 9 -8.99 10.29 14.19
CA SER A 9 -8.22 10.91 15.25
C SER A 9 -6.82 11.27 14.77
N SER A 10 -6.10 10.25 14.34
CA SER A 10 -4.75 10.44 13.84
C SER A 10 -4.22 9.14 13.23
N GLN A 11 -4.11 9.13 11.92
CA GLN A 11 -3.62 7.97 11.20
C GLN A 11 -2.13 7.74 11.50
N GLU A 12 -1.88 6.93 12.51
CA GLU A 12 -0.51 6.62 12.90
C GLU A 12 0.08 5.56 11.98
N THR A 13 0.42 5.97 10.78
CA THR A 13 0.99 5.08 9.79
C THR A 13 1.53 5.86 8.60
N GLN A 14 2.55 5.29 7.97
CA GLN A 14 3.16 5.91 6.81
C GLN A 14 4.07 4.92 6.08
N GLY A 15 3.97 4.92 4.76
CA GLY A 15 4.77 4.03 3.94
C GLY A 15 4.04 3.66 2.65
N GLY A 16 3.16 2.69 2.77
CA GLY A 16 2.38 2.23 1.62
C GLY A 16 1.11 1.51 2.06
N PRO A 17 0.71 0.51 1.25
CA PRO A 17 -0.49 -0.26 1.54
C PRO A 17 -0.25 -1.24 2.69
N LEU A 18 -1.20 -1.28 3.61
CA LEU A 18 -1.10 -2.16 4.75
C LEU A 18 -1.65 -3.55 4.38
N ALA A 19 -1.15 -4.55 5.08
CA ALA A 19 -1.58 -5.92 4.83
C ALA A 19 -3.06 -6.06 5.19
N PRO A 20 -3.78 -6.86 4.36
CA PRO A 20 -5.20 -7.09 4.59
C PRO A 20 -5.42 -8.04 5.76
N MET A 21 -4.50 -8.97 5.92
CA MET A 21 -4.58 -9.94 6.99
C MET A 21 -3.33 -10.82 7.04
N THR A 22 -3.09 -11.39 8.21
CA THR A 22 -1.93 -12.25 8.41
C THR A 22 -1.97 -13.42 7.42
N GLY A 23 -1.11 -13.32 6.41
CA GLY A 23 -1.04 -14.36 5.40
C GLY A 23 0.40 -14.53 4.89
N THR A 24 0.52 -15.20 3.76
CA THR A 24 1.82 -15.45 3.17
C THR A 24 1.86 -14.93 1.74
N ILE A 25 3.00 -14.37 1.36
CA ILE A 25 3.17 -13.83 0.03
C ILE A 25 3.37 -14.99 -0.96
N GLU A 26 2.48 -15.04 -1.95
CA GLU A 26 2.54 -16.08 -2.95
C GLU A 26 3.19 -15.55 -4.24
N LYS A 27 2.66 -14.42 -4.70
CA LYS A 27 3.18 -13.81 -5.91
C LYS A 27 3.44 -12.32 -5.65
N VAL A 28 4.46 -11.80 -6.30
CA VAL A 28 4.82 -10.40 -6.16
C VAL A 28 5.00 -9.77 -7.54
N PHE A 29 3.96 -9.06 -7.97
CA PHE A 29 3.99 -8.40 -9.26
C PHE A 29 4.38 -6.93 -9.12
N VAL A 30 5.46 -6.70 -8.39
CA VAL A 30 5.94 -5.35 -8.17
C VAL A 30 7.47 -5.38 -8.04
N LYS A 31 8.01 -4.22 -7.69
CA LYS A 31 9.45 -4.10 -7.54
C LYS A 31 9.81 -2.65 -7.21
N ALA A 32 11.04 -2.44 -6.78
CA ALA A 32 11.51 -1.12 -6.43
C ALA A 32 11.69 -0.29 -7.71
N GLY A 33 11.34 0.99 -7.61
CA GLY A 33 11.45 1.89 -8.73
C GLY A 33 10.54 1.43 -9.88
N ASP A 34 9.41 0.86 -9.51
CA ASP A 34 8.47 0.37 -10.50
C ASP A 34 7.31 1.37 -10.61
N LYS A 35 6.44 1.11 -11.58
CA LYS A 35 5.29 1.97 -11.81
C LYS A 35 4.02 1.13 -11.80
N VAL A 36 3.01 1.64 -11.12
CA VAL A 36 1.73 0.95 -11.03
C VAL A 36 0.59 1.97 -11.15
N LYS A 37 -0.58 1.46 -11.53
CA LYS A 37 -1.74 2.31 -11.68
C LYS A 37 -2.74 1.98 -10.58
N ALA A 38 -3.32 3.04 -10.02
CA ALA A 38 -4.29 2.89 -8.95
C ALA A 38 -5.21 1.71 -9.27
N GLY A 39 -5.08 0.67 -8.45
CA GLY A 39 -5.90 -0.52 -8.63
C GLY A 39 -5.14 -1.58 -9.45
N ASP A 40 -3.88 -1.76 -9.07
CA ASP A 40 -3.04 -2.74 -9.76
C ASP A 40 -2.71 -3.88 -8.80
N SER A 41 -2.57 -5.06 -9.38
CA SER A 41 -2.25 -6.24 -8.59
C SER A 41 -0.78 -6.21 -8.16
N LEU A 42 -0.55 -5.64 -6.99
CA LEU A 42 0.80 -5.54 -6.46
C LEU A 42 1.35 -6.94 -6.19
N MET A 43 0.77 -7.59 -5.19
CA MET A 43 1.19 -8.93 -4.82
C MET A 43 -0.01 -9.80 -4.47
N VAL A 44 0.27 -11.06 -4.20
CA VAL A 44 -0.77 -12.02 -3.83
C VAL A 44 -0.41 -12.69 -2.51
N MET A 45 -1.36 -12.65 -1.60
CA MET A 45 -1.17 -13.25 -0.28
C MET A 45 -2.01 -14.51 -0.12
N ILE A 46 -1.73 -15.24 0.94
CA ILE A 46 -2.47 -16.47 1.23
C ILE A 46 -2.74 -16.57 2.73
N ALA A 47 -4.00 -16.74 3.06
CA ALA A 47 -4.40 -16.85 4.45
C ALA A 47 -5.26 -18.11 4.64
N MET A 48 -6.53 -17.98 4.32
CA MET A 48 -7.46 -19.09 4.45
C MET A 48 -7.47 -19.93 3.17
N LYS A 49 -6.36 -20.60 2.91
CA LYS A 49 -6.25 -21.44 1.73
C LYS A 49 -6.85 -20.71 0.53
N MET A 50 -6.70 -19.39 0.55
CA MET A 50 -7.22 -18.57 -0.53
C MET A 50 -6.18 -17.54 -0.99
N GLU A 51 -6.27 -17.19 -2.26
CA GLU A 51 -5.35 -16.21 -2.83
C GLU A 51 -5.97 -14.82 -2.81
N HIS A 52 -5.26 -13.90 -2.18
CA HIS A 52 -5.73 -12.53 -2.09
C HIS A 52 -4.96 -11.65 -3.09
N THR A 53 -5.61 -10.58 -3.51
CA THR A 53 -5.00 -9.66 -4.46
C THR A 53 -4.92 -8.25 -3.85
N ILE A 54 -3.74 -7.92 -3.35
CA ILE A 54 -3.53 -6.62 -2.75
C ILE A 54 -3.52 -5.56 -3.85
N LYS A 55 -4.64 -4.88 -3.98
CA LYS A 55 -4.79 -3.84 -4.98
C LYS A 55 -4.18 -2.54 -4.44
N SER A 56 -3.48 -1.83 -5.33
CA SER A 56 -2.86 -0.58 -4.95
C SER A 56 -3.93 0.43 -4.53
N PRO A 57 -3.61 1.17 -3.43
CA PRO A 57 -4.53 2.18 -2.91
C PRO A 57 -4.53 3.43 -3.80
N LYS A 58 -3.41 3.64 -4.48
CA LYS A 58 -3.27 4.79 -5.36
C LYS A 58 -2.10 4.55 -6.32
N ASP A 59 -1.96 5.46 -7.26
CA ASP A 59 -0.88 5.37 -8.24
C ASP A 59 0.41 5.91 -7.63
N GLY A 60 1.43 5.07 -7.64
CA GLY A 60 2.72 5.44 -7.10
C GLY A 60 3.84 4.54 -7.64
N THR A 61 5.06 4.86 -7.24
CA THR A 61 6.21 4.10 -7.67
C THR A 61 6.84 3.36 -6.49
N VAL A 62 6.62 2.05 -6.45
CA VAL A 62 7.15 1.23 -5.38
C VAL A 62 8.61 1.64 -5.11
N LYS A 63 8.83 2.15 -3.92
CA LYS A 63 10.17 2.58 -3.53
C LYS A 63 11.02 1.35 -3.21
N LYS A 64 10.52 0.54 -2.28
CA LYS A 64 11.22 -0.67 -1.89
C LYS A 64 10.22 -1.67 -1.33
N VAL A 65 10.51 -2.94 -1.56
CA VAL A 65 9.65 -4.01 -1.08
C VAL A 65 10.16 -4.50 0.28
N PHE A 66 9.21 -4.91 1.11
CA PHE A 66 9.55 -5.40 2.44
C PHE A 66 9.42 -6.92 2.50
N TYR A 67 8.37 -7.42 1.86
CA TYR A 67 8.12 -8.85 1.84
C TYR A 67 8.29 -9.42 0.43
N ARG A 68 8.86 -10.61 0.36
CA ARG A 68 9.08 -11.27 -0.91
C ARG A 68 8.19 -12.52 -1.03
N GLU A 69 8.40 -13.25 -2.11
CA GLU A 69 7.63 -14.46 -2.35
C GLU A 69 7.82 -15.44 -1.20
N GLY A 70 6.77 -16.21 -0.93
CA GLY A 70 6.81 -17.19 0.14
C GLY A 70 7.29 -16.56 1.45
N ALA A 71 6.81 -15.35 1.69
CA ALA A 71 7.18 -14.63 2.90
C ALA A 71 5.94 -14.46 3.79
N GLN A 72 6.17 -14.54 5.09
CA GLN A 72 5.09 -14.40 6.05
C GLN A 72 5.09 -12.99 6.64
N ALA A 73 3.92 -12.34 6.54
CA ALA A 73 3.77 -10.99 7.06
C ALA A 73 2.50 -10.92 7.91
N ASN A 74 2.45 -9.90 8.76
CA ASN A 74 1.31 -9.70 9.63
C ASN A 74 0.40 -8.62 9.03
N ARG A 75 -0.80 -8.53 9.59
CA ARG A 75 -1.76 -7.55 9.12
C ARG A 75 -1.42 -6.17 9.67
N HIS A 76 -1.73 -5.15 8.88
CA HIS A 76 -1.46 -3.78 9.28
C HIS A 76 -0.08 -3.37 8.78
N THR A 77 0.83 -4.32 8.81
CA THR A 77 2.20 -4.08 8.37
C THR A 77 2.22 -3.58 6.93
N PRO A 78 3.22 -2.71 6.63
CA PRO A 78 3.36 -2.16 5.29
C PRO A 78 3.91 -3.20 4.32
N LEU A 79 3.10 -3.52 3.32
CA LEU A 79 3.50 -4.50 2.33
C LEU A 79 4.61 -3.91 1.46
N VAL A 80 4.32 -2.75 0.89
CA VAL A 80 5.29 -2.08 0.03
C VAL A 80 5.38 -0.60 0.43
N GLU A 81 6.49 0.01 0.06
CA GLU A 81 6.70 1.41 0.37
C GLU A 81 6.69 2.25 -0.91
N PHE A 82 5.77 3.20 -0.94
CA PHE A 82 5.64 4.08 -2.10
C PHE A 82 6.72 5.16 -2.08
N GLU A 83 7.02 5.66 -3.27
CA GLU A 83 8.03 6.71 -3.41
C GLU A 83 7.52 8.02 -2.82
N GLU A 84 8.46 8.92 -2.57
CA GLU A 84 8.12 10.22 -2.00
C GLU A 84 7.59 11.14 -3.09
N GLU A 85 6.30 10.99 -3.38
CA GLU A 85 5.66 11.80 -4.40
C GLU A 85 5.22 13.14 -3.80
N GLU A 86 4.99 14.09 -4.68
CA GLU A 86 4.56 15.42 -4.26
C GLU A 86 3.55 15.99 -5.25
N SER A 87 2.69 16.88 -4.75
CA SER A 87 1.69 17.50 -5.57
C SER A 87 0.81 16.43 -6.25
N ASP A 88 -0.39 16.28 -5.72
CA ASP A 88 -1.32 15.30 -6.24
C ASP A 88 -2.66 15.44 -5.51
N LYS A 89 -3.56 16.21 -6.11
CA LYS A 89 -4.87 16.41 -5.53
C LYS A 89 -5.94 16.04 -6.56
N ARG A 90 -6.41 14.82 -6.45
CA ARG A 90 -7.44 14.33 -7.36
C ARG A 90 -8.68 15.23 -7.31
N GLU A 91 -9.31 15.38 -8.46
CA GLU A 91 -10.49 16.21 -8.56
C GLU A 91 -11.72 15.36 -8.89
N SER A 92 -12.87 15.81 -8.43
CA SER A 92 -14.12 15.10 -8.67
C SER A 92 -15.31 15.97 -8.24
N GLU A 93 -15.99 16.50 -9.23
CA GLU A 93 -17.15 17.35 -8.97
C GLU A 93 -18.44 16.52 -9.06
N SER A 94 -19.45 16.99 -8.35
CA SER A 94 -20.74 16.31 -8.35
C SER A 94 -21.86 17.33 -8.10
N GLY A 95 -23.09 16.87 -8.30
CA GLY A 95 -24.25 17.71 -8.10
C GLY A 95 -25.03 17.28 -6.87
N PRO A 96 -25.08 18.20 -5.87
CA PRO A 96 -25.79 17.92 -4.62
C PRO A 96 -27.30 18.03 -4.84
N SER A 97 -28.04 17.38 -3.94
CA SER A 97 -29.49 17.38 -4.01
C SER A 97 -30.07 18.22 -2.88
N SER A 98 -31.34 18.54 -3.00
CA SER A 98 -32.02 19.32 -1.98
C SER A 98 -31.74 18.75 -0.60
N GLY A 99 -32.14 19.52 0.42
CA GLY A 99 -31.94 19.10 1.79
C GLY A 99 -32.23 17.61 1.96
N GLY A 1 1.19 -23.16 14.12
CA GLY A 1 2.51 -22.93 14.69
C GLY A 1 2.40 -22.21 16.04
N SER A 2 2.10 -20.92 15.97
CA SER A 2 1.97 -20.11 17.17
C SER A 2 3.29 -20.11 17.95
N SER A 3 4.18 -19.24 17.51
CA SER A 3 5.48 -19.12 18.16
C SER A 3 5.92 -17.66 18.19
N GLY A 4 6.63 -17.31 19.25
CA GLY A 4 7.12 -15.95 19.42
C GLY A 4 7.61 -15.37 18.09
N SER A 5 7.48 -14.06 17.97
CA SER A 5 7.90 -13.37 16.76
C SER A 5 8.74 -12.15 17.12
N SER A 6 9.67 -11.82 16.23
CA SER A 6 10.53 -10.67 16.44
C SER A 6 9.80 -9.39 16.08
N GLY A 7 9.46 -8.62 17.11
CA GLY A 7 8.77 -7.36 16.92
C GLY A 7 9.72 -6.16 17.05
N VAL A 8 9.85 -5.44 15.95
CA VAL A 8 10.73 -4.27 15.93
C VAL A 8 9.94 -3.06 15.44
N SER A 9 10.55 -1.90 15.60
CA SER A 9 9.92 -0.65 15.19
C SER A 9 10.81 0.08 14.19
N SER A 10 10.45 -0.03 12.92
CA SER A 10 11.21 0.61 11.86
C SER A 10 10.45 1.84 11.33
N GLN A 11 11.14 2.96 11.30
CA GLN A 11 10.54 4.20 10.82
C GLN A 11 9.76 3.94 9.53
N GLU A 12 8.91 4.90 9.19
CA GLU A 12 8.10 4.79 7.98
C GLU A 12 7.28 3.50 8.02
N THR A 13 6.00 3.66 8.35
CA THR A 13 5.10 2.52 8.42
C THR A 13 3.89 2.75 7.51
N GLN A 14 3.17 3.82 7.81
CA GLN A 14 1.98 4.15 7.03
C GLN A 14 2.38 4.85 5.73
N GLY A 15 3.18 4.14 4.95
CA GLY A 15 3.65 4.67 3.68
C GLY A 15 2.79 4.15 2.53
N GLY A 16 2.97 2.87 2.24
CA GLY A 16 2.22 2.23 1.17
C GLY A 16 0.97 1.52 1.70
N PRO A 17 0.60 0.42 1.00
CA PRO A 17 -0.57 -0.36 1.40
C PRO A 17 -0.27 -1.20 2.64
N LEU A 18 -1.33 -1.63 3.30
CA LEU A 18 -1.19 -2.44 4.50
C LEU A 18 -1.86 -3.81 4.26
N ALA A 19 -1.15 -4.84 4.68
CA ALA A 19 -1.66 -6.20 4.53
C ALA A 19 -3.07 -6.29 5.12
N PRO A 20 -3.93 -7.10 4.45
CA PRO A 20 -5.29 -7.28 4.90
C PRO A 20 -5.35 -8.18 6.13
N MET A 21 -4.66 -9.31 6.05
CA MET A 21 -4.62 -10.25 7.15
C MET A 21 -3.34 -11.08 7.12
N THR A 22 -3.13 -11.84 8.19
CA THR A 22 -1.95 -12.68 8.30
C THR A 22 -2.02 -13.82 7.28
N GLY A 23 -1.10 -13.78 6.33
CA GLY A 23 -1.04 -14.80 5.30
C GLY A 23 0.38 -14.96 4.77
N THR A 24 0.48 -15.55 3.58
CA THR A 24 1.77 -15.77 2.94
C THR A 24 1.78 -15.14 1.56
N ILE A 25 2.93 -14.56 1.22
CA ILE A 25 3.11 -13.92 -0.07
C ILE A 25 3.26 -15.00 -1.15
N GLU A 26 2.21 -15.15 -1.95
CA GLU A 26 2.23 -16.14 -3.02
C GLU A 26 3.01 -15.61 -4.22
N LYS A 27 2.63 -14.41 -4.65
CA LYS A 27 3.28 -13.79 -5.79
C LYS A 27 3.63 -12.33 -5.44
N VAL A 28 4.40 -11.71 -6.32
CA VAL A 28 4.81 -10.33 -6.12
C VAL A 28 4.99 -9.65 -7.47
N PHE A 29 4.00 -8.85 -7.83
CA PHE A 29 4.04 -8.14 -9.09
C PHE A 29 4.45 -6.67 -8.89
N VAL A 30 5.53 -6.50 -8.12
CA VAL A 30 6.03 -5.17 -7.84
C VAL A 30 7.56 -5.23 -7.75
N LYS A 31 8.15 -4.07 -7.51
CA LYS A 31 9.60 -3.97 -7.41
C LYS A 31 10.00 -2.51 -7.23
N ALA A 32 11.25 -2.31 -6.81
CA ALA A 32 11.75 -0.97 -6.60
C ALA A 32 11.83 -0.24 -7.94
N GLY A 33 11.55 1.05 -7.90
CA GLY A 33 11.59 1.87 -9.10
C GLY A 33 10.58 1.37 -10.13
N ASP A 34 9.55 0.70 -9.63
CA ASP A 34 8.52 0.16 -10.51
C ASP A 34 7.39 1.18 -10.63
N LYS A 35 6.45 0.86 -11.51
CA LYS A 35 5.31 1.74 -11.73
C LYS A 35 4.02 0.94 -11.56
N VAL A 36 3.10 1.51 -10.78
CA VAL A 36 1.83 0.86 -10.52
C VAL A 36 0.71 1.91 -10.56
N LYS A 37 -0.52 1.42 -10.67
CA LYS A 37 -1.67 2.31 -10.70
C LYS A 37 -2.73 1.81 -9.71
N ALA A 38 -3.36 2.74 -9.04
CA ALA A 38 -4.39 2.41 -8.06
C ALA A 38 -5.24 1.26 -8.60
N GLY A 39 -5.22 0.16 -7.87
CA GLY A 39 -5.99 -1.01 -8.27
C GLY A 39 -5.07 -2.12 -8.76
N ASP A 40 -4.05 -1.72 -9.51
CA ASP A 40 -3.10 -2.68 -10.04
C ASP A 40 -2.78 -3.73 -8.98
N SER A 41 -2.62 -4.96 -9.44
CA SER A 41 -2.31 -6.06 -8.55
C SER A 41 -0.84 -6.01 -8.13
N LEU A 42 -0.62 -5.57 -6.90
CA LEU A 42 0.72 -5.46 -6.37
C LEU A 42 1.29 -6.87 -6.13
N MET A 43 0.71 -7.56 -5.18
CA MET A 43 1.14 -8.90 -4.86
C MET A 43 -0.06 -9.80 -4.50
N VAL A 44 0.25 -11.07 -4.26
CA VAL A 44 -0.78 -12.03 -3.91
C VAL A 44 -0.42 -12.69 -2.58
N MET A 45 -1.41 -12.72 -1.70
CA MET A 45 -1.21 -13.32 -0.38
C MET A 45 -2.11 -14.56 -0.21
N ILE A 46 -1.84 -15.30 0.86
CA ILE A 46 -2.60 -16.49 1.15
C ILE A 46 -2.81 -16.60 2.67
N ALA A 47 -4.06 -16.48 3.07
CA ALA A 47 -4.40 -16.56 4.49
C ALA A 47 -5.17 -17.86 4.74
N MET A 48 -6.42 -17.88 4.32
CA MET A 48 -7.26 -19.04 4.49
C MET A 48 -7.27 -19.91 3.22
N LYS A 49 -6.10 -20.47 2.93
CA LYS A 49 -5.97 -21.32 1.75
C LYS A 49 -6.63 -20.64 0.56
N MET A 50 -6.66 -19.32 0.60
CA MET A 50 -7.26 -18.55 -0.47
C MET A 50 -6.30 -17.46 -0.97
N GLU A 51 -6.32 -17.27 -2.29
CA GLU A 51 -5.46 -16.28 -2.91
C GLU A 51 -6.09 -14.89 -2.79
N HIS A 52 -5.32 -13.97 -2.22
CA HIS A 52 -5.80 -12.60 -2.05
C HIS A 52 -5.09 -11.69 -3.04
N THR A 53 -5.82 -10.67 -3.49
CA THR A 53 -5.28 -9.72 -4.44
C THR A 53 -5.18 -8.33 -3.81
N ILE A 54 -3.99 -8.01 -3.32
CA ILE A 54 -3.76 -6.72 -2.70
C ILE A 54 -3.73 -5.64 -3.76
N LYS A 55 -4.86 -4.95 -3.90
CA LYS A 55 -4.97 -3.89 -4.88
C LYS A 55 -4.29 -2.62 -4.34
N SER A 56 -3.38 -2.09 -5.15
CA SER A 56 -2.66 -0.88 -4.76
C SER A 56 -3.64 0.17 -4.26
N PRO A 57 -3.18 0.96 -3.25
CA PRO A 57 -4.00 2.01 -2.68
C PRO A 57 -4.09 3.21 -3.62
N LYS A 58 -3.01 3.42 -4.37
CA LYS A 58 -2.96 4.53 -5.31
C LYS A 58 -1.71 4.39 -6.18
N ASP A 59 -1.73 5.08 -7.31
CA ASP A 59 -0.61 5.04 -8.24
C ASP A 59 0.63 5.60 -7.55
N GLY A 60 1.78 5.15 -8.01
CA GLY A 60 3.05 5.60 -7.46
C GLY A 60 4.21 4.72 -7.93
N THR A 61 5.41 5.15 -7.60
CA THR A 61 6.61 4.41 -7.99
C THR A 61 7.17 3.64 -6.79
N VAL A 62 6.93 2.34 -6.80
CA VAL A 62 7.40 1.49 -5.73
C VAL A 62 8.85 1.84 -5.40
N LYS A 63 9.03 2.45 -4.23
CA LYS A 63 10.35 2.84 -3.80
C LYS A 63 11.18 1.59 -3.50
N LYS A 64 10.69 0.81 -2.55
CA LYS A 64 11.37 -0.41 -2.15
C LYS A 64 10.37 -1.36 -1.50
N VAL A 65 10.51 -2.64 -1.83
CA VAL A 65 9.63 -3.65 -1.28
C VAL A 65 10.22 -4.18 0.03
N PHE A 66 9.33 -4.69 0.87
CA PHE A 66 9.75 -5.22 2.16
C PHE A 66 9.46 -6.73 2.25
N TYR A 67 8.40 -7.13 1.57
CA TYR A 67 8.01 -8.54 1.56
C TYR A 67 8.15 -9.13 0.16
N ARG A 68 8.51 -10.40 0.12
CA ARG A 68 8.68 -11.09 -1.14
C ARG A 68 7.91 -12.42 -1.13
N GLU A 69 8.01 -13.14 -2.24
CA GLU A 69 7.33 -14.41 -2.36
C GLU A 69 7.75 -15.35 -1.23
N GLY A 70 6.75 -15.99 -0.63
CA GLY A 70 7.00 -16.91 0.46
C GLY A 70 7.37 -16.16 1.74
N ALA A 71 6.71 -15.03 1.94
CA ALA A 71 6.97 -14.20 3.11
C ALA A 71 5.71 -14.19 4.00
N GLN A 72 5.95 -14.00 5.28
CA GLN A 72 4.85 -13.97 6.24
C GLN A 72 4.63 -12.54 6.75
N ALA A 73 3.48 -11.99 6.40
CA ALA A 73 3.14 -10.64 6.80
C ALA A 73 2.11 -10.70 7.94
N ASN A 74 1.97 -9.56 8.62
CA ASN A 74 1.04 -9.47 9.73
C ASN A 74 -0.14 -8.60 9.33
N ARG A 75 -1.17 -8.64 10.15
CA ARG A 75 -2.37 -7.84 9.90
C ARG A 75 -2.09 -6.37 10.13
N HIS A 76 -2.06 -5.61 9.05
CA HIS A 76 -1.81 -4.19 9.12
C HIS A 76 -0.30 -3.94 9.14
N THR A 77 0.35 -4.42 8.09
CA THR A 77 1.80 -4.26 7.96
C THR A 77 2.14 -3.66 6.61
N PRO A 78 3.30 -2.94 6.58
CA PRO A 78 3.76 -2.31 5.35
C PRO A 78 4.34 -3.35 4.38
N LEU A 79 3.68 -3.48 3.25
CA LEU A 79 4.11 -4.43 2.23
C LEU A 79 5.11 -3.74 1.28
N VAL A 80 4.67 -2.62 0.73
CA VAL A 80 5.50 -1.86 -0.18
C VAL A 80 5.51 -0.39 0.23
N GLU A 81 6.59 0.29 -0.13
CA GLU A 81 6.74 1.69 0.20
C GLU A 81 6.84 2.53 -1.07
N PHE A 82 5.94 3.50 -1.18
CA PHE A 82 5.91 4.38 -2.33
C PHE A 82 6.99 5.47 -2.22
N GLU A 83 7.40 5.97 -3.37
CA GLU A 83 8.42 7.01 -3.42
C GLU A 83 7.87 8.32 -2.84
N GLU A 84 8.78 9.25 -2.61
CA GLU A 84 8.40 10.54 -2.06
C GLU A 84 7.50 11.29 -3.04
N GLU A 85 6.72 12.23 -2.49
CA GLU A 85 5.82 13.02 -3.30
C GLU A 85 6.60 14.05 -4.12
N GLU A 86 5.94 14.56 -5.15
CA GLU A 86 6.55 15.55 -6.02
C GLU A 86 5.68 16.79 -6.11
N SER A 87 4.41 16.55 -6.42
CA SER A 87 3.45 17.64 -6.54
C SER A 87 2.06 17.17 -6.14
N ASP A 88 1.59 16.14 -6.85
CA ASP A 88 0.27 15.58 -6.58
C ASP A 88 -0.71 16.72 -6.30
N LYS A 89 -1.05 17.43 -7.36
CA LYS A 89 -1.98 18.54 -7.25
C LYS A 89 -3.33 18.13 -7.85
N ARG A 90 -4.10 17.41 -7.05
CA ARG A 90 -5.41 16.95 -7.50
C ARG A 90 -6.40 18.11 -7.49
N GLU A 91 -6.77 18.55 -8.68
CA GLU A 91 -7.72 19.64 -8.82
C GLU A 91 -9.14 19.10 -8.94
N SER A 92 -9.93 19.37 -7.91
CA SER A 92 -11.31 18.92 -7.88
C SER A 92 -12.20 19.91 -8.63
N GLU A 93 -13.35 19.42 -9.06
CA GLU A 93 -14.29 20.25 -9.80
C GLU A 93 -15.72 19.97 -9.31
N SER A 94 -16.56 20.99 -9.46
CA SER A 94 -17.95 20.87 -9.06
C SER A 94 -18.86 21.57 -10.07
N GLY A 95 -20.13 21.64 -9.72
CA GLY A 95 -21.12 22.28 -10.59
C GLY A 95 -22.20 22.97 -9.78
N PRO A 96 -21.94 24.26 -9.45
CA PRO A 96 -22.90 25.04 -8.67
C PRO A 96 -24.09 25.47 -9.53
N SER A 97 -25.23 24.88 -9.22
CA SER A 97 -26.45 25.18 -9.95
C SER A 97 -27.26 26.22 -9.20
N SER A 98 -27.85 27.14 -9.97
CA SER A 98 -28.66 28.20 -9.37
C SER A 98 -29.45 28.91 -10.47
N GLY A 99 -30.33 29.81 -10.03
CA GLY A 99 -31.15 30.57 -10.96
C GLY A 99 -31.54 31.93 -10.37
N GLY A 1 11.57 10.64 17.73
CA GLY A 1 10.94 11.93 17.46
C GLY A 1 10.31 12.51 18.73
N SER A 2 8.99 12.58 18.71
CA SER A 2 8.25 13.11 19.85
C SER A 2 7.52 11.97 20.57
N SER A 3 6.67 11.29 19.82
CA SER A 3 5.90 10.19 20.37
C SER A 3 4.77 10.73 21.25
N GLY A 4 5.14 11.48 22.27
CA GLY A 4 4.17 12.06 23.17
C GLY A 4 3.32 13.12 22.48
N SER A 5 3.89 14.29 22.34
CA SER A 5 3.19 15.40 21.69
C SER A 5 2.46 14.88 20.44
N SER A 6 1.20 15.28 20.34
CA SER A 6 0.38 14.87 19.21
C SER A 6 0.83 15.62 17.95
N GLY A 7 0.93 14.86 16.86
CA GLY A 7 1.34 15.44 15.59
C GLY A 7 1.56 14.34 14.54
N VAL A 8 1.26 14.69 13.30
CA VAL A 8 1.42 13.76 12.19
C VAL A 8 2.58 14.21 11.30
N SER A 9 3.79 13.87 11.75
CA SER A 9 4.98 14.24 11.00
C SER A 9 6.12 13.28 11.33
N SER A 10 6.10 12.14 10.66
CA SER A 10 7.12 11.13 10.88
C SER A 10 7.05 10.06 9.78
N GLN A 11 5.88 9.43 9.71
CA GLN A 11 5.66 8.40 8.70
C GLN A 11 6.77 7.34 8.79
N GLU A 12 6.52 6.34 9.63
CA GLU A 12 7.48 5.27 9.81
C GLU A 12 6.98 3.98 9.13
N THR A 13 5.82 3.54 9.58
CA THR A 13 5.22 2.33 9.03
C THR A 13 4.09 2.69 8.06
N GLN A 14 3.58 3.90 8.21
CA GLN A 14 2.50 4.38 7.37
C GLN A 14 3.08 4.97 6.07
N GLY A 15 2.47 4.58 4.96
CA GLY A 15 2.90 5.06 3.66
C GLY A 15 2.23 4.28 2.54
N GLY A 16 2.66 3.05 2.38
CA GLY A 16 2.11 2.18 1.35
C GLY A 16 0.87 1.44 1.85
N PRO A 17 0.52 0.35 1.13
CA PRO A 17 -0.64 -0.45 1.49
C PRO A 17 -0.35 -1.32 2.71
N LEU A 18 -1.41 -1.69 3.40
CA LEU A 18 -1.28 -2.51 4.59
C LEU A 18 -2.04 -3.83 4.38
N ALA A 19 -1.35 -4.92 4.64
CA ALA A 19 -1.94 -6.24 4.49
C ALA A 19 -3.29 -6.27 5.23
N PRO A 20 -4.23 -7.07 4.66
CA PRO A 20 -5.56 -7.20 5.24
C PRO A 20 -5.52 -8.09 6.49
N MET A 21 -4.90 -9.25 6.34
CA MET A 21 -4.78 -10.20 7.43
C MET A 21 -3.46 -10.97 7.35
N THR A 22 -3.16 -11.66 8.44
CA THR A 22 -1.94 -12.44 8.51
C THR A 22 -1.93 -13.51 7.41
N GLY A 23 -1.06 -13.30 6.43
CA GLY A 23 -0.95 -14.23 5.31
C GLY A 23 0.48 -14.27 4.78
N THR A 24 0.68 -15.09 3.77
CA THR A 24 1.99 -15.23 3.15
C THR A 24 1.95 -14.77 1.70
N ILE A 25 2.93 -13.96 1.33
CA ILE A 25 3.03 -13.44 -0.02
C ILE A 25 3.34 -14.59 -0.98
N GLU A 26 2.32 -15.02 -1.71
CA GLU A 26 2.47 -16.10 -2.66
C GLU A 26 3.17 -15.60 -3.92
N LYS A 27 2.65 -14.51 -4.46
CA LYS A 27 3.21 -13.92 -5.66
C LYS A 27 3.61 -12.47 -5.37
N VAL A 28 4.46 -11.94 -6.25
CA VAL A 28 4.93 -10.57 -6.10
C VAL A 28 5.09 -9.94 -7.49
N PHE A 29 4.07 -9.21 -7.89
CA PHE A 29 4.08 -8.55 -9.18
C PHE A 29 4.46 -7.08 -9.04
N VAL A 30 5.56 -6.84 -8.35
CA VAL A 30 6.04 -5.49 -8.13
C VAL A 30 7.56 -5.51 -7.95
N LYS A 31 8.09 -4.34 -7.60
CA LYS A 31 9.52 -4.22 -7.38
C LYS A 31 9.85 -2.79 -6.95
N ALA A 32 11.14 -2.48 -6.92
CA ALA A 32 11.59 -1.15 -6.54
C ALA A 32 11.81 -0.32 -7.80
N GLY A 33 11.49 0.97 -7.68
CA GLY A 33 11.66 1.88 -8.79
C GLY A 33 10.74 1.50 -9.95
N ASP A 34 9.65 0.84 -9.61
CA ASP A 34 8.68 0.41 -10.62
C ASP A 34 7.51 1.39 -10.65
N LYS A 35 6.63 1.18 -11.62
CA LYS A 35 5.46 2.04 -11.78
C LYS A 35 4.21 1.17 -11.80
N VAL A 36 3.17 1.67 -11.13
CA VAL A 36 1.90 0.95 -11.07
C VAL A 36 0.76 1.94 -11.25
N LYS A 37 -0.45 1.39 -11.27
CA LYS A 37 -1.64 2.22 -11.43
C LYS A 37 -2.63 1.90 -10.31
N ALA A 38 -3.15 2.96 -9.71
CA ALA A 38 -4.11 2.81 -8.62
C ALA A 38 -5.07 1.67 -8.96
N GLY A 39 -5.02 0.63 -8.12
CA GLY A 39 -5.89 -0.52 -8.32
C GLY A 39 -5.21 -1.57 -9.20
N ASP A 40 -3.95 -1.85 -8.87
CA ASP A 40 -3.18 -2.83 -9.62
C ASP A 40 -2.77 -3.96 -8.68
N SER A 41 -2.79 -5.18 -9.22
CA SER A 41 -2.42 -6.34 -8.44
C SER A 41 -0.92 -6.32 -8.14
N LEU A 42 -0.60 -5.79 -6.97
CA LEU A 42 0.79 -5.70 -6.55
C LEU A 42 1.33 -7.10 -6.26
N MET A 43 0.85 -7.68 -5.17
CA MET A 43 1.27 -9.01 -4.77
C MET A 43 0.07 -9.87 -4.39
N VAL A 44 0.36 -11.12 -4.06
CA VAL A 44 -0.68 -12.05 -3.67
C VAL A 44 -0.33 -12.68 -2.32
N MET A 45 -1.32 -12.76 -1.44
CA MET A 45 -1.13 -13.33 -0.12
C MET A 45 -1.92 -14.62 0.03
N ILE A 46 -1.60 -15.35 1.09
CA ILE A 46 -2.28 -16.61 1.37
C ILE A 46 -2.60 -16.69 2.87
N ALA A 47 -3.89 -16.56 3.16
CA ALA A 47 -4.34 -16.61 4.55
C ALA A 47 -5.19 -17.86 4.75
N MET A 48 -6.38 -17.82 4.18
CA MET A 48 -7.31 -18.95 4.28
C MET A 48 -7.34 -19.76 2.99
N LYS A 49 -6.22 -20.39 2.69
CA LYS A 49 -6.11 -21.20 1.49
C LYS A 49 -6.73 -20.44 0.32
N MET A 50 -6.71 -19.11 0.42
CA MET A 50 -7.26 -18.26 -0.62
C MET A 50 -6.23 -17.24 -1.09
N GLU A 51 -6.35 -16.89 -2.37
CA GLU A 51 -5.44 -15.92 -2.96
C GLU A 51 -6.01 -14.51 -2.83
N HIS A 52 -5.32 -13.69 -2.05
CA HIS A 52 -5.75 -12.31 -1.85
C HIS A 52 -4.93 -11.38 -2.74
N THR A 53 -5.63 -10.69 -3.61
CA THR A 53 -4.99 -9.76 -4.54
C THR A 53 -4.85 -8.38 -3.88
N ILE A 54 -3.65 -8.12 -3.39
CA ILE A 54 -3.37 -6.84 -2.74
C ILE A 54 -3.34 -5.73 -3.80
N LYS A 55 -4.46 -5.05 -3.92
CA LYS A 55 -4.57 -3.97 -4.90
C LYS A 55 -3.93 -2.70 -4.31
N SER A 56 -3.30 -1.93 -5.19
CA SER A 56 -2.66 -0.70 -4.78
C SER A 56 -3.70 0.30 -4.27
N PRO A 57 -3.33 1.01 -3.17
CA PRO A 57 -4.23 2.00 -2.59
C PRO A 57 -4.28 3.27 -3.43
N LYS A 58 -3.17 3.54 -4.11
CA LYS A 58 -3.07 4.71 -4.96
C LYS A 58 -1.92 4.53 -5.95
N ASP A 59 -1.78 5.50 -6.84
CA ASP A 59 -0.74 5.45 -7.84
C ASP A 59 0.57 5.94 -7.22
N GLY A 60 1.67 5.37 -7.71
CA GLY A 60 2.98 5.73 -7.22
C GLY A 60 4.04 4.72 -7.68
N THR A 61 5.30 5.13 -7.56
CA THR A 61 6.40 4.28 -7.96
C THR A 61 6.97 3.54 -6.75
N VAL A 62 6.70 2.24 -6.71
CA VAL A 62 7.17 1.41 -5.62
C VAL A 62 8.63 1.77 -5.31
N LYS A 63 8.85 2.24 -4.09
CA LYS A 63 10.18 2.63 -3.66
C LYS A 63 10.98 1.37 -3.30
N LYS A 64 10.43 0.61 -2.37
CA LYS A 64 11.08 -0.62 -1.93
C LYS A 64 10.03 -1.59 -1.38
N VAL A 65 10.30 -2.87 -1.54
CA VAL A 65 9.39 -3.90 -1.06
C VAL A 65 9.84 -4.37 0.31
N PHE A 66 8.87 -4.77 1.13
CA PHE A 66 9.15 -5.25 2.47
C PHE A 66 9.02 -6.77 2.54
N TYR A 67 8.17 -7.32 1.68
CA TYR A 67 7.95 -8.75 1.64
C TYR A 67 8.00 -9.27 0.20
N ARG A 68 8.64 -10.41 0.05
CA ARG A 68 8.75 -11.02 -1.28
C ARG A 68 7.99 -12.35 -1.31
N GLU A 69 8.15 -13.05 -2.42
CA GLU A 69 7.49 -14.34 -2.60
C GLU A 69 7.83 -15.28 -1.44
N GLY A 70 6.82 -15.99 -0.97
CA GLY A 70 7.02 -16.93 0.13
C GLY A 70 7.47 -16.20 1.40
N ALA A 71 6.84 -15.06 1.63
CA ALA A 71 7.15 -14.27 2.81
C ALA A 71 5.98 -14.31 3.78
N GLN A 72 6.27 -13.95 5.02
CA GLN A 72 5.26 -13.94 6.06
C GLN A 72 4.96 -12.51 6.50
N ALA A 73 3.70 -12.13 6.38
CA ALA A 73 3.28 -10.80 6.76
C ALA A 73 2.25 -10.89 7.90
N ASN A 74 2.04 -9.77 8.56
CA ASN A 74 1.10 -9.71 9.66
C ASN A 74 -0.03 -8.73 9.32
N ARG A 75 -1.06 -8.75 10.15
CA ARG A 75 -2.20 -7.88 9.95
C ARG A 75 -1.80 -6.42 10.17
N HIS A 76 -2.05 -5.61 9.15
CA HIS A 76 -1.72 -4.19 9.23
C HIS A 76 -0.21 -4.01 9.16
N THR A 77 0.37 -4.54 8.09
CA THR A 77 1.81 -4.44 7.89
C THR A 77 2.13 -3.87 6.51
N PRO A 78 3.31 -3.20 6.43
CA PRO A 78 3.74 -2.60 5.18
C PRO A 78 4.23 -3.66 4.20
N LEU A 79 3.63 -3.66 3.01
CA LEU A 79 4.01 -4.62 1.99
C LEU A 79 4.95 -3.94 0.99
N VAL A 80 4.48 -2.84 0.43
CA VAL A 80 5.27 -2.10 -0.55
C VAL A 80 5.29 -0.62 -0.15
N GLU A 81 6.36 0.05 -0.52
CA GLU A 81 6.52 1.46 -0.22
C GLU A 81 6.47 2.29 -1.50
N PHE A 82 5.94 3.50 -1.38
CA PHE A 82 5.83 4.39 -2.51
C PHE A 82 6.92 5.46 -2.49
N GLU A 83 7.23 5.97 -3.66
CA GLU A 83 8.26 6.99 -3.78
C GLU A 83 7.71 8.36 -3.37
N GLU A 84 8.61 9.32 -3.23
CA GLU A 84 8.23 10.66 -2.83
C GLU A 84 7.33 11.29 -3.91
N GLU A 85 6.06 11.42 -3.58
CA GLU A 85 5.10 12.00 -4.50
C GLU A 85 5.50 13.44 -4.83
N GLU A 86 4.92 13.95 -5.92
CA GLU A 86 5.20 15.30 -6.36
C GLU A 86 3.93 15.97 -6.86
N SER A 87 3.19 15.23 -7.68
CA SER A 87 1.95 15.73 -8.25
C SER A 87 0.77 15.29 -7.39
N ASP A 88 -0.01 16.27 -6.94
CA ASP A 88 -1.17 15.99 -6.11
C ASP A 88 -1.93 17.29 -5.86
N LYS A 89 -2.90 17.54 -6.74
CA LYS A 89 -3.71 18.74 -6.62
C LYS A 89 -5.11 18.36 -6.12
N ARG A 90 -5.40 18.82 -4.90
CA ARG A 90 -6.68 18.54 -4.29
C ARG A 90 -7.77 19.42 -4.91
N GLU A 91 -7.57 20.73 -4.80
CA GLU A 91 -8.52 21.68 -5.35
C GLU A 91 -9.89 21.50 -4.69
N SER A 92 -10.16 22.38 -3.74
CA SER A 92 -11.43 22.32 -3.03
C SER A 92 -11.96 23.73 -2.77
N GLU A 93 -13.27 23.87 -2.80
CA GLU A 93 -13.90 25.16 -2.58
C GLU A 93 -14.75 25.12 -1.31
N SER A 94 -14.73 26.21 -0.58
CA SER A 94 -15.49 26.32 0.66
C SER A 94 -16.23 27.66 0.70
N GLY A 95 -17.14 27.76 1.66
CA GLY A 95 -17.92 28.98 1.82
C GLY A 95 -18.04 29.35 3.30
N PRO A 96 -18.31 30.66 3.54
CA PRO A 96 -18.45 31.17 4.90
C PRO A 96 -19.79 30.75 5.50
N SER A 97 -19.93 31.01 6.79
CA SER A 97 -21.15 30.68 7.50
C SER A 97 -21.21 31.40 8.83
N SER A 98 -22.41 31.45 9.40
CA SER A 98 -22.60 32.12 10.67
C SER A 98 -22.34 33.62 10.53
N GLY A 99 -22.79 34.37 11.53
CA GLY A 99 -22.61 35.81 11.53
C GLY A 99 -21.24 36.19 10.97
N GLY A 1 13.27 29.34 3.69
CA GLY A 1 12.59 28.06 3.56
C GLY A 1 12.73 27.23 4.84
N SER A 2 11.71 26.41 5.08
CA SER A 2 11.70 25.56 6.25
C SER A 2 10.73 24.40 6.05
N SER A 3 9.48 24.75 5.80
CA SER A 3 8.45 23.75 5.58
C SER A 3 7.12 24.43 5.23
N GLY A 4 6.18 23.62 4.77
CA GLY A 4 4.87 24.12 4.39
C GLY A 4 3.78 23.56 5.30
N SER A 5 2.55 23.64 4.83
CA SER A 5 1.41 23.13 5.59
C SER A 5 1.49 21.61 5.69
N SER A 6 1.29 21.11 6.89
CA SER A 6 1.32 19.68 7.14
C SER A 6 -0.06 19.08 6.91
N GLY A 7 -0.07 17.95 6.23
CA GLY A 7 -1.31 17.26 5.93
C GLY A 7 -1.69 16.30 7.06
N VAL A 8 -0.89 15.26 7.21
CA VAL A 8 -1.13 14.26 8.25
C VAL A 8 -0.82 14.88 9.61
N SER A 9 -1.56 14.42 10.61
CA SER A 9 -1.39 14.90 11.97
C SER A 9 -1.21 13.73 12.93
N SER A 10 -2.19 12.84 12.91
CA SER A 10 -2.15 11.67 13.78
C SER A 10 -2.38 10.40 12.95
N GLN A 11 -1.34 9.59 12.88
CA GLN A 11 -1.41 8.34 12.14
C GLN A 11 -0.17 7.49 12.41
N GLU A 12 -0.41 6.28 12.87
CA GLU A 12 0.67 5.36 13.17
C GLU A 12 1.66 5.29 11.99
N THR A 13 1.13 4.89 10.85
CA THR A 13 1.94 4.79 9.64
C THR A 13 1.17 5.30 8.43
N GLN A 14 1.92 5.61 7.38
CA GLN A 14 1.33 6.11 6.16
C GLN A 14 2.26 5.88 4.97
N GLY A 15 1.69 5.95 3.78
CA GLY A 15 2.46 5.76 2.56
C GLY A 15 2.72 4.27 2.32
N GLY A 16 1.82 3.66 1.57
CA GLY A 16 1.93 2.25 1.25
C GLY A 16 0.71 1.47 1.77
N PRO A 17 0.40 0.36 1.06
CA PRO A 17 -0.73 -0.48 1.44
C PRO A 17 -0.39 -1.32 2.66
N LEU A 18 -1.44 -1.84 3.29
CA LEU A 18 -1.28 -2.67 4.47
C LEU A 18 -1.99 -4.00 4.26
N ALA A 19 -1.34 -5.06 4.73
CA ALA A 19 -1.90 -6.40 4.60
C ALA A 19 -3.27 -6.44 5.28
N PRO A 20 -4.20 -7.20 4.64
CA PRO A 20 -5.55 -7.33 5.17
C PRO A 20 -5.57 -8.27 6.37
N MET A 21 -4.64 -9.21 6.36
CA MET A 21 -4.54 -10.19 7.44
C MET A 21 -3.30 -11.07 7.27
N THR A 22 -3.01 -11.84 8.32
CA THR A 22 -1.86 -12.72 8.30
C THR A 22 -2.00 -13.75 7.17
N GLY A 23 -0.94 -13.88 6.39
CA GLY A 23 -0.93 -14.82 5.28
C GLY A 23 0.49 -15.02 4.75
N THR A 24 0.57 -15.55 3.54
CA THR A 24 1.85 -15.80 2.92
C THR A 24 1.90 -15.19 1.52
N ILE A 25 2.96 -14.44 1.27
CA ILE A 25 3.13 -13.78 -0.01
C ILE A 25 3.30 -14.85 -1.10
N GLU A 26 2.21 -15.09 -1.82
CA GLU A 26 2.23 -16.07 -2.89
C GLU A 26 3.04 -15.56 -4.07
N LYS A 27 2.61 -14.42 -4.59
CA LYS A 27 3.28 -13.81 -5.73
C LYS A 27 3.56 -12.33 -5.42
N VAL A 28 4.47 -11.76 -6.19
CA VAL A 28 4.83 -10.37 -6.02
C VAL A 28 5.06 -9.72 -7.39
N PHE A 29 4.02 -9.04 -7.86
CA PHE A 29 4.08 -8.37 -9.14
C PHE A 29 4.50 -6.90 -8.98
N VAL A 30 5.56 -6.70 -8.22
CA VAL A 30 6.06 -5.36 -7.98
C VAL A 30 7.58 -5.39 -7.88
N LYS A 31 8.15 -4.27 -7.47
CA LYS A 31 9.59 -4.16 -7.34
C LYS A 31 9.96 -2.73 -6.93
N ALA A 32 11.25 -2.45 -6.98
CA ALA A 32 11.74 -1.12 -6.61
C ALA A 32 11.93 -0.29 -7.88
N GLY A 33 11.54 0.97 -7.78
CA GLY A 33 11.65 1.89 -8.91
C GLY A 33 10.72 1.48 -10.05
N ASP A 34 9.62 0.85 -9.66
CA ASP A 34 8.63 0.40 -10.64
C ASP A 34 7.47 1.40 -10.67
N LYS A 35 6.59 1.20 -11.64
CA LYS A 35 5.44 2.06 -11.80
C LYS A 35 4.16 1.21 -11.82
N VAL A 36 3.15 1.69 -11.10
CA VAL A 36 1.89 0.98 -11.03
C VAL A 36 0.75 2.00 -11.17
N LYS A 37 -0.47 1.46 -11.27
CA LYS A 37 -1.65 2.30 -11.40
C LYS A 37 -2.66 1.91 -10.32
N ALA A 38 -3.22 2.93 -9.68
CA ALA A 38 -4.20 2.72 -8.64
C ALA A 38 -5.13 1.59 -9.05
N GLY A 39 -5.19 0.57 -8.19
CA GLY A 39 -6.04 -0.58 -8.45
C GLY A 39 -5.33 -1.59 -9.34
N ASP A 40 -4.05 -1.76 -9.07
CA ASP A 40 -3.24 -2.70 -9.84
C ASP A 40 -2.77 -3.83 -8.93
N SER A 41 -2.81 -5.05 -9.47
CA SER A 41 -2.39 -6.22 -8.72
C SER A 41 -0.92 -6.10 -8.34
N LEU A 42 -0.69 -5.72 -7.09
CA LEU A 42 0.67 -5.57 -6.59
C LEU A 42 1.27 -6.95 -6.33
N MET A 43 0.70 -7.62 -5.33
CA MET A 43 1.16 -8.94 -4.96
C MET A 43 -0.01 -9.85 -4.60
N VAL A 44 0.31 -11.11 -4.33
CA VAL A 44 -0.70 -12.09 -3.97
C VAL A 44 -0.36 -12.69 -2.61
N MET A 45 -1.36 -12.71 -1.74
CA MET A 45 -1.18 -13.27 -0.41
C MET A 45 -2.11 -14.46 -0.18
N ILE A 46 -1.78 -15.24 0.84
CA ILE A 46 -2.57 -16.41 1.18
C ILE A 46 -2.70 -16.51 2.69
N ALA A 47 -3.95 -16.50 3.15
CA ALA A 47 -4.22 -16.60 4.57
C ALA A 47 -4.90 -17.93 4.87
N MET A 48 -6.22 -17.92 4.73
CA MET A 48 -7.01 -19.12 4.98
C MET A 48 -7.26 -19.88 3.68
N LYS A 49 -6.21 -20.50 3.17
CA LYS A 49 -6.31 -21.26 1.94
C LYS A 49 -7.10 -20.46 0.91
N MET A 50 -6.75 -19.18 0.81
CA MET A 50 -7.42 -18.30 -0.13
C MET A 50 -6.42 -17.33 -0.77
N GLU A 51 -6.69 -17.00 -2.03
CA GLU A 51 -5.83 -16.08 -2.75
C GLU A 51 -6.32 -14.64 -2.58
N HIS A 52 -5.42 -13.81 -2.07
CA HIS A 52 -5.75 -12.41 -1.84
C HIS A 52 -5.01 -11.54 -2.85
N THR A 53 -5.70 -10.52 -3.33
CA THR A 53 -5.13 -9.61 -4.31
C THR A 53 -5.07 -8.19 -3.75
N ILE A 54 -3.91 -7.85 -3.21
CA ILE A 54 -3.71 -6.53 -2.64
C ILE A 54 -3.47 -5.52 -3.75
N LYS A 55 -4.54 -4.83 -4.14
CA LYS A 55 -4.45 -3.83 -5.20
C LYS A 55 -3.84 -2.55 -4.63
N SER A 56 -3.17 -1.82 -5.50
CA SER A 56 -2.54 -0.57 -5.11
C SER A 56 -3.60 0.41 -4.60
N PRO A 57 -3.24 1.12 -3.50
CA PRO A 57 -4.14 2.09 -2.90
C PRO A 57 -4.21 3.37 -3.74
N LYS A 58 -3.12 3.63 -4.45
CA LYS A 58 -3.04 4.81 -5.29
C LYS A 58 -1.84 4.68 -6.22
N ASP A 59 -1.76 5.61 -7.16
CA ASP A 59 -0.67 5.61 -8.13
C ASP A 59 0.62 6.05 -7.43
N GLY A 60 1.71 5.41 -7.83
CA GLY A 60 3.01 5.73 -7.25
C GLY A 60 4.08 4.74 -7.73
N THR A 61 5.33 5.14 -7.54
CA THR A 61 6.45 4.30 -7.95
C THR A 61 7.08 3.63 -6.73
N VAL A 62 6.86 2.32 -6.62
CA VAL A 62 7.40 1.56 -5.51
C VAL A 62 8.85 1.98 -5.28
N LYS A 63 9.14 2.32 -4.04
CA LYS A 63 10.48 2.74 -3.66
C LYS A 63 11.28 1.52 -3.21
N LYS A 64 10.72 0.81 -2.23
CA LYS A 64 11.37 -0.37 -1.70
C LYS A 64 10.30 -1.33 -1.17
N VAL A 65 10.56 -2.62 -1.35
CA VAL A 65 9.64 -3.65 -0.91
C VAL A 65 10.03 -4.10 0.50
N PHE A 66 9.04 -4.63 1.21
CA PHE A 66 9.26 -5.10 2.57
C PHE A 66 9.14 -6.62 2.65
N TYR A 67 8.34 -7.17 1.75
CA TYR A 67 8.12 -8.60 1.71
C TYR A 67 8.37 -9.15 0.30
N ARG A 68 8.69 -10.44 0.25
CA ARG A 68 8.96 -11.10 -1.01
C ARG A 68 8.17 -12.41 -1.11
N GLU A 69 8.20 -12.99 -2.29
CA GLU A 69 7.50 -14.24 -2.53
C GLU A 69 7.85 -15.26 -1.44
N GLY A 70 6.80 -15.88 -0.90
CA GLY A 70 6.99 -16.86 0.15
C GLY A 70 7.48 -16.21 1.44
N ALA A 71 6.76 -15.17 1.85
CA ALA A 71 7.11 -14.45 3.06
C ALA A 71 5.92 -14.50 4.04
N GLN A 72 6.21 -14.14 5.28
CA GLN A 72 5.18 -14.14 6.31
C GLN A 72 4.88 -12.71 6.75
N ALA A 73 3.65 -12.29 6.48
CA ALA A 73 3.21 -10.95 6.84
C ALA A 73 2.26 -11.03 8.03
N ASN A 74 2.06 -9.88 8.67
CA ASN A 74 1.17 -9.82 9.81
C ASN A 74 0.01 -8.86 9.50
N ARG A 75 -1.00 -8.89 10.36
CA ARG A 75 -2.16 -8.04 10.19
C ARG A 75 -1.78 -6.57 10.41
N HIS A 76 -1.90 -5.79 9.35
CA HIS A 76 -1.58 -4.39 9.41
C HIS A 76 -0.07 -4.20 9.27
N THR A 77 0.46 -4.68 8.15
CA THR A 77 1.88 -4.58 7.89
C THR A 77 2.13 -3.97 6.49
N PRO A 78 3.30 -3.31 6.36
CA PRO A 78 3.66 -2.70 5.09
C PRO A 78 4.09 -3.75 4.06
N LEU A 79 3.51 -3.64 2.88
CA LEU A 79 3.82 -4.57 1.81
C LEU A 79 4.80 -3.92 0.84
N VAL A 80 4.48 -2.69 0.45
CA VAL A 80 5.33 -1.95 -0.48
C VAL A 80 5.34 -0.48 -0.06
N GLU A 81 6.49 0.15 -0.30
CA GLU A 81 6.66 1.55 0.04
C GLU A 81 6.73 2.40 -1.23
N PHE A 82 5.76 3.29 -1.37
CA PHE A 82 5.71 4.15 -2.55
C PHE A 82 6.76 5.26 -2.44
N GLU A 83 7.15 5.77 -3.60
CA GLU A 83 8.14 6.83 -3.66
C GLU A 83 7.58 8.12 -3.06
N GLU A 84 8.46 9.07 -2.83
CA GLU A 84 8.07 10.35 -2.27
C GLU A 84 7.12 11.09 -3.23
N GLU A 85 6.21 11.86 -2.64
CA GLU A 85 5.25 12.60 -3.42
C GLU A 85 5.90 13.88 -3.96
N GLU A 86 5.45 14.28 -5.14
CA GLU A 86 5.96 15.49 -5.77
C GLU A 86 4.82 16.27 -6.43
N SER A 87 4.01 15.55 -7.19
CA SER A 87 2.89 16.17 -7.88
C SER A 87 1.66 16.18 -6.97
N ASP A 88 1.26 17.39 -6.57
CA ASP A 88 0.12 17.56 -5.70
C ASP A 88 -0.74 18.71 -6.22
N LYS A 89 -1.72 18.38 -7.03
CA LYS A 89 -2.61 19.38 -7.60
C LYS A 89 -3.58 19.85 -6.51
N ARG A 90 -4.30 20.92 -6.84
CA ARG A 90 -5.27 21.48 -5.90
C ARG A 90 -6.45 22.08 -6.66
N GLU A 91 -7.45 22.47 -5.90
CA GLU A 91 -8.65 23.06 -6.49
C GLU A 91 -9.08 24.29 -5.70
N SER A 92 -9.90 25.11 -6.34
CA SER A 92 -10.39 26.33 -5.70
C SER A 92 -11.82 26.62 -6.16
N GLU A 93 -12.47 27.51 -5.42
CA GLU A 93 -13.84 27.87 -5.74
C GLU A 93 -14.16 29.26 -5.18
N SER A 94 -15.28 29.80 -5.63
CA SER A 94 -15.71 31.12 -5.19
C SER A 94 -17.14 31.06 -4.66
N GLY A 95 -17.49 32.06 -3.86
CA GLY A 95 -18.82 32.13 -3.28
C GLY A 95 -19.65 33.24 -3.95
N PRO A 96 -20.99 33.02 -3.95
CA PRO A 96 -21.90 33.99 -4.55
C PRO A 96 -22.06 35.22 -3.65
N SER A 97 -22.40 34.96 -2.39
CA SER A 97 -22.57 36.04 -1.43
C SER A 97 -23.83 36.85 -1.78
N SER A 98 -24.44 37.40 -0.73
CA SER A 98 -25.64 38.19 -0.91
C SER A 98 -25.50 39.53 -0.17
N GLY A 99 -26.37 40.45 -0.54
CA GLY A 99 -26.37 41.77 0.09
C GLY A 99 -26.54 41.67 1.60
N GLY A 1 0.94 3.98 10.78
CA GLY A 1 -0.16 4.71 10.16
C GLY A 1 -1.40 4.68 11.06
N SER A 2 -1.95 3.48 11.20
CA SER A 2 -3.15 3.30 12.02
C SER A 2 -2.75 3.22 13.50
N SER A 3 -1.91 2.23 13.80
CA SER A 3 -1.45 2.03 15.17
C SER A 3 0.05 1.76 15.18
N GLY A 4 0.81 2.84 15.31
CA GLY A 4 2.26 2.73 15.35
C GLY A 4 2.75 1.74 14.29
N SER A 5 3.50 0.75 14.76
CA SER A 5 4.05 -0.27 13.87
C SER A 5 4.50 -1.48 14.68
N SER A 6 5.43 -1.22 15.61
CA SER A 6 5.95 -2.28 16.45
C SER A 6 6.71 -3.30 15.61
N GLY A 7 8.02 -3.14 15.57
CA GLY A 7 8.87 -4.04 14.80
C GLY A 7 10.29 -4.05 15.35
N VAL A 8 11.13 -4.87 14.73
CA VAL A 8 12.52 -4.98 15.14
C VAL A 8 13.16 -3.59 15.15
N SER A 9 13.02 -2.90 14.03
CA SER A 9 13.58 -1.56 13.90
C SER A 9 12.71 -0.73 12.97
N SER A 10 11.76 -0.02 13.56
CA SER A 10 10.86 0.82 12.79
C SER A 10 9.96 1.63 13.74
N GLN A 11 9.46 2.73 13.22
CA GLN A 11 8.58 3.60 13.99
C GLN A 11 7.89 4.62 13.08
N GLU A 12 6.65 4.91 13.42
CA GLU A 12 5.87 5.86 12.64
C GLU A 12 6.03 5.58 11.15
N THR A 13 5.41 4.51 10.70
CA THR A 13 5.47 4.12 9.31
C THR A 13 4.28 4.71 8.53
N GLN A 14 4.49 4.90 7.24
CA GLN A 14 3.45 5.44 6.39
C GLN A 14 3.93 5.51 4.93
N GLY A 15 2.98 5.40 4.02
CA GLY A 15 3.29 5.43 2.60
C GLY A 15 3.36 4.02 2.01
N GLY A 16 2.20 3.41 1.89
CA GLY A 16 2.12 2.06 1.35
C GLY A 16 0.89 1.32 1.90
N PRO A 17 0.46 0.29 1.13
CA PRO A 17 -0.69 -0.51 1.54
C PRO A 17 -0.33 -1.47 2.67
N LEU A 18 -1.14 -1.42 3.72
CA LEU A 18 -0.91 -2.28 4.87
C LEU A 18 -1.61 -3.62 4.65
N ALA A 19 -0.92 -4.68 5.00
CA ALA A 19 -1.45 -6.02 4.84
C ALA A 19 -2.89 -6.04 5.37
N PRO A 20 -3.78 -6.73 4.59
CA PRO A 20 -5.17 -6.83 4.97
C PRO A 20 -5.36 -7.84 6.10
N MET A 21 -4.88 -9.05 5.86
CA MET A 21 -4.98 -10.11 6.86
C MET A 21 -3.67 -10.90 6.94
N THR A 22 -3.55 -11.64 8.04
CA THR A 22 -2.36 -12.45 8.26
C THR A 22 -2.30 -13.61 7.26
N GLY A 23 -1.27 -13.58 6.42
CA GLY A 23 -1.10 -14.63 5.43
C GLY A 23 0.35 -14.69 4.96
N THR A 24 0.56 -15.37 3.83
CA THR A 24 1.89 -15.52 3.27
C THR A 24 1.91 -15.02 1.83
N ILE A 25 2.96 -14.28 1.51
CA ILE A 25 3.12 -13.74 0.17
C ILE A 25 3.39 -14.90 -0.82
N GLU A 26 2.52 -15.00 -1.80
CA GLU A 26 2.64 -16.05 -2.80
C GLU A 26 3.32 -15.49 -4.05
N LYS A 27 2.79 -14.38 -4.55
CA LYS A 27 3.33 -13.75 -5.73
C LYS A 27 3.56 -12.27 -5.45
N VAL A 28 4.58 -11.72 -6.10
CA VAL A 28 4.92 -10.32 -5.93
C VAL A 28 5.08 -9.67 -7.30
N PHE A 29 4.01 -9.02 -7.74
CA PHE A 29 4.01 -8.34 -9.03
C PHE A 29 4.41 -6.87 -8.88
N VAL A 30 5.50 -6.66 -8.15
CA VAL A 30 6.00 -5.32 -7.93
C VAL A 30 7.53 -5.35 -7.85
N LYS A 31 8.10 -4.18 -7.61
CA LYS A 31 9.55 -4.06 -7.51
C LYS A 31 9.92 -2.60 -7.22
N ALA A 32 11.20 -2.39 -7.01
CA ALA A 32 11.70 -1.05 -6.72
C ALA A 32 11.76 -0.24 -8.02
N GLY A 33 11.49 1.06 -7.89
CA GLY A 33 11.52 1.94 -9.03
C GLY A 33 10.51 1.48 -10.10
N ASP A 34 9.47 0.79 -9.63
CA ASP A 34 8.44 0.31 -10.52
C ASP A 34 7.30 1.33 -10.58
N LYS A 35 6.36 1.06 -11.47
CA LYS A 35 5.21 1.95 -11.64
C LYS A 35 3.92 1.13 -11.50
N VAL A 36 3.01 1.67 -10.70
CA VAL A 36 1.74 1.01 -10.47
C VAL A 36 0.61 2.03 -10.62
N LYS A 37 -0.59 1.51 -10.78
CA LYS A 37 -1.77 2.36 -10.93
C LYS A 37 -2.84 1.92 -9.94
N ALA A 38 -3.41 2.91 -9.26
CA ALA A 38 -4.45 2.65 -8.28
C ALA A 38 -5.38 1.55 -8.81
N GLY A 39 -5.38 0.43 -8.12
CA GLY A 39 -6.22 -0.70 -8.51
C GLY A 39 -5.42 -1.72 -9.33
N ASP A 40 -4.14 -1.84 -8.98
CA ASP A 40 -3.26 -2.77 -9.67
C ASP A 40 -2.87 -3.90 -8.72
N SER A 41 -2.74 -5.09 -9.28
CA SER A 41 -2.37 -6.25 -8.49
C SER A 41 -0.89 -6.16 -8.09
N LEU A 42 -0.67 -5.70 -6.87
CA LEU A 42 0.68 -5.56 -6.36
C LEU A 42 1.27 -6.94 -6.10
N MET A 43 0.72 -7.62 -5.10
CA MET A 43 1.17 -8.94 -4.74
C MET A 43 -0.01 -9.85 -4.39
N VAL A 44 0.31 -11.11 -4.13
CA VAL A 44 -0.71 -12.08 -3.77
C VAL A 44 -0.33 -12.77 -2.47
N MET A 45 -1.26 -12.77 -1.53
CA MET A 45 -1.04 -13.38 -0.24
C MET A 45 -1.88 -14.65 -0.08
N ILE A 46 -1.58 -15.40 0.98
CA ILE A 46 -2.29 -16.63 1.25
C ILE A 46 -2.66 -16.68 2.73
N ALA A 47 -3.95 -16.79 2.99
CA ALA A 47 -4.43 -16.86 4.36
C ALA A 47 -5.28 -18.11 4.55
N MET A 48 -6.47 -18.08 3.94
CA MET A 48 -7.38 -19.21 4.04
C MET A 48 -7.34 -20.03 2.75
N LYS A 49 -6.16 -20.59 2.48
CA LYS A 49 -5.98 -21.41 1.29
C LYS A 49 -6.58 -20.70 0.09
N MET A 50 -6.64 -19.38 0.19
CA MET A 50 -7.18 -18.57 -0.88
C MET A 50 -6.17 -17.50 -1.34
N GLU A 51 -6.25 -17.17 -2.62
CA GLU A 51 -5.36 -16.17 -3.18
C GLU A 51 -6.00 -14.78 -3.11
N HIS A 52 -5.36 -13.90 -2.37
CA HIS A 52 -5.86 -12.54 -2.20
C HIS A 52 -5.04 -11.60 -3.09
N THR A 53 -5.76 -10.75 -3.81
CA THR A 53 -5.12 -9.79 -4.70
C THR A 53 -5.03 -8.42 -4.02
N ILE A 54 -3.85 -8.13 -3.49
CA ILE A 54 -3.64 -6.85 -2.82
C ILE A 54 -3.57 -5.74 -3.86
N LYS A 55 -4.70 -5.08 -4.04
CA LYS A 55 -4.79 -3.99 -5.00
C LYS A 55 -4.19 -2.72 -4.38
N SER A 56 -3.40 -2.02 -5.19
CA SER A 56 -2.77 -0.80 -4.73
C SER A 56 -3.83 0.23 -4.34
N PRO A 57 -3.51 1.02 -3.29
CA PRO A 57 -4.42 2.05 -2.81
C PRO A 57 -4.45 3.25 -3.76
N LYS A 58 -3.30 3.51 -4.37
CA LYS A 58 -3.18 4.61 -5.30
C LYS A 58 -1.94 4.41 -6.18
N ASP A 59 -1.80 5.29 -7.16
CA ASP A 59 -0.67 5.21 -8.07
C ASP A 59 0.58 5.76 -7.37
N GLY A 60 1.71 5.22 -7.77
CA GLY A 60 2.98 5.64 -7.20
C GLY A 60 4.14 4.77 -7.72
N THR A 61 5.35 5.18 -7.37
CA THR A 61 6.53 4.46 -7.80
C THR A 61 7.10 3.63 -6.63
N VAL A 62 6.82 2.34 -6.68
CA VAL A 62 7.29 1.44 -5.64
C VAL A 62 8.75 1.76 -5.31
N LYS A 63 8.96 2.23 -4.09
CA LYS A 63 10.29 2.58 -3.64
C LYS A 63 11.10 1.30 -3.43
N LYS A 64 10.59 0.45 -2.55
CA LYS A 64 11.24 -0.81 -2.25
C LYS A 64 10.23 -1.77 -1.61
N VAL A 65 10.45 -3.05 -1.86
CA VAL A 65 9.57 -4.08 -1.32
C VAL A 65 10.07 -4.48 0.07
N PHE A 66 9.12 -4.89 0.91
CA PHE A 66 9.45 -5.30 2.26
C PHE A 66 9.31 -6.81 2.41
N TYR A 67 8.37 -7.37 1.67
CA TYR A 67 8.13 -8.81 1.70
C TYR A 67 8.29 -9.43 0.31
N ARG A 68 8.65 -10.70 0.32
CA ARG A 68 8.85 -11.43 -0.93
C ARG A 68 8.03 -12.72 -0.92
N GLU A 69 8.14 -13.46 -2.01
CA GLU A 69 7.42 -14.72 -2.15
C GLU A 69 7.79 -15.66 -1.00
N GLY A 70 6.75 -16.30 -0.46
CA GLY A 70 6.95 -17.22 0.65
C GLY A 70 7.33 -16.48 1.93
N ALA A 71 6.77 -15.29 2.07
CA ALA A 71 7.04 -14.47 3.25
C ALA A 71 5.73 -14.15 3.95
N GLN A 72 5.77 -14.20 5.27
CA GLN A 72 4.59 -13.92 6.08
C GLN A 72 4.58 -12.45 6.50
N ALA A 73 3.38 -11.90 6.59
CA ALA A 73 3.21 -10.52 6.99
C ALA A 73 2.05 -10.41 7.98
N ASN A 74 2.07 -9.33 8.75
CA ASN A 74 1.03 -9.10 9.74
C ASN A 74 -0.11 -8.30 9.08
N ARG A 75 -1.22 -8.20 9.82
CA ARG A 75 -2.37 -7.49 9.32
C ARG A 75 -2.16 -5.98 9.47
N HIS A 76 -0.94 -5.62 9.85
CA HIS A 76 -0.59 -4.22 10.03
C HIS A 76 0.88 -4.01 9.67
N THR A 77 1.20 -4.28 8.42
CA THR A 77 2.56 -4.13 7.94
C THR A 77 2.56 -3.61 6.50
N PRO A 78 3.61 -2.81 6.18
CA PRO A 78 3.75 -2.25 4.85
C PRO A 78 4.21 -3.31 3.85
N LEU A 79 3.48 -3.38 2.73
CA LEU A 79 3.80 -4.34 1.69
C LEU A 79 4.78 -3.71 0.70
N VAL A 80 4.45 -2.50 0.29
CA VAL A 80 5.29 -1.77 -0.66
C VAL A 80 5.40 -0.31 -0.22
N GLU A 81 6.63 0.17 -0.17
CA GLU A 81 6.90 1.54 0.22
C GLU A 81 6.93 2.45 -1.01
N PHE A 82 6.03 3.42 -1.00
CA PHE A 82 5.94 4.36 -2.11
C PHE A 82 7.03 5.43 -2.00
N GLU A 83 7.41 5.96 -3.15
CA GLU A 83 8.44 7.00 -3.20
C GLU A 83 7.90 8.30 -2.59
N GLU A 84 8.82 9.05 -1.99
CA GLU A 84 8.46 10.31 -1.37
C GLU A 84 8.26 11.38 -2.43
N GLU A 85 7.49 12.40 -2.07
CA GLU A 85 7.21 13.49 -2.99
C GLU A 85 7.62 14.82 -2.36
N GLU A 86 7.56 15.87 -3.17
CA GLU A 86 7.92 17.20 -2.71
C GLU A 86 9.31 17.17 -2.07
N SER A 87 9.58 18.20 -1.29
CA SER A 87 10.87 18.31 -0.61
C SER A 87 10.70 18.03 0.88
N ASP A 88 10.27 19.05 1.59
CA ASP A 88 10.06 18.93 3.03
C ASP A 88 8.64 19.38 3.38
N LYS A 89 7.68 18.63 2.87
CA LYS A 89 6.29 18.94 3.12
C LYS A 89 6.02 20.41 2.77
N ARG A 90 5.61 20.63 1.53
CA ARG A 90 5.33 21.96 1.06
C ARG A 90 4.35 21.92 -0.12
N GLU A 91 3.98 23.11 -0.58
CA GLU A 91 3.06 23.20 -1.69
C GLU A 91 2.94 24.66 -2.14
N SER A 92 2.42 24.84 -3.36
CA SER A 92 2.25 26.17 -3.92
C SER A 92 0.79 26.62 -3.76
N GLU A 93 0.60 27.68 -2.99
CA GLU A 93 -0.73 28.20 -2.77
C GLU A 93 -0.65 29.49 -1.93
N SER A 94 -1.63 30.36 -2.14
CA SER A 94 -1.68 31.62 -1.43
C SER A 94 -2.42 31.44 -0.10
N GLY A 95 -2.36 32.47 0.73
CA GLY A 95 -3.01 32.44 2.02
C GLY A 95 -4.09 33.51 2.12
N PRO A 96 -5.35 33.04 2.36
CA PRO A 96 -6.48 33.94 2.47
C PRO A 96 -6.46 34.67 3.83
N SER A 97 -7.02 35.87 3.81
CA SER A 97 -7.07 36.69 5.03
C SER A 97 -7.95 36.00 6.07
N SER A 98 -7.83 36.48 7.30
CA SER A 98 -8.61 35.93 8.40
C SER A 98 -10.10 35.93 8.04
N GLY A 99 -10.87 35.21 8.84
CA GLY A 99 -12.30 35.14 8.63
C GLY A 99 -12.64 34.10 7.56
N GLY A 1 -17.14 16.62 -12.73
CA GLY A 1 -16.77 15.23 -12.49
C GLY A 1 -17.06 14.84 -11.04
N SER A 2 -16.27 13.90 -10.55
CA SER A 2 -16.43 13.43 -9.18
C SER A 2 -15.08 12.96 -8.63
N SER A 3 -14.97 12.99 -7.32
CA SER A 3 -13.74 12.58 -6.65
C SER A 3 -14.01 12.36 -5.16
N GLY A 4 -13.57 11.20 -4.68
CA GLY A 4 -13.75 10.84 -3.28
C GLY A 4 -12.41 10.59 -2.61
N SER A 5 -11.67 11.66 -2.37
CA SER A 5 -10.37 11.57 -1.74
C SER A 5 -9.79 12.96 -1.52
N SER A 6 -10.17 13.54 -0.37
CA SER A 6 -9.69 14.87 -0.03
C SER A 6 -9.90 15.12 1.47
N GLY A 7 -9.27 16.18 1.95
CA GLY A 7 -9.37 16.54 3.35
C GLY A 7 -8.01 16.99 3.91
N VAL A 8 -7.92 18.28 4.17
CA VAL A 8 -6.69 18.85 4.70
C VAL A 8 -6.71 18.76 6.22
N SER A 9 -6.27 17.61 6.71
CA SER A 9 -6.22 17.39 8.16
C SER A 9 -5.22 16.27 8.48
N SER A 10 -4.80 16.25 9.73
CA SER A 10 -3.84 15.25 10.19
C SER A 10 -4.57 14.10 10.89
N GLN A 11 -4.40 12.91 10.34
CA GLN A 11 -5.04 11.73 10.91
C GLN A 11 -4.28 10.47 10.50
N GLU A 12 -3.27 10.15 11.29
CA GLU A 12 -2.46 8.97 11.01
C GLU A 12 -1.64 9.17 9.73
N THR A 13 -0.44 8.61 9.74
CA THR A 13 0.45 8.72 8.58
C THR A 13 0.66 7.35 7.95
N GLN A 14 0.46 7.30 6.64
CA GLN A 14 0.63 6.05 5.90
C GLN A 14 0.66 6.34 4.40
N GLY A 15 1.31 5.44 3.67
CA GLY A 15 1.42 5.57 2.22
C GLY A 15 1.23 4.23 1.54
N GLY A 16 2.17 3.33 1.78
CA GLY A 16 2.12 2.01 1.17
C GLY A 16 0.89 1.23 1.68
N PRO A 17 0.61 0.10 0.97
CA PRO A 17 -0.52 -0.74 1.33
C PRO A 17 -0.23 -1.55 2.60
N LEU A 18 -1.25 -1.69 3.43
CA LEU A 18 -1.10 -2.44 4.67
C LEU A 18 -1.89 -3.75 4.54
N ALA A 19 -1.18 -4.85 4.78
CA ALA A 19 -1.80 -6.16 4.71
C ALA A 19 -3.18 -6.12 5.37
N PRO A 20 -4.19 -6.59 4.60
CA PRO A 20 -5.56 -6.61 5.10
C PRO A 20 -5.76 -7.73 6.13
N MET A 21 -4.82 -8.66 6.13
CA MET A 21 -4.89 -9.77 7.06
C MET A 21 -3.55 -10.53 7.09
N THR A 22 -3.39 -11.35 8.13
CA THR A 22 -2.19 -12.12 8.29
C THR A 22 -2.17 -13.30 7.32
N GLY A 23 -1.25 -13.23 6.37
CA GLY A 23 -1.12 -14.28 5.38
C GLY A 23 0.32 -14.38 4.85
N THR A 24 0.49 -15.20 3.83
CA THR A 24 1.80 -15.38 3.23
C THR A 24 1.80 -14.87 1.79
N ILE A 25 2.98 -14.43 1.35
CA ILE A 25 3.13 -13.91 0.01
C ILE A 25 3.29 -15.09 -0.97
N GLU A 26 2.47 -15.07 -2.01
CA GLU A 26 2.51 -16.12 -3.01
C GLU A 26 3.14 -15.60 -4.30
N LYS A 27 2.72 -14.41 -4.69
CA LYS A 27 3.23 -13.79 -5.90
C LYS A 27 3.49 -12.30 -5.64
N VAL A 28 4.52 -11.79 -6.30
CA VAL A 28 4.88 -10.39 -6.15
C VAL A 28 5.05 -9.76 -7.53
N PHE A 29 4.00 -9.09 -7.97
CA PHE A 29 4.01 -8.43 -9.27
C PHE A 29 4.40 -6.96 -9.13
N VAL A 30 5.49 -6.72 -8.41
CA VAL A 30 5.97 -5.37 -8.21
C VAL A 30 7.50 -5.40 -8.08
N LYS A 31 8.04 -4.27 -7.65
CA LYS A 31 9.48 -4.15 -7.48
C LYS A 31 9.82 -2.72 -7.05
N ALA A 32 11.11 -2.43 -7.07
CA ALA A 32 11.58 -1.11 -6.69
C ALA A 32 11.79 -0.25 -7.94
N GLY A 33 11.44 1.02 -7.82
CA GLY A 33 11.59 1.93 -8.94
C GLY A 33 10.62 1.58 -10.08
N ASP A 34 9.56 0.88 -9.70
CA ASP A 34 8.56 0.47 -10.68
C ASP A 34 7.40 1.47 -10.68
N LYS A 35 6.51 1.29 -11.64
CA LYS A 35 5.35 2.16 -11.75
C LYS A 35 4.08 1.32 -11.78
N VAL A 36 3.10 1.74 -11.00
CA VAL A 36 1.83 1.03 -10.92
C VAL A 36 0.69 2.04 -11.04
N LYS A 37 -0.53 1.51 -11.01
CA LYS A 37 -1.71 2.35 -11.12
C LYS A 37 -2.71 1.95 -10.03
N ALA A 38 -3.28 2.96 -9.39
CA ALA A 38 -4.24 2.74 -8.33
C ALA A 38 -5.16 1.58 -8.71
N GLY A 39 -5.20 0.57 -7.84
CA GLY A 39 -6.03 -0.59 -8.08
C GLY A 39 -5.31 -1.59 -9.00
N ASP A 40 -4.03 -1.77 -8.74
CA ASP A 40 -3.22 -2.68 -9.53
C ASP A 40 -2.82 -3.89 -8.67
N SER A 41 -2.70 -5.03 -9.32
CA SER A 41 -2.32 -6.25 -8.63
C SER A 41 -0.84 -6.20 -8.25
N LEU A 42 -0.58 -5.65 -7.07
CA LEU A 42 0.78 -5.54 -6.59
C LEU A 42 1.34 -6.93 -6.31
N MET A 43 0.76 -7.57 -5.30
CA MET A 43 1.19 -8.91 -4.92
C MET A 43 -0.02 -9.78 -4.56
N VAL A 44 0.27 -11.04 -4.27
CA VAL A 44 -0.77 -11.99 -3.91
C VAL A 44 -0.42 -12.65 -2.57
N MET A 45 -1.35 -12.55 -1.63
CA MET A 45 -1.15 -13.13 -0.32
C MET A 45 -2.00 -14.39 -0.15
N ILE A 46 -1.70 -15.12 0.92
CA ILE A 46 -2.41 -16.34 1.22
C ILE A 46 -2.80 -16.36 2.70
N ALA A 47 -4.08 -16.59 2.95
CA ALA A 47 -4.59 -16.62 4.31
C ALA A 47 -5.43 -17.89 4.49
N MET A 48 -6.74 -17.73 4.33
CA MET A 48 -7.66 -18.84 4.48
C MET A 48 -7.56 -19.78 3.28
N LYS A 49 -6.46 -20.52 3.24
CA LYS A 49 -6.23 -21.48 2.16
C LYS A 49 -6.69 -20.85 0.84
N MET A 50 -6.60 -19.53 0.78
CA MET A 50 -7.00 -18.81 -0.42
C MET A 50 -6.01 -17.69 -0.74
N GLU A 51 -5.93 -17.35 -2.02
CA GLU A 51 -5.03 -16.31 -2.47
C GLU A 51 -5.81 -15.02 -2.73
N HIS A 52 -5.23 -13.91 -2.28
CA HIS A 52 -5.85 -12.61 -2.46
C HIS A 52 -4.89 -11.67 -3.18
N THR A 53 -5.43 -10.94 -4.14
CA THR A 53 -4.63 -9.99 -4.91
C THR A 53 -4.53 -8.66 -4.18
N ILE A 54 -3.30 -8.34 -3.76
CA ILE A 54 -3.06 -7.11 -3.05
C ILE A 54 -3.16 -5.93 -4.03
N LYS A 55 -4.30 -5.27 -3.98
CA LYS A 55 -4.55 -4.12 -4.85
C LYS A 55 -3.87 -2.89 -4.26
N SER A 56 -3.33 -2.06 -5.15
CA SER A 56 -2.66 -0.85 -4.73
C SER A 56 -3.67 0.13 -4.15
N PRO A 57 -3.23 0.85 -3.08
CA PRO A 57 -4.08 1.82 -2.43
C PRO A 57 -4.21 3.10 -3.27
N LYS A 58 -3.13 3.40 -3.98
CA LYS A 58 -3.10 4.59 -4.82
C LYS A 58 -1.99 4.43 -5.87
N ASP A 59 -1.78 5.51 -6.61
CA ASP A 59 -0.76 5.51 -7.65
C ASP A 59 0.57 5.98 -7.05
N GLY A 60 1.65 5.47 -7.62
CA GLY A 60 2.98 5.82 -7.15
C GLY A 60 4.02 4.80 -7.65
N THR A 61 5.28 5.21 -7.54
CA THR A 61 6.37 4.35 -7.97
C THR A 61 6.98 3.63 -6.78
N VAL A 62 6.71 2.33 -6.72
CA VAL A 62 7.23 1.51 -5.63
C VAL A 62 8.70 1.87 -5.38
N LYS A 63 8.96 2.31 -4.16
CA LYS A 63 10.31 2.69 -3.77
C LYS A 63 11.11 1.44 -3.41
N LYS A 64 10.57 0.69 -2.45
CA LYS A 64 11.23 -0.53 -2.02
C LYS A 64 10.18 -1.48 -1.44
N VAL A 65 10.45 -2.77 -1.58
CA VAL A 65 9.53 -3.79 -1.09
C VAL A 65 10.02 -4.28 0.28
N PHE A 66 9.07 -4.68 1.10
CA PHE A 66 9.38 -5.17 2.43
C PHE A 66 9.23 -6.69 2.50
N TYR A 67 8.21 -7.19 1.80
CA TYR A 67 7.95 -8.62 1.79
C TYR A 67 8.12 -9.19 0.37
N ARG A 68 8.56 -10.44 0.32
CA ARG A 68 8.77 -11.10 -0.95
C ARG A 68 8.01 -12.43 -0.99
N GLU A 69 8.16 -13.13 -2.10
CA GLU A 69 7.49 -14.40 -2.28
C GLU A 69 7.83 -15.35 -1.13
N GLY A 70 6.81 -16.02 -0.63
CA GLY A 70 6.99 -16.95 0.46
C GLY A 70 7.38 -16.23 1.76
N ALA A 71 6.76 -15.07 1.95
CA ALA A 71 7.04 -14.26 3.12
C ALA A 71 5.80 -14.23 4.02
N GLN A 72 6.04 -14.26 5.32
CA GLN A 72 4.96 -14.24 6.29
C GLN A 72 4.67 -12.81 6.74
N ALA A 73 3.54 -12.30 6.29
CA ALA A 73 3.14 -10.94 6.64
C ALA A 73 2.11 -10.99 7.77
N ASN A 74 1.95 -9.86 8.43
CA ASN A 74 0.99 -9.76 9.52
C ASN A 74 -0.09 -8.73 9.16
N ARG A 75 -1.15 -8.73 9.96
CA ARG A 75 -2.24 -7.80 9.74
C ARG A 75 -1.82 -6.38 10.09
N HIS A 76 -1.89 -5.51 9.08
CA HIS A 76 -1.52 -4.12 9.25
C HIS A 76 0.00 -3.99 9.18
N THR A 77 0.56 -4.54 8.11
CA THR A 77 1.99 -4.49 7.90
C THR A 77 2.31 -3.89 6.53
N PRO A 78 3.52 -3.26 6.44
CA PRO A 78 3.95 -2.65 5.21
C PRO A 78 4.39 -3.70 4.19
N LEU A 79 3.71 -3.70 3.06
CA LEU A 79 4.02 -4.65 2.00
C LEU A 79 5.01 -4.01 1.01
N VAL A 80 4.61 -2.85 0.51
CA VAL A 80 5.44 -2.12 -0.44
C VAL A 80 5.42 -0.64 -0.10
N GLU A 81 6.52 0.02 -0.40
CA GLU A 81 6.65 1.44 -0.14
C GLU A 81 6.53 2.24 -1.43
N PHE A 82 6.07 3.48 -1.29
CA PHE A 82 5.90 4.35 -2.44
C PHE A 82 6.97 5.46 -2.45
N GLU A 83 7.23 5.96 -3.65
CA GLU A 83 8.23 7.01 -3.82
C GLU A 83 7.67 8.35 -3.33
N GLU A 84 8.58 9.28 -3.10
CA GLU A 84 8.19 10.60 -2.64
C GLU A 84 7.85 11.50 -3.82
N GLU A 85 6.88 12.39 -3.59
CA GLU A 85 6.45 13.32 -4.62
C GLU A 85 6.30 12.58 -5.96
N GLU A 86 6.12 13.36 -7.01
CA GLU A 86 5.97 12.80 -8.34
C GLU A 86 4.73 11.89 -8.39
N SER A 87 3.82 12.24 -9.29
CA SER A 87 2.60 11.46 -9.44
C SER A 87 2.07 11.60 -10.88
N ASP A 88 1.74 10.46 -11.46
CA ASP A 88 1.22 10.44 -12.82
C ASP A 88 -0.16 11.09 -12.84
N LYS A 89 -0.16 12.40 -13.05
CA LYS A 89 -1.41 13.15 -13.10
C LYS A 89 -2.20 12.73 -14.33
N ARG A 90 -3.50 12.58 -14.14
CA ARG A 90 -4.39 12.18 -15.22
C ARG A 90 -5.18 13.39 -15.74
N GLU A 91 -5.87 14.03 -14.82
CA GLU A 91 -6.67 15.19 -15.15
C GLU A 91 -7.02 16.00 -13.89
N SER A 92 -6.75 17.29 -13.96
CA SER A 92 -7.03 18.18 -12.84
C SER A 92 -7.75 19.43 -13.32
N GLU A 93 -9.01 19.55 -12.93
CA GLU A 93 -9.82 20.69 -13.32
C GLU A 93 -11.09 20.74 -12.48
N SER A 94 -11.39 21.94 -11.99
CA SER A 94 -12.57 22.14 -11.18
C SER A 94 -13.59 22.99 -11.94
N GLY A 95 -14.81 23.03 -11.40
CA GLY A 95 -15.88 23.79 -12.01
C GLY A 95 -16.87 24.28 -10.97
N PRO A 96 -17.62 25.36 -11.34
CA PRO A 96 -18.60 25.93 -10.45
C PRO A 96 -19.85 25.06 -10.37
N SER A 97 -20.88 25.61 -9.75
CA SER A 97 -22.13 24.89 -9.59
C SER A 97 -23.30 25.88 -9.53
N SER A 98 -23.24 26.77 -8.55
CA SER A 98 -24.27 27.77 -8.38
C SER A 98 -25.50 27.14 -7.73
N GLY A 99 -26.65 27.74 -8.01
CA GLY A 99 -27.90 27.23 -7.47
C GLY A 99 -29.09 27.76 -8.28
N GLY A 1 3.82 -9.75 16.24
CA GLY A 1 4.17 -10.21 14.90
C GLY A 1 5.68 -10.16 14.68
N SER A 2 6.22 -8.95 14.76
CA SER A 2 7.64 -8.75 14.57
C SER A 2 8.18 -7.76 15.62
N SER A 3 7.61 -6.57 15.60
CA SER A 3 8.01 -5.54 16.54
C SER A 3 6.86 -5.20 17.48
N GLY A 4 7.23 -4.79 18.69
CA GLY A 4 6.23 -4.43 19.69
C GLY A 4 6.86 -4.36 21.08
N SER A 5 7.08 -3.13 21.53
CA SER A 5 7.68 -2.89 22.83
C SER A 5 6.97 -1.73 23.54
N SER A 6 7.00 -0.58 22.88
CA SER A 6 6.37 0.60 23.42
C SER A 6 4.87 0.59 23.12
N GLY A 7 4.09 0.26 24.15
CA GLY A 7 2.64 0.20 24.00
C GLY A 7 2.17 -1.23 23.77
N VAL A 8 0.87 -1.36 23.51
CA VAL A 8 0.28 -2.67 23.28
C VAL A 8 -0.70 -2.58 22.11
N SER A 9 -0.44 -3.38 21.09
CA SER A 9 -1.30 -3.40 19.92
C SER A 9 -1.67 -1.96 19.52
N SER A 10 -0.74 -1.30 18.88
CA SER A 10 -0.95 0.08 18.44
C SER A 10 0.22 0.54 17.58
N GLN A 11 -0.11 0.90 16.34
CA GLN A 11 0.90 1.36 15.40
C GLN A 11 0.27 2.30 14.36
N GLU A 12 0.66 3.56 14.44
CA GLU A 12 0.15 4.56 13.51
C GLU A 12 1.01 4.61 12.26
N THR A 13 0.73 3.69 11.35
CA THR A 13 1.48 3.62 10.10
C THR A 13 0.59 4.06 8.93
N GLN A 14 1.23 4.65 7.93
CA GLN A 14 0.52 5.11 6.75
C GLN A 14 1.51 5.53 5.67
N GLY A 15 1.41 4.87 4.53
CA GLY A 15 2.28 5.16 3.40
C GLY A 15 1.96 4.27 2.20
N GLY A 16 1.93 2.97 2.47
CA GLY A 16 1.63 2.00 1.43
C GLY A 16 0.41 1.15 1.80
N PRO A 17 0.22 0.06 1.02
CA PRO A 17 -0.89 -0.84 1.25
C PRO A 17 -0.66 -1.71 2.49
N LEU A 18 -1.64 -1.70 3.38
CA LEU A 18 -1.55 -2.49 4.60
C LEU A 18 -2.16 -3.88 4.36
N ALA A 19 -1.42 -4.89 4.78
CA ALA A 19 -1.89 -6.26 4.61
C ALA A 19 -3.24 -6.42 5.31
N PRO A 20 -4.10 -7.28 4.68
CA PRO A 20 -5.42 -7.53 5.21
C PRO A 20 -5.35 -8.45 6.44
N MET A 21 -4.34 -9.30 6.46
CA MET A 21 -4.16 -10.22 7.56
C MET A 21 -2.90 -11.08 7.35
N THR A 22 -2.44 -11.66 8.44
CA THR A 22 -1.25 -12.51 8.40
C THR A 22 -1.46 -13.65 7.41
N GLY A 23 -0.74 -13.57 6.30
CA GLY A 23 -0.83 -14.59 5.27
C GLY A 23 0.55 -14.92 4.71
N THR A 24 0.55 -15.40 3.48
CA THR A 24 1.79 -15.77 2.82
C THR A 24 1.84 -15.17 1.41
N ILE A 25 2.98 -14.56 1.09
CA ILE A 25 3.16 -13.95 -0.21
C ILE A 25 3.36 -15.04 -1.26
N GLU A 26 2.42 -15.12 -2.19
CA GLU A 26 2.48 -16.11 -3.25
C GLU A 26 3.22 -15.53 -4.46
N LYS A 27 2.76 -14.38 -4.90
CA LYS A 27 3.36 -13.72 -6.06
C LYS A 27 3.62 -12.26 -5.72
N VAL A 28 4.59 -11.69 -6.41
CA VAL A 28 4.94 -10.29 -6.20
C VAL A 28 5.16 -9.61 -7.55
N PHE A 29 4.15 -8.88 -7.98
CA PHE A 29 4.21 -8.18 -9.25
C PHE A 29 4.59 -6.71 -9.04
N VAL A 30 5.66 -6.50 -8.30
CA VAL A 30 6.15 -5.17 -8.01
C VAL A 30 7.66 -5.20 -7.84
N LYS A 31 8.22 -4.04 -7.52
CA LYS A 31 9.65 -3.92 -7.32
C LYS A 31 10.01 -2.46 -7.07
N ALA A 32 11.24 -2.25 -6.63
CA ALA A 32 11.72 -0.91 -6.33
C ALA A 32 11.89 -0.14 -7.65
N GLY A 33 11.61 1.15 -7.59
CA GLY A 33 11.73 2.00 -8.76
C GLY A 33 10.76 1.56 -9.86
N ASP A 34 9.74 0.82 -9.44
CA ASP A 34 8.75 0.32 -10.38
C ASP A 34 7.59 1.32 -10.45
N LYS A 35 6.73 1.10 -11.44
CA LYS A 35 5.58 1.97 -11.63
C LYS A 35 4.30 1.12 -11.61
N VAL A 36 3.33 1.60 -10.85
CA VAL A 36 2.06 0.90 -10.73
C VAL A 36 0.91 1.89 -10.95
N LYS A 37 -0.30 1.36 -10.93
CA LYS A 37 -1.48 2.17 -11.14
C LYS A 37 -2.52 1.83 -10.07
N ALA A 38 -3.09 2.88 -9.48
CA ALA A 38 -4.09 2.70 -8.44
C ALA A 38 -5.02 1.55 -8.83
N GLY A 39 -5.00 0.52 -8.00
CA GLY A 39 -5.83 -0.65 -8.25
C GLY A 39 -5.11 -1.66 -9.14
N ASP A 40 -3.80 -1.69 -9.00
CA ASP A 40 -2.97 -2.60 -9.79
C ASP A 40 -2.60 -3.81 -8.93
N SER A 41 -2.49 -4.96 -9.59
CA SER A 41 -2.15 -6.19 -8.91
C SER A 41 -0.69 -6.14 -8.44
N LEU A 42 -0.49 -5.59 -7.25
CA LEU A 42 0.84 -5.48 -6.68
C LEU A 42 1.39 -6.88 -6.42
N MET A 43 0.77 -7.55 -5.45
CA MET A 43 1.20 -8.89 -5.09
C MET A 43 -0.01 -9.79 -4.79
N VAL A 44 0.29 -11.05 -4.53
CA VAL A 44 -0.76 -12.01 -4.23
C VAL A 44 -0.46 -12.70 -2.90
N MET A 45 -1.40 -12.59 -1.97
CA MET A 45 -1.24 -13.19 -0.67
C MET A 45 -2.12 -14.44 -0.53
N ILE A 46 -1.87 -15.18 0.55
CA ILE A 46 -2.63 -16.39 0.81
C ILE A 46 -2.93 -16.48 2.31
N ALA A 47 -4.17 -16.13 2.65
CA ALA A 47 -4.59 -16.18 4.04
C ALA A 47 -5.93 -16.90 4.14
N MET A 48 -6.28 -17.27 5.36
CA MET A 48 -7.53 -17.97 5.60
C MET A 48 -7.68 -19.17 4.65
N LYS A 49 -6.54 -19.66 4.18
CA LYS A 49 -6.53 -20.79 3.27
C LYS A 49 -7.15 -20.38 1.93
N MET A 50 -7.21 -19.07 1.73
CA MET A 50 -7.77 -18.53 0.51
C MET A 50 -6.81 -17.53 -0.14
N GLU A 51 -6.83 -17.52 -1.46
CA GLU A 51 -5.96 -16.62 -2.22
C GLU A 51 -6.54 -15.20 -2.20
N HIS A 52 -5.64 -14.23 -2.18
CA HIS A 52 -6.05 -12.83 -2.18
C HIS A 52 -5.22 -12.05 -3.20
N THR A 53 -5.75 -10.90 -3.58
CA THR A 53 -5.08 -10.05 -4.55
C THR A 53 -4.74 -8.69 -3.93
N ILE A 54 -3.45 -8.50 -3.67
CA ILE A 54 -2.98 -7.25 -3.08
C ILE A 54 -3.01 -6.16 -4.15
N LYS A 55 -4.07 -5.36 -4.11
CA LYS A 55 -4.22 -4.27 -5.06
C LYS A 55 -3.55 -3.01 -4.50
N SER A 56 -3.19 -2.12 -5.41
CA SER A 56 -2.54 -0.88 -5.02
C SER A 56 -3.59 0.12 -4.52
N PRO A 57 -3.23 0.81 -3.40
CA PRO A 57 -4.13 1.79 -2.82
C PRO A 57 -4.15 3.08 -3.65
N LYS A 58 -3.01 3.34 -4.28
CA LYS A 58 -2.89 4.54 -5.11
C LYS A 58 -1.70 4.36 -6.06
N ASP A 59 -1.61 5.28 -7.02
CA ASP A 59 -0.54 5.23 -7.99
C ASP A 59 0.72 5.85 -7.38
N GLY A 60 1.86 5.34 -7.84
CA GLY A 60 3.14 5.82 -7.34
C GLY A 60 4.28 4.88 -7.74
N THR A 61 5.49 5.38 -7.61
CA THR A 61 6.67 4.60 -7.94
C THR A 61 7.12 3.76 -6.75
N VAL A 62 6.89 2.46 -6.85
CA VAL A 62 7.27 1.55 -5.79
C VAL A 62 8.69 1.86 -5.32
N LYS A 63 8.77 2.44 -4.13
CA LYS A 63 10.06 2.80 -3.57
C LYS A 63 10.88 1.52 -3.29
N LYS A 64 10.30 0.66 -2.47
CA LYS A 64 10.96 -0.59 -2.13
C LYS A 64 9.93 -1.55 -1.52
N VAL A 65 10.16 -2.84 -1.76
CA VAL A 65 9.27 -3.86 -1.25
C VAL A 65 9.83 -4.40 0.07
N PHE A 66 8.92 -4.63 1.01
CA PHE A 66 9.31 -5.16 2.31
C PHE A 66 9.13 -6.67 2.37
N TYR A 67 8.21 -7.16 1.56
CA TYR A 67 7.94 -8.58 1.51
C TYR A 67 8.20 -9.15 0.11
N ARG A 68 8.62 -10.41 0.08
CA ARG A 68 8.90 -11.07 -1.19
C ARG A 68 8.10 -12.37 -1.29
N GLU A 69 8.39 -13.12 -2.35
CA GLU A 69 7.71 -14.39 -2.57
C GLU A 69 7.88 -15.31 -1.36
N GLY A 70 6.84 -16.11 -1.12
CA GLY A 70 6.87 -17.04 -0.01
C GLY A 70 7.37 -16.35 1.27
N ALA A 71 6.68 -15.27 1.63
CA ALA A 71 7.06 -14.52 2.81
C ALA A 71 5.89 -14.55 3.81
N GLN A 72 6.19 -14.12 5.03
CA GLN A 72 5.18 -14.10 6.08
C GLN A 72 4.70 -12.66 6.33
N ALA A 73 3.44 -12.43 6.00
CA ALA A 73 2.85 -11.11 6.17
C ALA A 73 2.24 -11.02 7.57
N ASN A 74 1.98 -9.78 7.99
CA ASN A 74 1.40 -9.54 9.30
C ASN A 74 0.02 -8.89 9.13
N ARG A 75 -0.71 -8.84 10.23
CA ARG A 75 -2.04 -8.26 10.22
C ARG A 75 -1.95 -6.73 10.36
N HIS A 76 -1.93 -6.06 9.21
CA HIS A 76 -1.86 -4.61 9.20
C HIS A 76 -0.39 -4.18 9.19
N THR A 77 0.26 -4.41 8.06
CA THR A 77 1.66 -4.06 7.92
C THR A 77 1.92 -3.49 6.52
N PRO A 78 2.99 -2.64 6.44
CA PRO A 78 3.36 -2.02 5.18
C PRO A 78 4.04 -3.03 4.25
N LEU A 79 3.30 -3.44 3.23
CA LEU A 79 3.83 -4.40 2.27
C LEU A 79 4.87 -3.71 1.39
N VAL A 80 4.45 -2.57 0.82
CA VAL A 80 5.34 -1.82 -0.04
C VAL A 80 5.34 -0.35 0.40
N GLU A 81 6.35 0.38 -0.07
CA GLU A 81 6.48 1.78 0.26
C GLU A 81 6.55 2.63 -1.01
N PHE A 82 5.68 3.63 -1.07
CA PHE A 82 5.63 4.51 -2.21
C PHE A 82 6.67 5.62 -2.09
N GLU A 83 7.09 6.14 -3.24
CA GLU A 83 8.08 7.20 -3.28
C GLU A 83 7.47 8.52 -2.79
N GLU A 84 8.34 9.46 -2.48
CA GLU A 84 7.90 10.76 -2.00
C GLU A 84 7.12 11.49 -3.11
N GLU A 85 5.83 11.62 -2.89
CA GLU A 85 4.97 12.29 -3.85
C GLU A 85 5.58 13.63 -4.26
N GLU A 86 5.23 14.07 -5.46
CA GLU A 86 5.73 15.33 -5.98
C GLU A 86 4.58 16.21 -6.47
N SER A 87 3.97 16.93 -5.52
CA SER A 87 2.86 17.79 -5.84
C SER A 87 3.38 19.20 -6.18
N ASP A 88 3.26 19.55 -7.45
CA ASP A 88 3.70 20.85 -7.92
C ASP A 88 2.97 21.20 -9.22
N LYS A 89 1.91 21.97 -9.08
CA LYS A 89 1.12 22.38 -10.22
C LYS A 89 0.48 21.16 -10.86
N ARG A 90 -0.32 21.41 -11.88
CA ARG A 90 -1.00 20.33 -12.59
C ARG A 90 -1.93 19.58 -11.64
N GLU A 91 -3.01 19.06 -12.22
CA GLU A 91 -3.97 18.31 -11.43
C GLU A 91 -4.66 19.23 -10.42
N SER A 92 -5.87 19.65 -10.78
CA SER A 92 -6.64 20.54 -9.92
C SER A 92 -7.89 19.81 -9.40
N GLU A 93 -7.98 19.74 -8.09
CA GLU A 93 -9.12 19.07 -7.46
C GLU A 93 -9.95 20.08 -6.66
N SER A 94 -10.96 20.63 -7.34
CA SER A 94 -11.83 21.61 -6.70
C SER A 94 -13.06 21.84 -7.58
N GLY A 95 -14.12 22.31 -6.94
CA GLY A 95 -15.37 22.58 -7.64
C GLY A 95 -15.82 24.02 -7.41
N PRO A 96 -16.61 24.54 -8.40
CA PRO A 96 -17.12 25.89 -8.33
C PRO A 96 -18.25 26.01 -7.31
N SER A 97 -17.99 26.77 -6.25
CA SER A 97 -18.98 26.96 -5.21
C SER A 97 -20.08 27.91 -5.69
N SER A 98 -21.23 27.81 -5.04
CA SER A 98 -22.36 28.65 -5.40
C SER A 98 -23.40 28.62 -4.27
N GLY A 99 -23.54 29.76 -3.60
CA GLY A 99 -24.50 29.87 -2.52
C GLY A 99 -25.90 29.48 -2.98
N GLY A 1 21.19 14.25 9.73
CA GLY A 1 21.20 14.04 11.17
C GLY A 1 20.00 13.20 11.61
N SER A 2 20.24 11.90 11.72
CA SER A 2 19.19 10.98 12.12
C SER A 2 19.80 9.74 12.77
N SER A 3 18.98 9.04 13.55
CA SER A 3 19.43 7.84 14.24
C SER A 3 18.30 7.27 15.08
N GLY A 4 18.28 5.95 15.19
CA GLY A 4 17.26 5.27 15.96
C GLY A 4 17.55 3.78 16.06
N SER A 5 18.48 3.44 16.95
CA SER A 5 18.86 2.05 17.15
C SER A 5 17.93 1.41 18.18
N SER A 6 17.07 0.54 17.67
CA SER A 6 16.13 -0.16 18.54
C SER A 6 16.03 -1.63 18.13
N GLY A 7 15.61 -1.84 16.90
CA GLY A 7 15.46 -3.20 16.37
C GLY A 7 14.59 -3.21 15.11
N VAL A 8 15.25 -3.01 13.98
CA VAL A 8 14.55 -2.99 12.71
C VAL A 8 13.23 -2.24 12.86
N SER A 9 13.33 -1.03 13.39
CA SER A 9 12.16 -0.20 13.60
C SER A 9 11.97 0.75 12.41
N SER A 10 10.73 0.88 12.00
CA SER A 10 10.39 1.75 10.88
C SER A 10 9.26 2.69 11.26
N GLN A 11 8.11 2.10 11.59
CA GLN A 11 6.95 2.87 11.98
C GLN A 11 6.42 3.66 10.78
N GLU A 12 5.48 3.04 10.08
CA GLU A 12 4.89 3.68 8.91
C GLU A 12 3.51 3.08 8.63
N THR A 13 2.50 3.95 8.66
CA THR A 13 1.14 3.52 8.41
C THR A 13 0.67 3.99 7.03
N GLN A 14 0.49 5.29 6.91
CA GLN A 14 0.05 5.87 5.66
C GLN A 14 1.14 5.71 4.59
N GLY A 15 0.70 5.73 3.35
CA GLY A 15 1.61 5.59 2.23
C GLY A 15 1.46 4.22 1.56
N GLY A 16 2.29 3.28 2.00
CA GLY A 16 2.25 1.94 1.45
C GLY A 16 0.98 1.21 1.87
N PRO A 17 0.66 0.12 1.12
CA PRO A 17 -0.52 -0.67 1.40
C PRO A 17 -0.31 -1.55 2.64
N LEU A 18 -1.32 -1.54 3.50
CA LEU A 18 -1.26 -2.32 4.72
C LEU A 18 -2.05 -3.62 4.54
N ALA A 19 -1.33 -4.73 4.59
CA ALA A 19 -1.97 -6.03 4.43
C ALA A 19 -3.30 -6.04 5.17
N PRO A 20 -4.29 -6.75 4.56
CA PRO A 20 -5.62 -6.86 5.15
C PRO A 20 -5.61 -7.82 6.34
N MET A 21 -4.90 -8.92 6.17
CA MET A 21 -4.80 -9.92 7.22
C MET A 21 -3.44 -10.62 7.19
N THR A 22 -3.26 -11.54 8.12
CA THR A 22 -2.02 -12.28 8.22
C THR A 22 -2.03 -13.48 7.27
N GLY A 23 -1.17 -13.41 6.26
CA GLY A 23 -1.08 -14.48 5.29
C GLY A 23 0.34 -14.63 4.77
N THR A 24 0.47 -15.35 3.66
CA THR A 24 1.77 -15.58 3.06
C THR A 24 1.79 -15.04 1.63
N ILE A 25 2.93 -14.48 1.25
CA ILE A 25 3.09 -13.93 -0.08
C ILE A 25 3.25 -15.06 -1.08
N GLU A 26 2.36 -15.08 -2.06
CA GLU A 26 2.39 -16.11 -3.09
C GLU A 26 3.08 -15.58 -4.34
N LYS A 27 2.67 -14.40 -4.76
CA LYS A 27 3.25 -13.77 -5.94
C LYS A 27 3.52 -12.29 -5.65
N VAL A 28 4.58 -11.78 -6.25
CA VAL A 28 4.96 -10.39 -6.07
C VAL A 28 5.15 -9.74 -7.44
N PHE A 29 4.12 -9.02 -7.86
CA PHE A 29 4.16 -8.34 -9.15
C PHE A 29 4.53 -6.86 -8.98
N VAL A 30 5.62 -6.65 -8.25
CA VAL A 30 6.10 -5.30 -8.00
C VAL A 30 7.62 -5.31 -7.87
N LYS A 31 8.17 -4.12 -7.62
CA LYS A 31 9.61 -3.99 -7.48
C LYS A 31 9.95 -2.53 -7.19
N ALA A 32 11.23 -2.29 -6.92
CA ALA A 32 11.69 -0.95 -6.63
C ALA A 32 11.78 -0.14 -7.94
N GLY A 33 11.50 1.15 -7.81
CA GLY A 33 11.54 2.03 -8.97
C GLY A 33 10.54 1.58 -10.04
N ASP A 34 9.55 0.83 -9.59
CA ASP A 34 8.52 0.33 -10.49
C ASP A 34 7.37 1.34 -10.55
N LYS A 35 6.44 1.09 -11.47
CA LYS A 35 5.30 1.96 -11.63
C LYS A 35 4.02 1.13 -11.56
N VAL A 36 3.07 1.63 -10.78
CA VAL A 36 1.80 0.94 -10.62
C VAL A 36 0.66 1.96 -10.72
N LYS A 37 -0.56 1.44 -10.82
CA LYS A 37 -1.73 2.29 -10.93
C LYS A 37 -2.75 1.86 -9.87
N ALA A 38 -3.33 2.86 -9.21
CA ALA A 38 -4.31 2.61 -8.18
C ALA A 38 -5.23 1.47 -8.63
N GLY A 39 -5.20 0.40 -7.84
CA GLY A 39 -6.02 -0.76 -8.14
C GLY A 39 -5.29 -1.73 -9.06
N ASP A 40 -3.98 -1.84 -8.83
CA ASP A 40 -3.14 -2.72 -9.63
C ASP A 40 -2.73 -3.92 -8.78
N SER A 41 -2.62 -5.07 -9.44
CA SER A 41 -2.23 -6.29 -8.76
C SER A 41 -0.75 -6.20 -8.34
N LEU A 42 -0.55 -5.65 -7.16
CA LEU A 42 0.80 -5.51 -6.63
C LEU A 42 1.39 -6.90 -6.33
N MET A 43 0.81 -7.55 -5.33
CA MET A 43 1.26 -8.88 -4.95
C MET A 43 0.07 -9.78 -4.60
N VAL A 44 0.39 -11.03 -4.31
CA VAL A 44 -0.65 -12.00 -3.96
C VAL A 44 -0.32 -12.61 -2.59
N MET A 45 -1.34 -12.68 -1.76
CA MET A 45 -1.17 -13.24 -0.42
C MET A 45 -2.01 -14.51 -0.26
N ILE A 46 -1.74 -15.21 0.84
CA ILE A 46 -2.46 -16.44 1.13
C ILE A 46 -2.76 -16.51 2.63
N ALA A 47 -4.03 -16.32 2.95
CA ALA A 47 -4.47 -16.36 4.34
C ALA A 47 -5.28 -17.63 4.58
N MET A 48 -6.59 -17.47 4.56
CA MET A 48 -7.49 -18.60 4.78
C MET A 48 -7.40 -19.60 3.63
N LYS A 49 -6.24 -20.24 3.54
CA LYS A 49 -6.02 -21.23 2.50
C LYS A 49 -6.62 -20.73 1.19
N MET A 50 -6.63 -19.41 1.05
CA MET A 50 -7.17 -18.78 -0.15
C MET A 50 -6.21 -17.74 -0.71
N GLU A 51 -6.38 -17.46 -2.00
CA GLU A 51 -5.52 -16.48 -2.66
C GLU A 51 -6.23 -15.13 -2.72
N HIS A 52 -5.44 -14.08 -2.46
CA HIS A 52 -5.96 -12.73 -2.48
C HIS A 52 -5.06 -11.84 -3.34
N THR A 53 -5.68 -10.83 -3.94
CA THR A 53 -4.94 -9.91 -4.79
C THR A 53 -4.75 -8.57 -4.07
N ILE A 54 -3.50 -8.29 -3.73
CA ILE A 54 -3.15 -7.06 -3.04
C ILE A 54 -3.28 -5.89 -4.02
N LYS A 55 -4.43 -5.23 -3.95
CA LYS A 55 -4.69 -4.09 -4.81
C LYS A 55 -3.97 -2.86 -4.26
N SER A 56 -3.33 -2.14 -5.16
CA SER A 56 -2.59 -0.94 -4.78
C SER A 56 -3.56 0.09 -4.20
N PRO A 57 -3.06 0.82 -3.16
CA PRO A 57 -3.87 1.84 -2.51
C PRO A 57 -3.98 3.09 -3.37
N LYS A 58 -2.91 3.36 -4.11
CA LYS A 58 -2.87 4.52 -4.99
C LYS A 58 -1.72 4.36 -5.98
N ASP A 59 -1.72 5.24 -6.97
CA ASP A 59 -0.69 5.21 -8.00
C ASP A 59 0.57 5.86 -7.46
N GLY A 60 1.72 5.34 -7.91
CA GLY A 60 3.00 5.86 -7.48
C GLY A 60 4.15 5.00 -8.00
N THR A 61 5.34 5.30 -7.52
CA THR A 61 6.52 4.56 -7.92
C THR A 61 7.09 3.76 -6.75
N VAL A 62 6.83 2.46 -6.77
CA VAL A 62 7.30 1.58 -5.72
C VAL A 62 8.74 1.94 -5.37
N LYS A 63 8.94 2.35 -4.12
CA LYS A 63 10.26 2.73 -3.66
C LYS A 63 11.08 1.46 -3.40
N LYS A 64 10.55 0.60 -2.54
CA LYS A 64 11.22 -0.64 -2.21
C LYS A 64 10.22 -1.60 -1.57
N VAL A 65 10.36 -2.87 -1.92
CA VAL A 65 9.48 -3.90 -1.39
C VAL A 65 10.08 -4.47 -0.10
N PHE A 66 9.22 -4.67 0.88
CA PHE A 66 9.65 -5.20 2.16
C PHE A 66 9.34 -6.71 2.26
N TYR A 67 8.36 -7.13 1.47
CA TYR A 67 7.97 -8.53 1.46
C TYR A 67 8.12 -9.13 0.06
N ARG A 68 8.50 -10.39 0.03
CA ARG A 68 8.70 -11.09 -1.23
C ARG A 68 7.91 -12.41 -1.23
N GLU A 69 8.03 -13.13 -2.34
CA GLU A 69 7.34 -14.40 -2.48
C GLU A 69 7.71 -15.33 -1.33
N GLY A 70 6.70 -15.88 -0.69
CA GLY A 70 6.91 -16.80 0.42
C GLY A 70 7.37 -16.04 1.67
N ALA A 71 6.67 -14.94 1.95
CA ALA A 71 7.00 -14.13 3.10
C ALA A 71 5.81 -14.10 4.06
N GLN A 72 6.11 -14.19 5.35
CA GLN A 72 5.09 -14.18 6.36
C GLN A 72 4.78 -12.73 6.80
N ALA A 73 3.58 -12.29 6.45
CA ALA A 73 3.15 -10.94 6.79
C ALA A 73 2.13 -11.01 7.92
N ASN A 74 1.90 -9.86 8.53
CA ASN A 74 0.96 -9.77 9.64
C ASN A 74 -0.17 -8.81 9.26
N ARG A 75 -1.20 -8.82 10.09
CA ARG A 75 -2.34 -7.95 9.85
C ARG A 75 -1.94 -6.48 10.01
N HIS A 76 -2.21 -5.72 8.96
CA HIS A 76 -1.88 -4.30 8.98
C HIS A 76 -0.36 -4.12 9.00
N THR A 77 0.27 -4.59 7.93
CA THR A 77 1.71 -4.49 7.82
C THR A 77 2.11 -3.86 6.49
N PRO A 78 3.29 -3.18 6.50
CA PRO A 78 3.78 -2.52 5.30
C PRO A 78 4.33 -3.55 4.30
N LEU A 79 3.69 -3.61 3.15
CA LEU A 79 4.10 -4.53 2.10
C LEU A 79 5.12 -3.85 1.20
N VAL A 80 4.76 -2.67 0.72
CA VAL A 80 5.63 -1.90 -0.15
C VAL A 80 5.69 -0.45 0.32
N GLU A 81 6.68 0.27 -0.18
CA GLU A 81 6.84 1.66 0.18
C GLU A 81 6.89 2.53 -1.07
N PHE A 82 5.93 3.43 -1.17
CA PHE A 82 5.85 4.33 -2.31
C PHE A 82 6.86 5.47 -2.18
N GLU A 83 7.27 5.99 -3.33
CA GLU A 83 8.23 7.08 -3.36
C GLU A 83 7.58 8.37 -2.88
N GLU A 84 8.42 9.38 -2.68
CA GLU A 84 7.94 10.67 -2.21
C GLU A 84 6.93 11.24 -3.22
N GLU A 85 5.91 11.89 -2.67
CA GLU A 85 4.88 12.50 -3.49
C GLU A 85 5.43 13.72 -4.23
N GLU A 86 4.77 14.06 -5.31
CA GLU A 86 5.18 15.20 -6.12
C GLU A 86 4.07 16.26 -6.15
N SER A 87 4.25 17.29 -5.34
CA SER A 87 3.28 18.36 -5.26
C SER A 87 3.49 19.34 -6.42
N ASP A 88 2.43 20.09 -6.73
CA ASP A 88 2.49 21.05 -7.81
C ASP A 88 1.13 21.73 -7.94
N LYS A 89 0.08 20.95 -7.74
CA LYS A 89 -1.27 21.46 -7.84
C LYS A 89 -1.53 21.94 -9.27
N ARG A 90 -2.59 21.39 -9.85
CA ARG A 90 -2.96 21.75 -11.21
C ARG A 90 -4.46 22.03 -11.30
N GLU A 91 -4.80 23.30 -11.13
CA GLU A 91 -6.20 23.71 -11.17
C GLU A 91 -6.31 25.24 -11.05
N SER A 92 -7.23 25.80 -11.82
CA SER A 92 -7.44 27.23 -11.81
C SER A 92 -8.69 27.58 -12.62
N GLU A 93 -9.71 28.04 -11.92
CA GLU A 93 -10.95 28.42 -12.56
C GLU A 93 -11.88 29.10 -11.55
N SER A 94 -11.80 30.42 -11.52
CA SER A 94 -12.63 31.20 -10.61
C SER A 94 -12.40 32.69 -10.84
N GLY A 95 -13.35 33.49 -10.37
CA GLY A 95 -13.26 34.93 -10.52
C GLY A 95 -14.27 35.63 -9.61
N PRO A 96 -14.02 35.49 -8.27
CA PRO A 96 -14.89 36.11 -7.28
C PRO A 96 -14.65 37.63 -7.21
N SER A 97 -15.68 38.34 -6.79
CA SER A 97 -15.59 39.78 -6.67
C SER A 97 -16.90 40.34 -6.08
N SER A 98 -16.84 40.64 -4.80
CA SER A 98 -18.00 41.18 -4.11
C SER A 98 -17.61 41.62 -2.69
N GLY A 99 -17.10 40.67 -1.93
CA GLY A 99 -16.69 40.94 -0.56
C GLY A 99 -17.88 41.34 0.30
N GLY A 1 -5.92 10.02 -10.00
CA GLY A 1 -5.44 11.32 -9.55
C GLY A 1 -6.60 12.19 -9.06
N SER A 2 -7.28 11.71 -8.04
CA SER A 2 -8.41 12.43 -7.48
C SER A 2 -8.18 12.67 -5.98
N SER A 3 -8.67 13.80 -5.51
CA SER A 3 -8.54 14.17 -4.11
C SER A 3 -9.74 13.67 -3.31
N GLY A 4 -9.45 13.11 -2.15
CA GLY A 4 -10.50 12.59 -1.29
C GLY A 4 -10.32 11.09 -1.04
N SER A 5 -9.37 10.78 -0.18
CA SER A 5 -9.08 9.39 0.15
C SER A 5 -8.57 9.29 1.59
N SER A 6 -7.48 10.01 1.84
CA SER A 6 -6.88 10.00 3.16
C SER A 6 -7.80 10.70 4.16
N GLY A 7 -8.57 9.88 4.87
CA GLY A 7 -9.50 10.41 5.87
C GLY A 7 -9.04 10.07 7.28
N VAL A 8 -9.91 10.37 8.24
CA VAL A 8 -9.60 10.10 9.63
C VAL A 8 -10.25 8.79 10.05
N SER A 9 -9.40 7.85 10.46
CA SER A 9 -9.88 6.54 10.89
C SER A 9 -8.69 5.66 11.28
N SER A 10 -8.34 5.74 12.55
CA SER A 10 -7.23 4.96 13.07
C SER A 10 -6.00 5.12 12.17
N GLN A 11 -5.17 6.08 12.53
CA GLN A 11 -3.96 6.35 11.76
C GLN A 11 -2.72 5.91 12.54
N GLU A 12 -1.60 5.89 11.84
CA GLU A 12 -0.34 5.48 12.46
C GLU A 12 0.82 5.70 11.48
N THR A 13 0.72 5.03 10.34
CA THR A 13 1.75 5.14 9.32
C THR A 13 1.13 5.50 7.97
N GLN A 14 1.92 6.16 7.14
CA GLN A 14 1.46 6.57 5.83
C GLN A 14 2.59 6.41 4.81
N GLY A 15 2.29 5.64 3.76
CA GLY A 15 3.26 5.40 2.71
C GLY A 15 3.43 3.90 2.46
N GLY A 16 2.43 3.32 1.81
CA GLY A 16 2.46 1.90 1.51
C GLY A 16 1.16 1.22 1.97
N PRO A 17 0.85 0.07 1.31
CA PRO A 17 -0.34 -0.69 1.64
C PRO A 17 -0.15 -1.46 2.95
N LEU A 18 -1.27 -1.88 3.52
CA LEU A 18 -1.24 -2.63 4.77
C LEU A 18 -1.94 -3.98 4.56
N ALA A 19 -1.22 -5.04 4.93
CA ALA A 19 -1.76 -6.38 4.79
C ALA A 19 -3.18 -6.41 5.34
N PRO A 20 -4.07 -7.10 4.58
CA PRO A 20 -5.47 -7.22 4.98
C PRO A 20 -5.62 -8.22 6.14
N MET A 21 -4.60 -9.05 6.30
CA MET A 21 -4.61 -10.04 7.35
C MET A 21 -3.33 -10.89 7.32
N THR A 22 -3.04 -11.53 8.44
CA THR A 22 -1.86 -12.37 8.55
C THR A 22 -1.90 -13.47 7.49
N GLY A 23 -1.05 -13.30 6.49
CA GLY A 23 -0.96 -14.27 5.41
C GLY A 23 0.46 -14.36 4.86
N THR A 24 0.60 -15.06 3.75
CA THR A 24 1.89 -15.23 3.11
C THR A 24 1.84 -14.74 1.66
N ILE A 25 2.88 -14.01 1.27
CA ILE A 25 2.97 -13.47 -0.06
C ILE A 25 3.25 -14.61 -1.05
N GLU A 26 2.21 -15.00 -1.77
CA GLU A 26 2.34 -16.07 -2.74
C GLU A 26 3.08 -15.59 -3.98
N LYS A 27 2.73 -14.38 -4.42
CA LYS A 27 3.35 -13.80 -5.58
C LYS A 27 3.72 -12.34 -5.27
N VAL A 28 4.58 -11.79 -6.12
CA VAL A 28 5.02 -10.42 -5.95
C VAL A 28 5.22 -9.77 -7.32
N PHE A 29 4.19 -9.06 -7.77
CA PHE A 29 4.24 -8.40 -9.05
C PHE A 29 4.59 -6.92 -8.90
N VAL A 30 5.65 -6.68 -8.16
CA VAL A 30 6.10 -5.31 -7.92
C VAL A 30 7.63 -5.30 -7.72
N LYS A 31 8.14 -4.13 -7.42
CA LYS A 31 9.57 -3.97 -7.20
C LYS A 31 9.87 -2.52 -6.84
N ALA A 32 11.15 -2.19 -6.85
CA ALA A 32 11.59 -0.84 -6.51
C ALA A 32 11.76 -0.03 -7.81
N GLY A 33 11.38 1.23 -7.72
CA GLY A 33 11.48 2.12 -8.87
C GLY A 33 10.52 1.69 -9.99
N ASP A 34 9.52 0.93 -9.58
CA ASP A 34 8.53 0.44 -10.54
C ASP A 34 7.32 1.38 -10.54
N LYS A 35 6.54 1.28 -11.59
CA LYS A 35 5.35 2.11 -11.73
C LYS A 35 4.11 1.22 -11.77
N VAL A 36 3.04 1.71 -11.15
CA VAL A 36 1.80 0.98 -11.10
C VAL A 36 0.62 1.96 -11.20
N LYS A 37 -0.52 1.42 -11.57
CA LYS A 37 -1.72 2.23 -11.71
C LYS A 37 -2.69 1.90 -10.57
N ALA A 38 -3.23 2.95 -9.98
CA ALA A 38 -4.17 2.78 -8.87
C ALA A 38 -5.10 1.61 -9.18
N GLY A 39 -4.96 0.55 -8.39
CA GLY A 39 -5.78 -0.63 -8.56
C GLY A 39 -5.04 -1.69 -9.37
N ASP A 40 -3.77 -1.89 -9.02
CA ASP A 40 -2.95 -2.87 -9.71
C ASP A 40 -2.62 -4.01 -8.74
N SER A 41 -2.57 -5.21 -9.30
CA SER A 41 -2.27 -6.39 -8.50
C SER A 41 -0.79 -6.38 -8.10
N LEU A 42 -0.52 -5.68 -7.00
CA LEU A 42 0.84 -5.58 -6.49
C LEU A 42 1.38 -6.99 -6.21
N MET A 43 0.86 -7.58 -5.15
CA MET A 43 1.29 -8.92 -4.76
C MET A 43 0.07 -9.79 -4.42
N VAL A 44 0.36 -11.04 -4.09
CA VAL A 44 -0.68 -11.99 -3.74
C VAL A 44 -0.38 -12.60 -2.37
N MET A 45 -1.40 -12.62 -1.53
CA MET A 45 -1.25 -13.17 -0.19
C MET A 45 -2.06 -14.46 -0.04
N ILE A 46 -1.75 -15.19 1.03
CA ILE A 46 -2.44 -16.45 1.29
C ILE A 46 -2.77 -16.53 2.78
N ALA A 47 -4.06 -16.46 3.08
CA ALA A 47 -4.52 -16.53 4.45
C ALA A 47 -5.39 -17.76 4.64
N MET A 48 -6.60 -17.68 4.10
CA MET A 48 -7.55 -18.77 4.20
C MET A 48 -7.51 -19.64 2.93
N LYS A 49 -6.35 -20.23 2.69
CA LYS A 49 -6.16 -21.08 1.53
C LYS A 49 -6.76 -20.39 0.30
N MET A 50 -6.80 -19.07 0.36
CA MET A 50 -7.34 -18.28 -0.74
C MET A 50 -6.33 -17.25 -1.22
N GLU A 51 -6.43 -16.91 -2.50
CA GLU A 51 -5.54 -15.94 -3.10
C GLU A 51 -6.09 -14.52 -2.89
N HIS A 52 -5.27 -13.71 -2.23
CA HIS A 52 -5.65 -12.33 -1.96
C HIS A 52 -4.84 -11.38 -2.85
N THR A 53 -5.54 -10.66 -3.71
CA THR A 53 -4.91 -9.73 -4.61
C THR A 53 -4.81 -8.35 -3.97
N ILE A 54 -3.64 -8.05 -3.42
CA ILE A 54 -3.41 -6.78 -2.77
C ILE A 54 -3.34 -5.68 -3.83
N LYS A 55 -4.49 -5.04 -4.05
CA LYS A 55 -4.57 -3.97 -5.03
C LYS A 55 -4.02 -2.68 -4.43
N SER A 56 -3.28 -1.95 -5.24
CA SER A 56 -2.69 -0.70 -4.79
C SER A 56 -3.79 0.26 -4.33
N PRO A 57 -3.49 0.99 -3.23
CA PRO A 57 -4.44 1.95 -2.68
C PRO A 57 -4.51 3.21 -3.53
N LYS A 58 -3.44 3.44 -4.28
CA LYS A 58 -3.37 4.60 -5.14
C LYS A 58 -2.22 4.43 -6.15
N ASP A 59 -2.05 5.44 -6.99
CA ASP A 59 -1.00 5.40 -7.99
C ASP A 59 0.29 5.94 -7.39
N GLY A 60 1.39 5.29 -7.73
CA GLY A 60 2.69 5.70 -7.23
C GLY A 60 3.78 4.73 -7.68
N THR A 61 5.03 5.16 -7.53
CA THR A 61 6.15 4.34 -7.91
C THR A 61 6.74 3.63 -6.68
N VAL A 62 6.51 2.33 -6.63
CA VAL A 62 6.99 1.53 -5.52
C VAL A 62 8.45 1.92 -5.22
N LYS A 63 8.65 2.38 -3.99
CA LYS A 63 9.97 2.79 -3.55
C LYS A 63 10.84 1.56 -3.33
N LYS A 64 10.36 0.67 -2.47
CA LYS A 64 11.08 -0.55 -2.17
C LYS A 64 10.08 -1.63 -1.74
N VAL A 65 10.58 -2.86 -1.66
CA VAL A 65 9.75 -3.98 -1.27
C VAL A 65 10.37 -4.66 -0.05
N PHE A 66 9.51 -4.95 0.92
CA PHE A 66 9.96 -5.60 2.15
C PHE A 66 9.32 -6.99 2.30
N TYR A 67 8.95 -7.55 1.17
CA TYR A 67 8.32 -8.87 1.16
C TYR A 67 8.46 -9.54 -0.20
N ARG A 68 8.69 -10.85 -0.16
CA ARG A 68 8.86 -11.61 -1.39
C ARG A 68 7.98 -12.87 -1.34
N GLU A 69 8.14 -13.70 -2.36
CA GLU A 69 7.36 -14.92 -2.45
C GLU A 69 7.62 -15.81 -1.23
N GLY A 70 6.54 -16.19 -0.57
CA GLY A 70 6.64 -17.03 0.61
C GLY A 70 7.15 -16.24 1.81
N ALA A 71 6.63 -15.02 1.94
CA ALA A 71 7.02 -14.16 3.03
C ALA A 71 5.89 -14.08 4.05
N GLN A 72 6.26 -14.12 5.32
CA GLN A 72 5.29 -14.05 6.39
C GLN A 72 4.99 -12.60 6.75
N ALA A 73 3.72 -12.23 6.63
CA ALA A 73 3.30 -10.87 6.94
C ALA A 73 2.28 -10.91 8.08
N ASN A 74 2.08 -9.75 8.69
CA ASN A 74 1.13 -9.65 9.79
C ASN A 74 0.02 -8.66 9.40
N ARG A 75 -1.03 -8.66 10.20
CA ARG A 75 -2.16 -7.78 9.96
C ARG A 75 -1.77 -6.33 10.24
N HIS A 76 -1.88 -5.51 9.20
CA HIS A 76 -1.55 -4.10 9.33
C HIS A 76 -0.03 -3.92 9.21
N THR A 77 0.52 -4.50 8.14
CA THR A 77 1.95 -4.41 7.90
C THR A 77 2.22 -3.86 6.50
N PRO A 78 3.32 -3.06 6.40
CA PRO A 78 3.70 -2.47 5.12
C PRO A 78 4.33 -3.51 4.20
N LEU A 79 3.57 -3.87 3.16
CA LEU A 79 4.04 -4.86 2.20
C LEU A 79 5.02 -4.19 1.24
N VAL A 80 4.63 -3.02 0.78
CA VAL A 80 5.46 -2.27 -0.16
C VAL A 80 5.46 -0.79 0.24
N GLU A 81 6.38 -0.04 -0.36
CA GLU A 81 6.49 1.37 -0.08
C GLU A 81 6.37 2.18 -1.37
N PHE A 82 5.94 3.43 -1.23
CA PHE A 82 5.79 4.31 -2.37
C PHE A 82 6.81 5.45 -2.34
N GLU A 83 7.15 5.94 -3.51
CA GLU A 83 8.12 7.02 -3.64
C GLU A 83 7.46 8.35 -3.26
N GLU A 84 8.30 9.37 -3.10
CA GLU A 84 7.82 10.68 -2.75
C GLU A 84 7.40 11.45 -4.00
N GLU A 85 6.28 11.03 -4.56
CA GLU A 85 5.76 11.66 -5.76
C GLU A 85 5.18 13.03 -5.42
N GLU A 86 4.71 13.71 -6.46
CA GLU A 86 4.12 15.04 -6.29
C GLU A 86 2.92 14.97 -5.35
N SER A 87 1.83 14.42 -5.88
CA SER A 87 0.61 14.29 -5.11
C SER A 87 -0.19 15.60 -5.15
N ASP A 88 -1.48 15.48 -4.89
CA ASP A 88 -2.35 16.65 -4.88
C ASP A 88 -2.33 17.29 -6.28
N LYS A 89 -3.19 16.77 -7.15
CA LYS A 89 -3.28 17.28 -8.50
C LYS A 89 -4.60 18.05 -8.66
N ARG A 90 -4.50 19.37 -8.56
CA ARG A 90 -5.66 20.22 -8.69
C ARG A 90 -6.29 20.06 -10.08
N GLU A 91 -7.40 19.35 -10.13
CA GLU A 91 -8.10 19.12 -11.37
C GLU A 91 -9.60 18.94 -11.13
N SER A 92 -9.91 17.97 -10.28
CA SER A 92 -11.30 17.68 -9.96
C SER A 92 -12.02 18.97 -9.56
N GLU A 93 -11.53 19.58 -8.49
CA GLU A 93 -12.11 20.82 -7.99
C GLU A 93 -13.56 20.58 -7.55
N SER A 94 -13.79 20.82 -6.27
CA SER A 94 -15.11 20.64 -5.70
C SER A 94 -15.94 21.92 -5.87
N GLY A 95 -17.24 21.73 -5.97
CA GLY A 95 -18.15 22.86 -6.14
C GLY A 95 -19.58 22.47 -5.77
N PRO A 96 -19.96 22.80 -4.51
CA PRO A 96 -21.29 22.49 -4.01
C PRO A 96 -22.33 23.45 -4.62
N SER A 97 -23.59 23.11 -4.40
CA SER A 97 -24.69 23.92 -4.92
C SER A 97 -25.75 24.12 -3.82
N SER A 98 -26.59 25.11 -4.05
CA SER A 98 -27.65 25.41 -3.10
C SER A 98 -27.04 25.81 -1.75
N GLY A 99 -27.81 26.59 -0.99
CA GLY A 99 -27.36 27.04 0.31
C GLY A 99 -26.86 25.87 1.15
N GLY A 1 3.52 15.40 6.14
CA GLY A 1 3.33 16.78 5.72
C GLY A 1 2.06 17.37 6.35
N SER A 2 0.95 17.12 5.69
CA SER A 2 -0.33 17.62 6.16
C SER A 2 -0.60 17.10 7.57
N SER A 3 -1.66 17.63 8.18
CA SER A 3 -2.04 17.22 9.53
C SER A 3 -3.20 16.23 9.47
N GLY A 4 -3.16 15.26 10.36
CA GLY A 4 -4.20 14.25 10.42
C GLY A 4 -3.62 12.89 10.84
N SER A 5 -3.11 12.17 9.87
CA SER A 5 -2.53 10.86 10.12
C SER A 5 -3.59 9.93 10.70
N SER A 6 -3.30 8.64 10.62
CA SER A 6 -4.22 7.63 11.13
C SER A 6 -3.48 6.31 11.34
N GLY A 7 -3.78 5.66 12.46
CA GLY A 7 -3.17 4.39 12.79
C GLY A 7 -2.29 4.52 14.03
N VAL A 8 -1.49 3.48 14.26
CA VAL A 8 -0.59 3.47 15.41
C VAL A 8 0.86 3.56 14.93
N SER A 9 1.17 4.70 14.31
CA SER A 9 2.51 4.92 13.80
C SER A 9 3.07 6.23 14.39
N SER A 10 4.23 6.10 15.01
CA SER A 10 4.89 7.25 15.61
C SER A 10 6.02 7.74 14.70
N GLN A 11 6.90 6.81 14.37
CA GLN A 11 8.04 7.13 13.51
C GLN A 11 7.55 7.74 12.19
N GLU A 12 6.83 6.93 11.43
CA GLU A 12 6.31 7.38 10.15
C GLU A 12 4.95 6.71 9.87
N THR A 13 4.01 7.54 9.42
CA THR A 13 2.68 7.04 9.11
C THR A 13 2.61 6.56 7.66
N GLN A 14 2.90 7.48 6.76
CA GLN A 14 2.86 7.17 5.33
C GLN A 14 3.96 6.15 5.00
N GLY A 15 3.53 4.91 4.78
CA GLY A 15 4.46 3.84 4.46
C GLY A 15 4.04 3.15 3.16
N GLY A 16 2.88 2.52 3.21
CA GLY A 16 2.36 1.80 2.06
C GLY A 16 1.09 1.03 2.41
N PRO A 17 0.69 0.12 1.49
CA PRO A 17 -0.50 -0.69 1.69
C PRO A 17 -0.25 -1.79 2.72
N LEU A 18 -0.87 -1.62 3.88
CA LEU A 18 -0.73 -2.58 4.96
C LEU A 18 -1.40 -3.90 4.55
N ALA A 19 -0.94 -4.98 5.17
CA ALA A 19 -1.48 -6.30 4.88
C ALA A 19 -2.98 -6.30 5.21
N PRO A 20 -3.76 -6.97 4.32
CA PRO A 20 -5.20 -7.06 4.51
C PRO A 20 -5.55 -8.06 5.61
N MET A 21 -4.66 -9.04 5.77
CA MET A 21 -4.87 -10.07 6.78
C MET A 21 -3.61 -10.93 6.95
N THR A 22 -3.47 -11.48 8.15
CA THR A 22 -2.32 -12.33 8.44
C THR A 22 -2.26 -13.50 7.47
N GLY A 23 -1.32 -13.41 6.54
CA GLY A 23 -1.13 -14.46 5.55
C GLY A 23 0.31 -14.51 5.07
N THR A 24 0.52 -15.28 4.01
CA THR A 24 1.85 -15.42 3.44
C THR A 24 1.88 -14.92 2.00
N ILE A 25 3.02 -14.36 1.62
CA ILE A 25 3.19 -13.83 0.28
C ILE A 25 3.32 -15.00 -0.70
N GLU A 26 2.43 -15.01 -1.69
CA GLU A 26 2.43 -16.06 -2.70
C GLU A 26 3.13 -15.56 -3.97
N LYS A 27 2.68 -14.41 -4.43
CA LYS A 27 3.24 -13.82 -5.63
C LYS A 27 3.50 -12.33 -5.39
N VAL A 28 4.52 -11.82 -6.06
CA VAL A 28 4.89 -10.42 -5.93
C VAL A 28 5.04 -9.80 -7.32
N PHE A 29 4.00 -9.10 -7.74
CA PHE A 29 4.01 -8.45 -9.04
C PHE A 29 4.36 -6.97 -8.92
N VAL A 30 5.45 -6.71 -8.21
CA VAL A 30 5.91 -5.34 -8.02
C VAL A 30 7.43 -5.32 -7.89
N LYS A 31 7.96 -4.14 -7.62
CA LYS A 31 9.41 -3.98 -7.48
C LYS A 31 9.70 -2.55 -7.07
N ALA A 32 10.98 -2.19 -7.17
CA ALA A 32 11.42 -0.85 -6.81
C ALA A 32 11.58 -0.01 -8.08
N GLY A 33 11.34 1.27 -7.93
CA GLY A 33 11.45 2.19 -9.06
C GLY A 33 10.47 1.82 -10.17
N ASP A 34 9.44 1.09 -9.78
CA ASP A 34 8.42 0.66 -10.73
C ASP A 34 7.25 1.64 -10.68
N LYS A 35 6.37 1.51 -11.67
CA LYS A 35 5.20 2.37 -11.75
C LYS A 35 3.94 1.51 -11.85
N VAL A 36 3.00 1.80 -10.97
CA VAL A 36 1.75 1.05 -10.94
C VAL A 36 0.58 2.04 -11.05
N LYS A 37 -0.55 1.50 -11.49
CA LYS A 37 -1.75 2.32 -11.64
C LYS A 37 -2.76 1.95 -10.56
N ALA A 38 -3.35 2.98 -9.96
CA ALA A 38 -4.33 2.77 -8.91
C ALA A 38 -5.22 1.58 -9.28
N GLY A 39 -5.10 0.52 -8.50
CA GLY A 39 -5.89 -0.68 -8.74
C GLY A 39 -5.10 -1.71 -9.55
N ASP A 40 -3.86 -1.90 -9.14
CA ASP A 40 -2.98 -2.85 -9.81
C ASP A 40 -2.64 -3.98 -8.86
N SER A 41 -2.59 -5.19 -9.41
CA SER A 41 -2.26 -6.37 -8.61
C SER A 41 -0.80 -6.30 -8.15
N LEU A 42 -0.61 -5.71 -6.98
CA LEU A 42 0.73 -5.58 -6.42
C LEU A 42 1.30 -6.97 -6.15
N MET A 43 0.75 -7.62 -5.14
CA MET A 43 1.20 -8.95 -4.76
C MET A 43 0.01 -9.84 -4.38
N VAL A 44 0.33 -11.10 -4.09
CA VAL A 44 -0.70 -12.05 -3.71
C VAL A 44 -0.32 -12.69 -2.38
N MET A 45 -1.29 -12.74 -1.48
CA MET A 45 -1.07 -13.33 -0.17
C MET A 45 -1.92 -14.58 0.02
N ILE A 46 -1.62 -15.31 1.09
CA ILE A 46 -2.34 -16.53 1.40
C ILE A 46 -2.69 -16.55 2.87
N ALA A 47 -3.99 -16.65 3.14
CA ALA A 47 -4.47 -16.68 4.52
C ALA A 47 -5.33 -17.93 4.72
N MET A 48 -6.53 -17.87 4.15
CA MET A 48 -7.47 -18.98 4.26
C MET A 48 -7.51 -19.80 2.97
N LYS A 49 -6.36 -20.39 2.64
CA LYS A 49 -6.25 -21.19 1.43
C LYS A 49 -6.88 -20.42 0.26
N MET A 50 -6.83 -19.11 0.36
CA MET A 50 -7.37 -18.25 -0.68
C MET A 50 -6.34 -17.23 -1.15
N GLU A 51 -6.43 -16.90 -2.43
CA GLU A 51 -5.51 -15.94 -3.01
C GLU A 51 -6.08 -14.52 -2.90
N HIS A 52 -5.39 -13.70 -2.13
CA HIS A 52 -5.82 -12.33 -1.92
C HIS A 52 -5.01 -11.40 -2.84
N THR A 53 -5.73 -10.70 -3.70
CA THR A 53 -5.10 -9.77 -4.63
C THR A 53 -4.99 -8.38 -4.00
N ILE A 54 -3.80 -8.08 -3.51
CA ILE A 54 -3.55 -6.79 -2.90
C ILE A 54 -3.53 -5.71 -3.98
N LYS A 55 -4.65 -5.00 -4.10
CA LYS A 55 -4.77 -3.95 -5.08
C LYS A 55 -4.14 -2.67 -4.53
N SER A 56 -3.40 -1.99 -5.40
CA SER A 56 -2.75 -0.75 -5.01
C SER A 56 -3.78 0.25 -4.49
N PRO A 57 -3.36 1.03 -3.46
CA PRO A 57 -4.24 2.03 -2.86
C PRO A 57 -4.36 3.25 -3.77
N LYS A 58 -3.28 3.53 -4.49
CA LYS A 58 -3.26 4.67 -5.40
C LYS A 58 -2.12 4.48 -6.42
N ASP A 59 -1.92 5.51 -7.22
CA ASP A 59 -0.88 5.48 -8.24
C ASP A 59 0.39 6.13 -7.68
N GLY A 60 1.52 5.49 -7.97
CA GLY A 60 2.80 6.00 -7.50
C GLY A 60 3.93 5.06 -7.92
N THR A 61 5.14 5.42 -7.47
CA THR A 61 6.31 4.62 -7.79
C THR A 61 6.79 3.88 -6.54
N VAL A 62 6.87 2.56 -6.67
CA VAL A 62 7.32 1.72 -5.56
C VAL A 62 8.80 1.97 -5.31
N LYS A 63 9.09 2.63 -4.20
CA LYS A 63 10.46 2.93 -3.83
C LYS A 63 11.20 1.63 -3.50
N LYS A 64 10.53 0.80 -2.71
CA LYS A 64 11.10 -0.47 -2.30
C LYS A 64 9.99 -1.40 -1.81
N VAL A 65 10.39 -2.61 -1.45
CA VAL A 65 9.44 -3.59 -0.95
C VAL A 65 9.77 -3.93 0.50
N PHE A 66 8.88 -4.69 1.12
CA PHE A 66 9.06 -5.10 2.50
C PHE A 66 9.08 -6.62 2.63
N TYR A 67 8.21 -7.26 1.86
CA TYR A 67 8.12 -8.70 1.88
C TYR A 67 8.25 -9.28 0.47
N ARG A 68 8.72 -10.53 0.41
CA ARG A 68 8.90 -11.21 -0.86
C ARG A 68 8.10 -12.52 -0.88
N GLU A 69 8.27 -13.25 -1.97
CA GLU A 69 7.57 -14.52 -2.12
C GLU A 69 7.85 -15.43 -0.92
N GLY A 70 6.85 -16.22 -0.58
CA GLY A 70 6.97 -17.13 0.55
C GLY A 70 7.39 -16.39 1.81
N ALA A 71 6.74 -15.25 2.04
CA ALA A 71 7.03 -14.44 3.21
C ALA A 71 5.75 -14.27 4.04
N GLN A 72 5.95 -14.01 5.33
CA GLN A 72 4.84 -13.82 6.22
C GLN A 72 4.75 -12.36 6.66
N ALA A 73 3.53 -11.83 6.67
CA ALA A 73 3.31 -10.45 7.07
C ALA A 73 2.00 -10.36 7.86
N ASN A 74 2.09 -9.76 9.03
CA ASN A 74 0.93 -9.61 9.88
C ASN A 74 -0.03 -8.61 9.25
N ARG A 75 -1.29 -8.69 9.67
CA ARG A 75 -2.32 -7.80 9.14
C ARG A 75 -2.09 -6.37 9.65
N HIS A 76 -0.93 -5.83 9.30
CA HIS A 76 -0.58 -4.48 9.71
C HIS A 76 0.73 -4.06 9.05
N THR A 77 1.65 -5.02 8.97
CA THR A 77 2.93 -4.77 8.36
C THR A 77 2.77 -4.32 6.90
N PRO A 78 3.75 -3.50 6.44
CA PRO A 78 3.72 -2.99 5.08
C PRO A 78 4.11 -4.08 4.08
N LEU A 79 3.59 -3.95 2.87
CA LEU A 79 3.88 -4.91 1.82
C LEU A 79 4.86 -4.28 0.82
N VAL A 80 4.48 -3.12 0.32
CA VAL A 80 5.31 -2.41 -0.65
C VAL A 80 5.48 -0.96 -0.20
N GLU A 81 6.69 -0.46 -0.39
CA GLU A 81 6.99 0.91 -0.01
C GLU A 81 6.86 1.84 -1.22
N PHE A 82 6.03 2.87 -1.05
CA PHE A 82 5.82 3.83 -2.12
C PHE A 82 6.80 5.00 -2.01
N GLU A 83 7.04 5.63 -3.15
CA GLU A 83 7.95 6.76 -3.20
C GLU A 83 7.33 7.98 -2.49
N GLU A 84 8.19 8.92 -2.14
CA GLU A 84 7.74 10.13 -1.46
C GLU A 84 6.75 10.89 -2.35
N GLU A 85 5.75 11.47 -1.70
CA GLU A 85 4.73 12.24 -2.41
C GLU A 85 5.30 13.60 -2.83
N GLU A 86 4.73 14.13 -3.90
CA GLU A 86 5.16 15.41 -4.42
C GLU A 86 4.12 16.49 -4.10
N SER A 87 4.59 17.54 -3.43
CA SER A 87 3.71 18.64 -3.07
C SER A 87 3.06 19.23 -4.31
N ASP A 88 1.76 19.00 -4.44
CA ASP A 88 1.01 19.49 -5.57
C ASP A 88 -0.49 19.44 -5.26
N LYS A 89 -1.00 20.55 -4.77
CA LYS A 89 -2.41 20.64 -4.42
C LYS A 89 -2.71 19.67 -3.28
N ARG A 90 -3.77 19.98 -2.54
CA ARG A 90 -4.17 19.15 -1.43
C ARG A 90 -5.52 19.62 -0.87
N GLU A 91 -6.09 18.80 -0.01
CA GLU A 91 -7.37 19.12 0.60
C GLU A 91 -7.44 18.57 2.03
N SER A 92 -8.14 19.30 2.89
CA SER A 92 -8.28 18.88 4.27
C SER A 92 -9.55 19.51 4.87
N GLU A 93 -10.11 18.82 5.84
CA GLU A 93 -11.31 19.29 6.51
C GLU A 93 -11.03 19.58 7.98
N SER A 94 -11.49 20.74 8.43
CA SER A 94 -11.29 21.15 9.81
C SER A 94 -12.60 21.02 10.58
N GLY A 95 -12.48 21.06 11.90
CA GLY A 95 -13.64 20.94 12.76
C GLY A 95 -13.35 21.53 14.15
N PRO A 96 -13.73 22.83 14.31
CA PRO A 96 -13.53 23.52 15.57
C PRO A 96 -14.53 23.06 16.62
N SER A 97 -14.17 23.27 17.88
CA SER A 97 -15.02 22.88 18.98
C SER A 97 -14.66 23.67 20.24
N SER A 98 -15.46 23.49 21.27
CA SER A 98 -15.23 24.18 22.54
C SER A 98 -14.58 23.23 23.54
N GLY A 99 -14.06 23.81 24.61
CA GLY A 99 -13.42 23.02 25.65
C GLY A 99 -14.39 22.73 26.79
N GLY A 1 7.02 -27.33 8.08
CA GLY A 1 6.46 -26.72 9.28
C GLY A 1 6.99 -25.30 9.48
N SER A 2 6.65 -24.74 10.63
CA SER A 2 7.07 -23.39 10.95
C SER A 2 6.92 -23.13 12.45
N SER A 3 7.91 -22.46 13.01
CA SER A 3 7.90 -22.15 14.43
C SER A 3 8.27 -20.67 14.65
N GLY A 4 7.88 -20.16 15.81
CA GLY A 4 8.16 -18.78 16.15
C GLY A 4 6.88 -17.95 16.18
N SER A 5 6.81 -17.07 17.16
CA SER A 5 5.64 -16.20 17.32
C SER A 5 5.89 -15.18 18.41
N SER A 6 6.19 -13.96 17.99
CA SER A 6 6.46 -12.88 18.93
C SER A 6 5.42 -11.77 18.75
N GLY A 7 5.20 -11.03 19.83
CA GLY A 7 4.24 -9.95 19.82
C GLY A 7 4.92 -8.62 19.51
N VAL A 8 5.27 -8.45 18.24
CA VAL A 8 5.94 -7.24 17.80
C VAL A 8 5.28 -6.74 16.51
N SER A 9 4.44 -5.72 16.67
CA SER A 9 3.74 -5.15 15.52
C SER A 9 4.50 -3.92 15.01
N SER A 10 4.69 -2.96 15.90
CA SER A 10 5.40 -1.75 15.55
C SER A 10 4.65 -1.00 14.43
N GLN A 11 4.94 0.28 14.32
CA GLN A 11 4.30 1.10 13.31
C GLN A 11 5.29 2.15 12.78
N GLU A 12 5.20 2.41 11.49
CA GLU A 12 6.06 3.38 10.84
C GLU A 12 5.27 4.28 9.91
N THR A 13 4.62 5.28 10.51
CA THR A 13 3.83 6.22 9.74
C THR A 13 2.95 5.47 8.74
N GLN A 14 2.35 6.24 7.83
CA GLN A 14 1.50 5.67 6.82
C GLN A 14 1.93 6.13 5.42
N GLY A 15 1.52 5.36 4.42
CA GLY A 15 1.86 5.68 3.05
C GLY A 15 1.66 4.47 2.13
N GLY A 16 2.20 3.34 2.57
CA GLY A 16 2.09 2.11 1.81
C GLY A 16 0.80 1.36 2.17
N PRO A 17 0.52 0.29 1.38
CA PRO A 17 -0.67 -0.52 1.62
C PRO A 17 -0.48 -1.42 2.83
N LEU A 18 -1.47 -1.39 3.71
CA LEU A 18 -1.43 -2.21 4.91
C LEU A 18 -2.06 -3.57 4.62
N ALA A 19 -1.25 -4.60 4.76
CA ALA A 19 -1.71 -5.95 4.53
C ALA A 19 -3.10 -6.14 5.14
N PRO A 20 -3.91 -7.00 4.48
CA PRO A 20 -5.26 -7.28 4.96
C PRO A 20 -5.24 -8.17 6.20
N MET A 21 -4.23 -9.03 6.25
CA MET A 21 -4.07 -9.94 7.37
C MET A 21 -2.83 -10.81 7.21
N THR A 22 -2.34 -11.30 8.34
CA THR A 22 -1.15 -12.14 8.33
C THR A 22 -1.37 -13.37 7.45
N GLY A 23 -0.73 -13.35 6.29
CA GLY A 23 -0.83 -14.45 5.35
C GLY A 23 0.53 -14.82 4.77
N THR A 24 0.49 -15.44 3.60
CA THR A 24 1.72 -15.85 2.93
C THR A 24 1.77 -15.26 1.53
N ILE A 25 2.92 -14.67 1.21
CA ILE A 25 3.12 -14.07 -0.09
C ILE A 25 3.25 -15.17 -1.15
N GLU A 26 2.26 -15.21 -2.03
CA GLU A 26 2.25 -16.19 -3.09
C GLU A 26 2.98 -15.67 -4.33
N LYS A 27 2.57 -14.48 -4.77
CA LYS A 27 3.18 -13.86 -5.92
C LYS A 27 3.52 -12.41 -5.60
N VAL A 28 4.47 -11.87 -6.35
CA VAL A 28 4.90 -10.50 -6.15
C VAL A 28 5.08 -9.82 -7.51
N PHE A 29 4.07 -9.09 -7.92
CA PHE A 29 4.11 -8.39 -9.19
C PHE A 29 4.48 -6.92 -9.00
N VAL A 30 5.57 -6.69 -8.27
CA VAL A 30 6.03 -5.35 -8.00
C VAL A 30 7.55 -5.36 -7.84
N LYS A 31 8.09 -4.19 -7.50
CA LYS A 31 9.52 -4.06 -7.31
C LYS A 31 9.84 -2.62 -6.87
N ALA A 32 11.12 -2.29 -6.96
CA ALA A 32 11.57 -0.96 -6.57
C ALA A 32 11.73 -0.11 -7.83
N GLY A 33 11.39 1.16 -7.69
CA GLY A 33 11.50 2.09 -8.81
C GLY A 33 10.56 1.69 -9.95
N ASP A 34 9.49 1.00 -9.58
CA ASP A 34 8.52 0.55 -10.56
C ASP A 34 7.30 1.49 -10.53
N LYS A 35 6.58 1.50 -11.65
CA LYS A 35 5.41 2.34 -11.77
C LYS A 35 4.17 1.46 -11.91
N VAL A 36 3.16 1.79 -11.12
CA VAL A 36 1.91 1.04 -11.15
C VAL A 36 0.73 2.01 -11.24
N LYS A 37 -0.41 1.48 -11.64
CA LYS A 37 -1.62 2.29 -11.77
C LYS A 37 -2.58 1.95 -10.64
N ALA A 38 -3.12 2.99 -10.03
CA ALA A 38 -4.06 2.82 -8.93
C ALA A 38 -5.00 1.65 -9.26
N GLY A 39 -4.87 0.59 -8.46
CA GLY A 39 -5.70 -0.58 -8.64
C GLY A 39 -4.95 -1.66 -9.44
N ASP A 40 -3.69 -1.82 -9.10
CA ASP A 40 -2.86 -2.82 -9.78
C ASP A 40 -2.57 -3.97 -8.82
N SER A 41 -2.51 -5.16 -9.38
CA SER A 41 -2.23 -6.36 -8.58
C SER A 41 -0.78 -6.35 -8.12
N LEU A 42 -0.53 -5.64 -7.03
CA LEU A 42 0.80 -5.55 -6.48
C LEU A 42 1.35 -6.96 -6.23
N MET A 43 0.79 -7.62 -5.24
CA MET A 43 1.20 -8.97 -4.90
C MET A 43 0.00 -9.85 -4.55
N VAL A 44 0.28 -11.12 -4.30
CA VAL A 44 -0.76 -12.06 -3.95
C VAL A 44 -0.41 -12.75 -2.64
N MET A 45 -1.38 -12.81 -1.75
CA MET A 45 -1.18 -13.44 -0.46
C MET A 45 -2.10 -14.65 -0.29
N ILE A 46 -1.79 -15.45 0.72
CA ILE A 46 -2.57 -16.65 1.00
C ILE A 46 -2.76 -16.79 2.51
N ALA A 47 -3.98 -16.51 2.95
CA ALA A 47 -4.30 -16.60 4.37
C ALA A 47 -4.85 -17.99 4.68
N MET A 48 -6.17 -18.07 4.74
CA MET A 48 -6.83 -19.33 5.02
C MET A 48 -7.22 -20.05 3.72
N LYS A 49 -6.28 -20.82 3.21
CA LYS A 49 -6.50 -21.57 1.98
C LYS A 49 -7.26 -20.67 0.99
N MET A 50 -7.03 -19.38 1.11
CA MET A 50 -7.67 -18.42 0.23
C MET A 50 -6.64 -17.47 -0.39
N GLU A 51 -6.97 -17.00 -1.58
CA GLU A 51 -6.09 -16.09 -2.30
C GLU A 51 -6.64 -14.67 -2.25
N HIS A 52 -5.74 -13.71 -2.06
CA HIS A 52 -6.12 -12.32 -1.99
C HIS A 52 -5.19 -11.49 -2.89
N THR A 53 -5.80 -10.61 -3.66
CA THR A 53 -5.05 -9.76 -4.56
C THR A 53 -4.88 -8.36 -3.96
N ILE A 54 -3.69 -8.13 -3.41
CA ILE A 54 -3.39 -6.85 -2.79
C ILE A 54 -3.25 -5.78 -3.89
N LYS A 55 -4.36 -5.09 -4.13
CA LYS A 55 -4.37 -4.04 -5.13
C LYS A 55 -3.77 -2.77 -4.55
N SER A 56 -3.18 -1.97 -5.43
CA SER A 56 -2.56 -0.72 -5.01
C SER A 56 -3.63 0.25 -4.50
N PRO A 57 -3.27 0.98 -3.42
CA PRO A 57 -4.18 1.94 -2.83
C PRO A 57 -4.28 3.21 -3.68
N LYS A 58 -3.17 3.51 -4.35
CA LYS A 58 -3.12 4.69 -5.21
C LYS A 58 -1.95 4.55 -6.18
N ASP A 59 -1.89 5.49 -7.12
CA ASP A 59 -0.83 5.48 -8.11
C ASP A 59 0.45 6.04 -7.49
N GLY A 60 1.49 5.21 -7.50
CA GLY A 60 2.77 5.60 -6.94
C GLY A 60 3.89 4.70 -7.45
N THR A 61 5.12 5.12 -7.18
CA THR A 61 6.28 4.35 -7.60
C THR A 61 6.89 3.60 -6.42
N VAL A 62 6.65 2.30 -6.39
CA VAL A 62 7.16 1.47 -5.32
C VAL A 62 8.62 1.82 -5.05
N LYS A 63 8.88 2.32 -3.86
CA LYS A 63 10.22 2.71 -3.47
C LYS A 63 11.06 1.44 -3.21
N LYS A 64 10.55 0.62 -2.30
CA LYS A 64 11.22 -0.61 -1.95
C LYS A 64 10.21 -1.58 -1.34
N VAL A 65 10.45 -2.87 -1.59
CA VAL A 65 9.58 -3.91 -1.07
C VAL A 65 10.16 -4.46 0.23
N PHE A 66 9.26 -4.82 1.13
CA PHE A 66 9.67 -5.36 2.42
C PHE A 66 9.42 -6.87 2.49
N TYR A 67 8.46 -7.31 1.69
CA TYR A 67 8.11 -8.73 1.65
C TYR A 67 8.33 -9.30 0.25
N ARG A 68 8.61 -10.59 0.21
CA ARG A 68 8.85 -11.27 -1.06
C ARG A 68 8.04 -12.56 -1.11
N GLU A 69 8.22 -13.29 -2.21
CA GLU A 69 7.51 -14.54 -2.41
C GLU A 69 7.74 -15.47 -1.21
N GLY A 70 6.69 -16.23 -0.88
CA GLY A 70 6.76 -17.15 0.23
C GLY A 70 7.27 -16.46 1.49
N ALA A 71 6.60 -15.36 1.84
CA ALA A 71 6.97 -14.60 3.02
C ALA A 71 5.77 -14.52 3.97
N GLN A 72 6.07 -14.25 5.22
CA GLN A 72 5.04 -14.16 6.24
C GLN A 72 4.61 -12.69 6.43
N ALA A 73 3.40 -12.41 6.02
CA ALA A 73 2.86 -11.06 6.13
C ALA A 73 2.24 -10.88 7.52
N ASN A 74 2.02 -9.62 7.88
CA ASN A 74 1.44 -9.31 9.16
C ASN A 74 0.05 -8.68 8.97
N ARG A 75 -0.67 -8.56 10.06
CA ARG A 75 -2.01 -7.99 10.01
C ARG A 75 -1.93 -6.46 10.00
N HIS A 76 -2.07 -5.91 8.80
CA HIS A 76 -2.02 -4.47 8.64
C HIS A 76 -0.57 -3.98 8.79
N THR A 77 0.21 -4.23 7.75
CA THR A 77 1.60 -3.83 7.75
C THR A 77 2.00 -3.28 6.38
N PRO A 78 3.04 -2.40 6.39
CA PRO A 78 3.52 -1.80 5.15
C PRO A 78 4.35 -2.80 4.35
N LEU A 79 3.67 -3.45 3.40
CA LEU A 79 4.33 -4.43 2.56
C LEU A 79 5.25 -3.72 1.58
N VAL A 80 4.66 -2.84 0.78
CA VAL A 80 5.42 -2.09 -0.20
C VAL A 80 5.41 -0.61 0.19
N GLU A 81 6.49 0.07 -0.17
CA GLU A 81 6.62 1.49 0.13
C GLU A 81 6.55 2.31 -1.16
N PHE A 82 5.90 3.46 -1.05
CA PHE A 82 5.75 4.34 -2.20
C PHE A 82 6.73 5.52 -2.12
N GLU A 83 7.06 6.04 -3.28
CA GLU A 83 7.99 7.16 -3.35
C GLU A 83 7.34 8.43 -2.81
N GLU A 84 8.16 9.44 -2.59
CA GLU A 84 7.67 10.71 -2.08
C GLU A 84 7.25 11.62 -3.23
N GLU A 85 5.94 11.69 -3.44
CA GLU A 85 5.39 12.53 -4.50
C GLU A 85 5.30 13.98 -4.05
N GLU A 86 5.51 14.88 -4.99
CA GLU A 86 5.46 16.30 -4.70
C GLU A 86 4.65 17.03 -5.78
N SER A 87 4.97 16.75 -7.03
CA SER A 87 4.29 17.37 -8.14
C SER A 87 3.31 16.36 -8.77
N ASP A 88 2.04 16.51 -8.41
CA ASP A 88 1.02 15.63 -8.92
C ASP A 88 0.34 16.30 -10.12
N LYS A 89 0.84 15.96 -11.31
CA LYS A 89 0.30 16.52 -12.53
C LYS A 89 -0.94 15.72 -12.95
N ARG A 90 -2.03 16.43 -13.15
CA ARG A 90 -3.27 15.79 -13.56
C ARG A 90 -3.99 16.66 -14.59
N GLU A 91 -4.81 15.99 -15.41
CA GLU A 91 -5.56 16.69 -16.44
C GLU A 91 -7.06 16.50 -16.21
N SER A 92 -7.77 17.62 -16.28
CA SER A 92 -9.22 17.59 -16.08
C SER A 92 -9.87 16.69 -17.13
N GLU A 93 -9.67 17.06 -18.39
CA GLU A 93 -10.23 16.30 -19.50
C GLU A 93 -11.76 16.30 -19.41
N SER A 94 -12.35 17.42 -19.82
CA SER A 94 -13.79 17.56 -19.79
C SER A 94 -14.35 17.50 -21.22
N GLY A 95 -15.58 17.02 -21.32
CA GLY A 95 -16.23 16.92 -22.61
C GLY A 95 -17.68 17.39 -22.53
N PRO A 96 -18.23 17.77 -23.72
CA PRO A 96 -19.60 18.23 -23.80
C PRO A 96 -20.59 17.07 -23.66
N SER A 97 -21.82 17.42 -23.34
CA SER A 97 -22.87 16.43 -23.18
C SER A 97 -24.08 16.79 -24.04
N SER A 98 -24.65 17.96 -23.75
CA SER A 98 -25.81 18.44 -24.48
C SER A 98 -25.50 18.47 -25.98
N GLY A 99 -26.52 18.17 -26.76
CA GLY A 99 -26.38 18.16 -28.21
C GLY A 99 -27.48 17.32 -28.86
#